data_3W6R
# 
_entry.id   3W6R 
# 
_audit_conform.dict_name       mmcif_pdbx.dic 
_audit_conform.dict_version    5.381 
_audit_conform.dict_location   http://mmcif.pdb.org/dictionaries/ascii/mmcif_pdbx.dic 
# 
loop_
_database_2.database_id 
_database_2.database_code 
_database_2.pdbx_database_accession 
_database_2.pdbx_DOI 
PDB   3W6R         pdb_00003w6r 10.2210/pdb3w6r/pdb 
RCSB  RCSB095956   ?            ?                   
WWPDB D_1000095956 ?            ?                   
# 
_pdbx_database_status.status_code                     REL 
_pdbx_database_status.entry_id                        3W6R 
_pdbx_database_status.recvd_initial_deposition_date   2013-02-21 
_pdbx_database_status.deposit_site                    PDBJ 
_pdbx_database_status.process_site                    PDBJ 
_pdbx_database_status.methods_development_category    ? 
_pdbx_database_status.status_code_sf                  REL 
_pdbx_database_status.status_code_mr                  ? 
_pdbx_database_status.SG_entry                        ? 
_pdbx_database_status.status_code_cs                  ? 
_pdbx_database_status.pdb_format_compatible           Y 
_pdbx_database_status.status_code_nmr_data            ? 
# 
loop_
_audit_author.name 
_audit_author.pdbx_ordinal 
'Matsuura, A.' 1 
'Lee, H.H.'    2 
# 
_citation.id                        primary 
_citation.title                     'Crystal structure of GTPase-activating domain from human MgcRacGAP.' 
_citation.journal_abbrev            Biochem.Biophys.Res.Commun. 
_citation.journal_volume            435 
_citation.page_first                367 
_citation.page_last                 372 
_citation.year                      2013 
_citation.journal_id_ASTM           BBRCA9 
_citation.country                   US 
_citation.journal_id_ISSN           0006-291X 
_citation.journal_id_CSD            0146 
_citation.book_publisher            ? 
_citation.pdbx_database_id_PubMed   23665020 
_citation.pdbx_database_id_DOI      10.1016/j.bbrc.2013.04.094 
# 
loop_
_citation_author.citation_id 
_citation_author.name 
_citation_author.ordinal 
_citation_author.identifier_ORCID 
primary 'Matsuura, A.' 1 ? 
primary 'Lee, H.H.'    2 ? 
# 
_cell.entry_id           3W6R 
_cell.length_a           41.466 
_cell.length_b           63.159 
_cell.length_c           74.078 
_cell.angle_alpha        90.00 
_cell.angle_beta         90.00 
_cell.angle_gamma        90.00 
_cell.Z_PDB              4 
_cell.pdbx_unique_axis   ? 
_cell.length_a_esd       ? 
_cell.length_b_esd       ? 
_cell.length_c_esd       ? 
_cell.angle_alpha_esd    ? 
_cell.angle_beta_esd     ? 
_cell.angle_gamma_esd    ? 
# 
_symmetry.entry_id                         3W6R 
_symmetry.space_group_name_H-M             'P 21 21 21' 
_symmetry.pdbx_full_space_group_name_H-M   ? 
_symmetry.cell_setting                     ? 
_symmetry.Int_Tables_number                19 
_symmetry.space_group_name_Hall            ? 
# 
loop_
_entity.id 
_entity.type 
_entity.src_method 
_entity.pdbx_description 
_entity.formula_weight 
_entity.pdbx_number_of_molecules 
_entity.pdbx_ec 
_entity.pdbx_mutation 
_entity.pdbx_fragment 
_entity.details 
1 polymer man 'Rac GTPase-activating protein 1' 22788.615 1   ? ? 'Rho-GAP domain, UNP RESIDUES 348-546' ? 
2 water   nat water                             18.015    133 ? ? ?                                      ? 
# 
_entity_name_com.entity_id   1 
_entity_name_com.name        'Male germ cell RacGap, MgcRacGAP, Protein CYK4 homolg, CYK4, HsCYK-4' 
# 
_entity_poly.entity_id                      1 
_entity_poly.type                           'polypeptide(L)' 
_entity_poly.nstd_linkage                   no 
_entity_poly.nstd_monomer                   no 
_entity_poly.pdbx_seq_one_letter_code       
;GAMEGMLADFVSQTSPMIPSIVVHCVNEIEQRGLTETGLYRISGCDRTVKELKEKFLRVKTVPLLSKVDDIHAICSLLKD
FLRNLKEPLLTFRLNRAFMEAAEITDEDNSIAAMYQAVGELPQANRDTLAFLMIHLQRVAQSPHTKMDVANLAKVFGPTI
VAHAVPNPDPVTMLQDIKRQPKVVERLLSLPLEYWSQFMMVE
;
_entity_poly.pdbx_seq_one_letter_code_can   
;GAMEGMLADFVSQTSPMIPSIVVHCVNEIEQRGLTETGLYRISGCDRTVKELKEKFLRVKTVPLLSKVDDIHAICSLLKD
FLRNLKEPLLTFRLNRAFMEAAEITDEDNSIAAMYQAVGELPQANRDTLAFLMIHLQRVAQSPHTKMDVANLAKVFGPTI
VAHAVPNPDPVTMLQDIKRQPKVVERLLSLPLEYWSQFMMVE
;
_entity_poly.pdbx_strand_id                 A 
_entity_poly.pdbx_target_identifier         ? 
# 
loop_
_entity_poly_seq.entity_id 
_entity_poly_seq.num 
_entity_poly_seq.mon_id 
_entity_poly_seq.hetero 
1 1   GLY n 
1 2   ALA n 
1 3   MET n 
1 4   GLU n 
1 5   GLY n 
1 6   MET n 
1 7   LEU n 
1 8   ALA n 
1 9   ASP n 
1 10  PHE n 
1 11  VAL n 
1 12  SER n 
1 13  GLN n 
1 14  THR n 
1 15  SER n 
1 16  PRO n 
1 17  MET n 
1 18  ILE n 
1 19  PRO n 
1 20  SER n 
1 21  ILE n 
1 22  VAL n 
1 23  VAL n 
1 24  HIS n 
1 25  CYS n 
1 26  VAL n 
1 27  ASN n 
1 28  GLU n 
1 29  ILE n 
1 30  GLU n 
1 31  GLN n 
1 32  ARG n 
1 33  GLY n 
1 34  LEU n 
1 35  THR n 
1 36  GLU n 
1 37  THR n 
1 38  GLY n 
1 39  LEU n 
1 40  TYR n 
1 41  ARG n 
1 42  ILE n 
1 43  SER n 
1 44  GLY n 
1 45  CYS n 
1 46  ASP n 
1 47  ARG n 
1 48  THR n 
1 49  VAL n 
1 50  LYS n 
1 51  GLU n 
1 52  LEU n 
1 53  LYS n 
1 54  GLU n 
1 55  LYS n 
1 56  PHE n 
1 57  LEU n 
1 58  ARG n 
1 59  VAL n 
1 60  LYS n 
1 61  THR n 
1 62  VAL n 
1 63  PRO n 
1 64  LEU n 
1 65  LEU n 
1 66  SER n 
1 67  LYS n 
1 68  VAL n 
1 69  ASP n 
1 70  ASP n 
1 71  ILE n 
1 72  HIS n 
1 73  ALA n 
1 74  ILE n 
1 75  CYS n 
1 76  SER n 
1 77  LEU n 
1 78  LEU n 
1 79  LYS n 
1 80  ASP n 
1 81  PHE n 
1 82  LEU n 
1 83  ARG n 
1 84  ASN n 
1 85  LEU n 
1 86  LYS n 
1 87  GLU n 
1 88  PRO n 
1 89  LEU n 
1 90  LEU n 
1 91  THR n 
1 92  PHE n 
1 93  ARG n 
1 94  LEU n 
1 95  ASN n 
1 96  ARG n 
1 97  ALA n 
1 98  PHE n 
1 99  MET n 
1 100 GLU n 
1 101 ALA n 
1 102 ALA n 
1 103 GLU n 
1 104 ILE n 
1 105 THR n 
1 106 ASP n 
1 107 GLU n 
1 108 ASP n 
1 109 ASN n 
1 110 SER n 
1 111 ILE n 
1 112 ALA n 
1 113 ALA n 
1 114 MET n 
1 115 TYR n 
1 116 GLN n 
1 117 ALA n 
1 118 VAL n 
1 119 GLY n 
1 120 GLU n 
1 121 LEU n 
1 122 PRO n 
1 123 GLN n 
1 124 ALA n 
1 125 ASN n 
1 126 ARG n 
1 127 ASP n 
1 128 THR n 
1 129 LEU n 
1 130 ALA n 
1 131 PHE n 
1 132 LEU n 
1 133 MET n 
1 134 ILE n 
1 135 HIS n 
1 136 LEU n 
1 137 GLN n 
1 138 ARG n 
1 139 VAL n 
1 140 ALA n 
1 141 GLN n 
1 142 SER n 
1 143 PRO n 
1 144 HIS n 
1 145 THR n 
1 146 LYS n 
1 147 MET n 
1 148 ASP n 
1 149 VAL n 
1 150 ALA n 
1 151 ASN n 
1 152 LEU n 
1 153 ALA n 
1 154 LYS n 
1 155 VAL n 
1 156 PHE n 
1 157 GLY n 
1 158 PRO n 
1 159 THR n 
1 160 ILE n 
1 161 VAL n 
1 162 ALA n 
1 163 HIS n 
1 164 ALA n 
1 165 VAL n 
1 166 PRO n 
1 167 ASN n 
1 168 PRO n 
1 169 ASP n 
1 170 PRO n 
1 171 VAL n 
1 172 THR n 
1 173 MET n 
1 174 LEU n 
1 175 GLN n 
1 176 ASP n 
1 177 ILE n 
1 178 LYS n 
1 179 ARG n 
1 180 GLN n 
1 181 PRO n 
1 182 LYS n 
1 183 VAL n 
1 184 VAL n 
1 185 GLU n 
1 186 ARG n 
1 187 LEU n 
1 188 LEU n 
1 189 SER n 
1 190 LEU n 
1 191 PRO n 
1 192 LEU n 
1 193 GLU n 
1 194 TYR n 
1 195 TRP n 
1 196 SER n 
1 197 GLN n 
1 198 PHE n 
1 199 MET n 
1 200 MET n 
1 201 VAL n 
1 202 GLU n 
# 
_entity_src_gen.entity_id                          1 
_entity_src_gen.pdbx_src_id                        1 
_entity_src_gen.pdbx_alt_source_flag               sample 
_entity_src_gen.pdbx_seq_type                      ? 
_entity_src_gen.pdbx_beg_seq_num                   ? 
_entity_src_gen.pdbx_end_seq_num                   ? 
_entity_src_gen.gene_src_common_name               human 
_entity_src_gen.gene_src_genus                     ? 
_entity_src_gen.pdbx_gene_src_gene                 'RACGAP1, KIAA1478, MGCRACGAP' 
_entity_src_gen.gene_src_species                   ? 
_entity_src_gen.gene_src_strain                    ? 
_entity_src_gen.gene_src_tissue                    ? 
_entity_src_gen.gene_src_tissue_fraction           ? 
_entity_src_gen.gene_src_details                   ? 
_entity_src_gen.pdbx_gene_src_fragment             ? 
_entity_src_gen.pdbx_gene_src_scientific_name      'Homo sapiens' 
_entity_src_gen.pdbx_gene_src_ncbi_taxonomy_id     9606 
_entity_src_gen.pdbx_gene_src_variant              ? 
_entity_src_gen.pdbx_gene_src_cell_line            ? 
_entity_src_gen.pdbx_gene_src_atcc                 ? 
_entity_src_gen.pdbx_gene_src_organ                ? 
_entity_src_gen.pdbx_gene_src_organelle            ? 
_entity_src_gen.pdbx_gene_src_cell                 ? 
_entity_src_gen.pdbx_gene_src_cellular_location    ? 
_entity_src_gen.host_org_common_name               ? 
_entity_src_gen.pdbx_host_org_scientific_name      'Escherichia coli' 
_entity_src_gen.pdbx_host_org_ncbi_taxonomy_id     562 
_entity_src_gen.host_org_genus                     ? 
_entity_src_gen.pdbx_host_org_gene                 ? 
_entity_src_gen.pdbx_host_org_organ                ? 
_entity_src_gen.host_org_species                   ? 
_entity_src_gen.pdbx_host_org_tissue               ? 
_entity_src_gen.pdbx_host_org_tissue_fraction      ? 
_entity_src_gen.pdbx_host_org_strain               ? 
_entity_src_gen.pdbx_host_org_variant              ? 
_entity_src_gen.pdbx_host_org_cell_line            ? 
_entity_src_gen.pdbx_host_org_atcc                 ? 
_entity_src_gen.pdbx_host_org_culture_collection   ? 
_entity_src_gen.pdbx_host_org_cell                 ? 
_entity_src_gen.pdbx_host_org_organelle            ? 
_entity_src_gen.pdbx_host_org_cellular_location    ? 
_entity_src_gen.pdbx_host_org_vector_type          ? 
_entity_src_gen.pdbx_host_org_vector               ? 
_entity_src_gen.host_org_details                   ? 
_entity_src_gen.expression_system_id               ? 
_entity_src_gen.plasmid_name                       ? 
_entity_src_gen.plasmid_details                    ? 
_entity_src_gen.pdbx_description                   ? 
# 
_struct_ref.id                         1 
_struct_ref.db_name                    UNP 
_struct_ref.db_code                    RGAP1_HUMAN 
_struct_ref.pdbx_db_accession          Q9H0H5 
_struct_ref.entity_id                  1 
_struct_ref.pdbx_seq_one_letter_code   
;EGMLADFVSQTSPMIPSIVVHCVNEIEQRGLTETGLYRISGCDRTVKELKEKFLRVKTVPLLSKVDDIHAICSLLKDFLR
NLKEPLLTFRLNRAFMEAAEITDEDNSIAAMYQAVGELPQANRDTLAFLMIHLQRVAQSPHTKMDVANLAKVFGPTIVAH
AVPNPDPVTMLQDIKRQPKVVERLLSLPLEYWSQFMMVE
;
_struct_ref.pdbx_align_begin           348 
_struct_ref.pdbx_db_isoform            ? 
# 
_struct_ref_seq.align_id                      1 
_struct_ref_seq.ref_id                        1 
_struct_ref_seq.pdbx_PDB_id_code              3W6R 
_struct_ref_seq.pdbx_strand_id                A 
_struct_ref_seq.seq_align_beg                 4 
_struct_ref_seq.pdbx_seq_align_beg_ins_code   ? 
_struct_ref_seq.seq_align_end                 202 
_struct_ref_seq.pdbx_seq_align_end_ins_code   ? 
_struct_ref_seq.pdbx_db_accession             Q9H0H5 
_struct_ref_seq.db_align_beg                  348 
_struct_ref_seq.pdbx_db_align_beg_ins_code    ? 
_struct_ref_seq.db_align_end                  546 
_struct_ref_seq.pdbx_db_align_end_ins_code    ? 
_struct_ref_seq.pdbx_auth_seq_align_beg       348 
_struct_ref_seq.pdbx_auth_seq_align_end       546 
# 
loop_
_struct_ref_seq_dif.align_id 
_struct_ref_seq_dif.pdbx_pdb_id_code 
_struct_ref_seq_dif.mon_id 
_struct_ref_seq_dif.pdbx_pdb_strand_id 
_struct_ref_seq_dif.seq_num 
_struct_ref_seq_dif.pdbx_pdb_ins_code 
_struct_ref_seq_dif.pdbx_seq_db_name 
_struct_ref_seq_dif.pdbx_seq_db_accession_code 
_struct_ref_seq_dif.db_mon_id 
_struct_ref_seq_dif.pdbx_seq_db_seq_num 
_struct_ref_seq_dif.details 
_struct_ref_seq_dif.pdbx_auth_seq_num 
_struct_ref_seq_dif.pdbx_ordinal 
1 3W6R GLY A 1 ? UNP Q9H0H5 ? ? 'expression tag' 345 1 
1 3W6R ALA A 2 ? UNP Q9H0H5 ? ? 'expression tag' 346 2 
1 3W6R MET A 3 ? UNP Q9H0H5 ? ? 'expression tag' 347 3 
# 
loop_
_chem_comp.id 
_chem_comp.type 
_chem_comp.mon_nstd_flag 
_chem_comp.name 
_chem_comp.pdbx_synonyms 
_chem_comp.formula 
_chem_comp.formula_weight 
ALA 'L-peptide linking' y ALANINE         ? 'C3 H7 N O2'     89.093  
ARG 'L-peptide linking' y ARGININE        ? 'C6 H15 N4 O2 1' 175.209 
ASN 'L-peptide linking' y ASPARAGINE      ? 'C4 H8 N2 O3'    132.118 
ASP 'L-peptide linking' y 'ASPARTIC ACID' ? 'C4 H7 N O4'     133.103 
CYS 'L-peptide linking' y CYSTEINE        ? 'C3 H7 N O2 S'   121.158 
GLN 'L-peptide linking' y GLUTAMINE       ? 'C5 H10 N2 O3'   146.144 
GLU 'L-peptide linking' y 'GLUTAMIC ACID' ? 'C5 H9 N O4'     147.129 
GLY 'peptide linking'   y GLYCINE         ? 'C2 H5 N O2'     75.067  
HIS 'L-peptide linking' y HISTIDINE       ? 'C6 H10 N3 O2 1' 156.162 
HOH non-polymer         . WATER           ? 'H2 O'           18.015  
ILE 'L-peptide linking' y ISOLEUCINE      ? 'C6 H13 N O2'    131.173 
LEU 'L-peptide linking' y LEUCINE         ? 'C6 H13 N O2'    131.173 
LYS 'L-peptide linking' y LYSINE          ? 'C6 H15 N2 O2 1' 147.195 
MET 'L-peptide linking' y METHIONINE      ? 'C5 H11 N O2 S'  149.211 
PHE 'L-peptide linking' y PHENYLALANINE   ? 'C9 H11 N O2'    165.189 
PRO 'L-peptide linking' y PROLINE         ? 'C5 H9 N O2'     115.130 
SER 'L-peptide linking' y SERINE          ? 'C3 H7 N O3'     105.093 
THR 'L-peptide linking' y THREONINE       ? 'C4 H9 N O3'     119.119 
TRP 'L-peptide linking' y TRYPTOPHAN      ? 'C11 H12 N2 O2'  204.225 
TYR 'L-peptide linking' y TYROSINE        ? 'C9 H11 N O3'    181.189 
VAL 'L-peptide linking' y VALINE          ? 'C5 H11 N O2'    117.146 
# 
_exptl.entry_id          3W6R 
_exptl.method            'X-RAY DIFFRACTION' 
_exptl.crystals_number   ? 
# 
_exptl_crystal.id                    1 
_exptl_crystal.density_meas          ? 
_exptl_crystal.density_Matthews      2.13 
_exptl_crystal.density_percent_sol   42.21 
_exptl_crystal.description           ? 
_exptl_crystal.F_000                 ? 
_exptl_crystal.preparation           ? 
# 
_exptl_crystal_grow.crystal_id      1 
_exptl_crystal_grow.method          'VAPOR DIFFUSION, SITTING DROP' 
_exptl_crystal_grow.temp            295 
_exptl_crystal_grow.temp_details    ? 
_exptl_crystal_grow.pH              5.7 
_exptl_crystal_grow.pdbx_details    
'100mM sodium cacodylate buffer, 13% polyethylene glycol 6000, 25% glycerol, pH 5.7, VAPOR DIFFUSION, SITTING DROP, temperature 295K' 
_exptl_crystal_grow.pdbx_pH_range   . 
# 
_diffrn.id                     1 
_diffrn.ambient_temp           100 
_diffrn.ambient_temp_details   ? 
_diffrn.crystal_id             1 
# 
_diffrn_detector.diffrn_id              1 
_diffrn_detector.detector               CCD 
_diffrn_detector.type                   ? 
_diffrn_detector.pdbx_collection_date   2012-11-03 
_diffrn_detector.details                ? 
# 
_diffrn_radiation.diffrn_id                        1 
_diffrn_radiation.wavelength_id                    1 
_diffrn_radiation.pdbx_monochromatic_or_laue_m_l   M 
_diffrn_radiation.monochromator                    ? 
_diffrn_radiation.pdbx_diffrn_protocol             'SINGLE WAVELENGTH' 
_diffrn_radiation.pdbx_scattering_type             x-ray 
# 
_diffrn_radiation_wavelength.id           1 
_diffrn_radiation_wavelength.wavelength   0.97928 
_diffrn_radiation_wavelength.wt           1.0 
# 
_diffrn_source.diffrn_id                   1 
_diffrn_source.source                      ? 
_diffrn_source.type                        ? 
_diffrn_source.pdbx_synchrotron_site       ? 
_diffrn_source.pdbx_synchrotron_beamline   ? 
_diffrn_source.pdbx_wavelength             ? 
_diffrn_source.pdbx_wavelength_list        0.97928 
# 
_reflns.entry_id                     3W6R 
_reflns.observed_criterion_sigma_I   ? 
_reflns.observed_criterion_sigma_F   ? 
_reflns.d_resolution_low             50 
_reflns.d_resolution_high            1.9 
_reflns.number_obs                   15787 
_reflns.number_all                   15787 
_reflns.percent_possible_obs         99.2 
_reflns.pdbx_Rmerge_I_obs            0.08500 
_reflns.pdbx_Rsym_value              ? 
_reflns.pdbx_netI_over_sigmaI        51.6 
_reflns.B_iso_Wilson_estimate        ? 
_reflns.pdbx_redundancy              ? 
_reflns.R_free_details               ? 
_reflns.limit_h_max                  ? 
_reflns.limit_h_min                  ? 
_reflns.limit_k_max                  ? 
_reflns.limit_k_min                  ? 
_reflns.limit_l_max                  ? 
_reflns.limit_l_min                  ? 
_reflns.observed_criterion_F_max     ? 
_reflns.observed_criterion_F_min     ? 
_reflns.pdbx_chi_squared             ? 
_reflns.pdbx_scaling_rejects         ? 
_reflns.pdbx_ordinal                 1 
_reflns.pdbx_diffrn_id               1 
# 
_reflns_shell.d_res_high                  1.90 
_reflns_shell.d_res_low                   1.93 
_reflns_shell.percent_possible_all        ? 
_reflns_shell.Rmerge_I_obs                ? 
_reflns_shell.pdbx_Rsym_value             ? 
_reflns_shell.meanI_over_sigI_obs         5.2 
_reflns_shell.pdbx_redundancy             ? 
_reflns_shell.percent_possible_obs        98.3 
_reflns_shell.number_unique_all           ? 
_reflns_shell.number_measured_all         ? 
_reflns_shell.number_measured_obs         ? 
_reflns_shell.number_unique_obs           ? 
_reflns_shell.pdbx_chi_squared            ? 
_reflns_shell.pdbx_rejects                ? 
_reflns_shell.pdbx_netI_over_sigmaI_obs   ? 
_reflns_shell.number_possible             ? 
_reflns_shell.Rmerge_F_all                ? 
_reflns_shell.Rmerge_F_obs                0.48500 
_reflns_shell.Rmerge_I_all                ? 
_reflns_shell.meanI_over_sigI_all         ? 
_reflns_shell.pdbx_Rrim_I_all             ? 
_reflns_shell.pdbx_Rpim_I_all             ? 
_reflns_shell.pdbx_ordinal                1 
_reflns_shell.pdbx_diffrn_id              1 
# 
_refine.entry_id                                 3W6R 
_refine.ls_number_reflns_obs                     14962 
_refine.ls_number_reflns_all                     ? 
_refine.pdbx_ls_sigma_I                          ? 
_refine.pdbx_ls_sigma_F                          ? 
_refine.pdbx_data_cutoff_high_absF               ? 
_refine.pdbx_data_cutoff_low_absF                ? 
_refine.pdbx_data_cutoff_high_rms_absF           ? 
_refine.ls_d_res_low                             25.31 
_refine.ls_d_res_high                            1.90 
_refine.ls_percent_reflns_obs                    99.18 
_refine.ls_R_factor_obs                          0.22346 
_refine.ls_R_factor_all                          ? 
_refine.ls_R_factor_R_work                       0.22158 
_refine.ls_R_factor_R_free                       0.25873 
_refine.ls_R_factor_R_free_error                 ? 
_refine.ls_R_factor_R_free_error_details         ? 
_refine.ls_percent_reflns_R_free                 5.0 
_refine.ls_number_reflns_R_free                  784 
_refine.ls_number_parameters                     ? 
_refine.ls_number_restraints                     ? 
_refine.occupancy_min                            ? 
_refine.occupancy_max                            ? 
_refine.correlation_coeff_Fo_to_Fc               0.935 
_refine.correlation_coeff_Fo_to_Fc_free          0.909 
_refine.B_iso_mean                               22.720 
_refine.aniso_B[1][1]                            -0.00 
_refine.aniso_B[2][2]                            0.01 
_refine.aniso_B[3][3]                            -0.01 
_refine.aniso_B[1][2]                            -0.00 
_refine.aniso_B[1][3]                            0.00 
_refine.aniso_B[2][3]                            0.00 
_refine.solvent_model_details                    MASK 
_refine.solvent_model_param_ksol                 ? 
_refine.solvent_model_param_bsol                 ? 
_refine.pdbx_solvent_vdw_probe_radii             1.20 
_refine.pdbx_solvent_ion_probe_radii             0.80 
_refine.pdbx_solvent_shrinkage_radii             0.80 
_refine.pdbx_ls_cross_valid_method               THROUGHOUT 
_refine.details                                  'HYDROGENS HAVE BEEN USED IF PRESENT IN THE INPUT' 
_refine.pdbx_starting_model                      2OVJ 
_refine.pdbx_method_to_determine_struct          'MOLECULAR REPLACEMENT' 
_refine.pdbx_isotropic_thermal_model             ? 
_refine.pdbx_stereochemistry_target_values       'MAXIMUM LIKELIHOOD' 
_refine.pdbx_stereochem_target_val_spec_case     ? 
_refine.pdbx_R_Free_selection_details            RANDOM 
_refine.pdbx_overall_ESU_R                       0.198 
_refine.pdbx_overall_ESU_R_Free                  0.170 
_refine.overall_SU_ML                            0.118 
_refine.pdbx_overall_phase_error                 ? 
_refine.overall_SU_B                             3.941 
_refine.overall_SU_R_Cruickshank_DPI             ? 
_refine.ls_redundancy_reflns_obs                 ? 
_refine.B_iso_min                                ? 
_refine.B_iso_max                                ? 
_refine.overall_SU_R_free                        ? 
_refine.ls_wR_factor_R_free                      ? 
_refine.ls_wR_factor_R_work                      ? 
_refine.overall_FOM_free_R_set                   ? 
_refine.overall_FOM_work_R_set                   ? 
_refine.pdbx_diffrn_id                           1 
_refine.pdbx_refine_id                           'X-RAY DIFFRACTION' 
_refine.pdbx_TLS_residual_ADP_flag               ? 
_refine.pdbx_overall_SU_R_free_Cruickshank_DPI   ? 
_refine.pdbx_overall_SU_R_Blow_DPI               ? 
_refine.pdbx_overall_SU_R_free_Blow_DPI          ? 
# 
_refine_hist.pdbx_refine_id                   'X-RAY DIFFRACTION' 
_refine_hist.cycle_id                         LAST 
_refine_hist.pdbx_number_atoms_protein        1584 
_refine_hist.pdbx_number_atoms_nucleic_acid   0 
_refine_hist.pdbx_number_atoms_ligand         0 
_refine_hist.number_atoms_solvent             133 
_refine_hist.number_atoms_total               1717 
_refine_hist.d_res_high                       1.90 
_refine_hist.d_res_low                        25.31 
# 
loop_
_refine_ls_restr.type 
_refine_ls_restr.dev_ideal 
_refine_ls_restr.dev_ideal_target 
_refine_ls_restr.weight 
_refine_ls_restr.number 
_refine_ls_restr.pdbx_restraint_function 
_refine_ls_restr.pdbx_refine_id 
r_bond_refined_d             0.005  0.019  ? 1613 ? 'X-RAY DIFFRACTION' 
r_bond_other_d               ?      ?      ? ?    ? 'X-RAY DIFFRACTION' 
r_angle_refined_deg          0.946  1.985  ? 2186 ? 'X-RAY DIFFRACTION' 
r_angle_other_deg            ?      ?      ? ?    ? 'X-RAY DIFFRACTION' 
r_dihedral_angle_1_deg       4.419  5.000  ? 199  ? 'X-RAY DIFFRACTION' 
r_dihedral_angle_2_deg       34.957 24.348 ? 69   ? 'X-RAY DIFFRACTION' 
r_dihedral_angle_3_deg       13.822 15.000 ? 300  ? 'X-RAY DIFFRACTION' 
r_dihedral_angle_4_deg       18.352 15.000 ? 11   ? 'X-RAY DIFFRACTION' 
r_chiral_restr               0.062  0.200  ? 258  ? 'X-RAY DIFFRACTION' 
r_gen_planes_refined         0.004  0.021  ? 1187 ? 'X-RAY DIFFRACTION' 
r_gen_planes_other           ?      ?      ? ?    ? 'X-RAY DIFFRACTION' 
r_nbd_refined                ?      ?      ? ?    ? 'X-RAY DIFFRACTION' 
r_nbd_other                  ?      ?      ? ?    ? 'X-RAY DIFFRACTION' 
r_nbtor_refined              ?      ?      ? ?    ? 'X-RAY DIFFRACTION' 
r_nbtor_other                ?      ?      ? ?    ? 'X-RAY DIFFRACTION' 
r_xyhbond_nbd_refined        ?      ?      ? ?    ? 'X-RAY DIFFRACTION' 
r_xyhbond_nbd_other          ?      ?      ? ?    ? 'X-RAY DIFFRACTION' 
r_metal_ion_refined          ?      ?      ? ?    ? 'X-RAY DIFFRACTION' 
r_metal_ion_other            ?      ?      ? ?    ? 'X-RAY DIFFRACTION' 
r_symmetry_vdw_refined       ?      ?      ? ?    ? 'X-RAY DIFFRACTION' 
r_symmetry_vdw_other         ?      ?      ? ?    ? 'X-RAY DIFFRACTION' 
r_symmetry_hbond_refined     ?      ?      ? ?    ? 'X-RAY DIFFRACTION' 
r_symmetry_hbond_other       ?      ?      ? ?    ? 'X-RAY DIFFRACTION' 
r_symmetry_metal_ion_refined ?      ?      ? ?    ? 'X-RAY DIFFRACTION' 
r_symmetry_metal_ion_other   ?      ?      ? ?    ? 'X-RAY DIFFRACTION' 
r_mcbond_it                  ?      ?      ? ?    ? 'X-RAY DIFFRACTION' 
r_mcbond_other               ?      ?      ? ?    ? 'X-RAY DIFFRACTION' 
r_mcangle_it                 ?      ?      ? ?    ? 'X-RAY DIFFRACTION' 
r_scbond_it                  ?      ?      ? ?    ? 'X-RAY DIFFRACTION' 
r_scangle_it                 ?      ?      ? ?    ? 'X-RAY DIFFRACTION' 
r_rigid_bond_restr           ?      ?      ? ?    ? 'X-RAY DIFFRACTION' 
r_sphericity_free            ?      ?      ? ?    ? 'X-RAY DIFFRACTION' 
r_sphericity_bonded          ?      ?      ? ?    ? 'X-RAY DIFFRACTION' 
# 
_refine_ls_shell.pdbx_refine_id                   'X-RAY DIFFRACTION' 
_refine_ls_shell.pdbx_total_number_of_bins_used   20 
_refine_ls_shell.d_res_high                       1.901 
_refine_ls_shell.d_res_low                        1.950 
_refine_ls_shell.number_reflns_R_work             968 
_refine_ls_shell.R_factor_R_work                  0.255 
_refine_ls_shell.percent_reflns_obs               97.90 
_refine_ls_shell.R_factor_R_free                  0.348 
_refine_ls_shell.R_factor_R_free_error            ? 
_refine_ls_shell.percent_reflns_R_free            ? 
_refine_ls_shell.number_reflns_R_free             56 
_refine_ls_shell.number_reflns_all                ? 
_refine_ls_shell.R_factor_all                     ? 
_refine_ls_shell.number_reflns_obs                ? 
_refine_ls_shell.redundancy_reflns_obs            ? 
# 
_struct.entry_id                  3W6R 
_struct.title                     'Crystal structure of the GAP domain of human MgcRacGAP' 
_struct.pdbx_model_details        ? 
_struct.pdbx_CASP_flag            ? 
_struct.pdbx_model_type_details   ? 
# 
_struct_keywords.entry_id        3W6R 
_struct_keywords.pdbx_keywords   'SIGNALING PROTEIN' 
_struct_keywords.text            'GTPase activating, SIGNALING PROTEIN' 
# 
loop_
_struct_asym.id 
_struct_asym.pdbx_blank_PDB_chainid_flag 
_struct_asym.pdbx_modified 
_struct_asym.entity_id 
_struct_asym.details 
A N N 1 ? 
B N N 2 ? 
# 
_struct_biol.id        1 
_struct_biol.details   ? 
# 
loop_
_struct_conf.conf_type_id 
_struct_conf.id 
_struct_conf.pdbx_PDB_helix_id 
_struct_conf.beg_label_comp_id 
_struct_conf.beg_label_asym_id 
_struct_conf.beg_label_seq_id 
_struct_conf.pdbx_beg_PDB_ins_code 
_struct_conf.end_label_comp_id 
_struct_conf.end_label_asym_id 
_struct_conf.end_label_seq_id 
_struct_conf.pdbx_end_PDB_ins_code 
_struct_conf.beg_auth_comp_id 
_struct_conf.beg_auth_asym_id 
_struct_conf.beg_auth_seq_id 
_struct_conf.end_auth_comp_id 
_struct_conf.end_auth_asym_id 
_struct_conf.end_auth_seq_id 
_struct_conf.pdbx_PDB_helix_class 
_struct_conf.details 
_struct_conf.pdbx_PDB_helix_length 
HELX_P HELX_P1  1  MET A 6   ? VAL A 11  ? MET A 350 VAL A 355 5 ? 6  
HELX_P HELX_P2  2  PRO A 19  ? GLY A 33  ? PRO A 363 GLY A 377 1 ? 15 
HELX_P HELX_P3  3  CYS A 45  ? LYS A 60  ? CYS A 389 LYS A 404 1 ? 16 
HELX_P HELX_P4  4  LEU A 64  ? VAL A 68  ? LEU A 408 VAL A 412 5 ? 5  
HELX_P HELX_P5  5  ASP A 70  ? ASN A 84  ? ASP A 414 ASN A 428 1 ? 15 
HELX_P HELX_P6  6  LEU A 94  ? ILE A 104 ? LEU A 438 ILE A 448 1 ? 11 
HELX_P HELX_P7  7  ASP A 106 ? GLU A 120 ? ASP A 450 GLU A 464 1 ? 15 
HELX_P HELX_P8  8  PRO A 122 ? GLN A 141 ? PRO A 466 GLN A 485 1 ? 20 
HELX_P HELX_P9  9  ASP A 148 ? VAL A 161 ? ASP A 492 VAL A 505 1 ? 14 
HELX_P HELX_P10 10 ASP A 169 ? LEU A 190 ? ASP A 513 LEU A 534 1 ? 22 
HELX_P HELX_P11 11 PRO A 191 ? GLN A 197 ? PRO A 535 GLN A 541 1 ? 7  
# 
_struct_conf_type.id          HELX_P 
_struct_conf_type.criteria    ? 
_struct_conf_type.reference   ? 
# 
_struct_mon_prot_cis.pdbx_id                1 
_struct_mon_prot_cis.label_comp_id          SER 
_struct_mon_prot_cis.label_seq_id           15 
_struct_mon_prot_cis.label_asym_id          A 
_struct_mon_prot_cis.label_alt_id           . 
_struct_mon_prot_cis.pdbx_PDB_ins_code      ? 
_struct_mon_prot_cis.auth_comp_id           SER 
_struct_mon_prot_cis.auth_seq_id            359 
_struct_mon_prot_cis.auth_asym_id           A 
_struct_mon_prot_cis.pdbx_label_comp_id_2   PRO 
_struct_mon_prot_cis.pdbx_label_seq_id_2    16 
_struct_mon_prot_cis.pdbx_label_asym_id_2   A 
_struct_mon_prot_cis.pdbx_PDB_ins_code_2    ? 
_struct_mon_prot_cis.pdbx_auth_comp_id_2    PRO 
_struct_mon_prot_cis.pdbx_auth_seq_id_2     360 
_struct_mon_prot_cis.pdbx_auth_asym_id_2    A 
_struct_mon_prot_cis.pdbx_PDB_model_num     1 
_struct_mon_prot_cis.pdbx_omega_angle       0.84 
# 
_atom_sites.entry_id                    3W6R 
_atom_sites.fract_transf_matrix[1][1]   -0.02226824 
_atom_sites.fract_transf_matrix[1][2]   -0.00125574 
_atom_sites.fract_transf_matrix[1][3]   -0.00917224 
_atom_sites.fract_transf_matrix[2][1]   -0.00521043 
_atom_sites.fract_transf_matrix[2][2]   -0.00637705 
_atom_sites.fract_transf_matrix[2][3]   0.01352289 
_atom_sites.fract_transf_matrix[3][1]   -0.00266824 
_atom_sites.fract_transf_matrix[3][2]   0.01233564 
_atom_sites.fract_transf_matrix[3][3]   0.00478909 
_atom_sites.fract_transf_vector[1]      0.031959 
_atom_sites.fract_transf_vector[2]      0.018502 
_atom_sites.fract_transf_vector[3]      0.234537 
# 
loop_
_atom_type.symbol 
C 
N 
O 
S 
# 
loop_
_atom_site.group_PDB 
_atom_site.id 
_atom_site.type_symbol 
_atom_site.label_atom_id 
_atom_site.label_alt_id 
_atom_site.label_comp_id 
_atom_site.label_asym_id 
_atom_site.label_entity_id 
_atom_site.label_seq_id 
_atom_site.pdbx_PDB_ins_code 
_atom_site.Cartn_x 
_atom_site.Cartn_y 
_atom_site.Cartn_z 
_atom_site.occupancy 
_atom_site.B_iso_or_equiv 
_atom_site.pdbx_formal_charge 
_atom_site.auth_seq_id 
_atom_site.auth_comp_id 
_atom_site.auth_asym_id 
_atom_site.auth_atom_id 
_atom_site.pdbx_PDB_model_num 
ATOM   1    N N   . MET A 1 3   ? 4.848   -18.495 5.993   1.00 37.95 ? 347 MET A N   1 
ATOM   2    C CA  . MET A 1 3   ? 4.823   -17.002 5.973   1.00 37.67 ? 347 MET A CA  1 
ATOM   3    C C   . MET A 1 3   ? 5.012   -16.452 4.559   1.00 35.77 ? 347 MET A C   1 
ATOM   4    O O   . MET A 1 3   ? 5.451   -17.169 3.657   1.00 35.29 ? 347 MET A O   1 
ATOM   5    C CB  . MET A 1 3   ? 5.864   -16.432 6.945   1.00 40.23 ? 347 MET A CB  1 
ATOM   6    C CG  . MET A 1 3   ? 5.432   -16.510 8.404   1.00 42.78 ? 347 MET A CG  1 
ATOM   7    S SD  . MET A 1 3   ? 6.732   -16.138 9.598   1.00 47.39 ? 347 MET A SD  1 
ATOM   8    C CE  . MET A 1 3   ? 7.724   -17.630 9.523   1.00 46.02 ? 347 MET A CE  1 
ATOM   9    N N   . GLU A 1 4   ? 4.679   -15.177 4.376   1.00 32.98 ? 348 GLU A N   1 
ATOM   10   C CA  . GLU A 1 4   ? 4.591   -14.572 3.048   1.00 30.38 ? 348 GLU A CA  1 
ATOM   11   C C   . GLU A 1 4   ? 5.943   -14.336 2.377   1.00 29.26 ? 348 GLU A C   1 
ATOM   12   O O   . GLU A 1 4   ? 6.110   -14.618 1.187   1.00 29.59 ? 348 GLU A O   1 
ATOM   13   C CB  . GLU A 1 4   ? 3.819   -13.260 3.128   1.00 29.69 ? 348 GLU A CB  1 
ATOM   14   C CG  . GLU A 1 4   ? 2.969   -12.973 1.912   1.00 28.64 ? 348 GLU A CG  1 
ATOM   15   C CD  . GLU A 1 4   ? 2.131   -11.731 2.092   1.00 27.72 ? 348 GLU A CD  1 
ATOM   16   O OE1 . GLU A 1 4   ? 2.707   -10.630 2.079   1.00 26.26 ? 348 GLU A OE1 1 
ATOM   17   O OE2 . GLU A 1 4   ? 0.899   -11.859 2.239   1.00 28.23 ? 348 GLU A OE2 1 
ATOM   18   N N   . GLY A 1 5   ? 6.900   -13.821 3.137   1.00 27.09 ? 349 GLY A N   1 
ATOM   19   C CA  . GLY A 1 5   ? 8.218   -13.501 2.596   1.00 24.91 ? 349 GLY A CA  1 
ATOM   20   C C   . GLY A 1 5   ? 8.333   -12.050 2.166   1.00 23.27 ? 349 GLY A C   1 
ATOM   21   O O   . GLY A 1 5   ? 7.434   -11.241 2.420   1.00 22.61 ? 349 GLY A O   1 
ATOM   22   N N   . MET A 1 6   ? 9.445   -11.730 1.508   1.00 21.77 ? 350 MET A N   1 
ATOM   23   C CA  . MET A 1 6   ? 9.780   -10.357 1.127   1.00 20.76 ? 350 MET A CA  1 
ATOM   24   C C   . MET A 1 6   ? 9.101   -9.935  -0.172  1.00 19.65 ? 350 MET A C   1 
ATOM   25   O O   . MET A 1 6   ? 8.800   -10.772 -1.024  1.00 19.62 ? 350 MET A O   1 
ATOM   26   C CB  . MET A 1 6   ? 11.298  -10.204 0.981   1.00 20.96 ? 350 MET A CB  1 
ATOM   27   C CG  . MET A 1 6   ? 12.098  -10.513 2.239   1.00 21.53 ? 350 MET A CG  1 
ATOM   28   S SD  . MET A 1 6   ? 11.950  -9.256  3.526   1.00 22.01 ? 350 MET A SD  1 
ATOM   29   C CE  . MET A 1 6   ? 13.021  -7.967  2.901   1.00 21.97 ? 350 MET A CE  1 
ATOM   30   N N   . LEU A 1 7   ? 8.887   -8.628  -0.325  1.00 18.99 ? 351 LEU A N   1 
ATOM   31   C CA  . LEU A 1 7   ? 8.299   -8.072  -1.544  1.00 18.38 ? 351 LEU A CA  1 
ATOM   32   C C   . LEU A 1 7   ? 9.040   -8.525  -2.806  1.00 18.30 ? 351 LEU A C   1 
ATOM   33   O O   . LEU A 1 7   ? 8.412   -8.866  -3.810  1.00 18.12 ? 351 LEU A O   1 
ATOM   34   C CB  . LEU A 1 7   ? 8.246   -6.537  -1.479  1.00 17.79 ? 351 LEU A CB  1 
ATOM   35   C CG  . LEU A 1 7   ? 7.656   -5.806  -2.694  1.00 17.66 ? 351 LEU A CG  1 
ATOM   36   C CD1 . LEU A 1 7   ? 6.158   -6.041  -2.832  1.00 17.47 ? 351 LEU A CD1 1 
ATOM   37   C CD2 . LEU A 1 7   ? 7.950   -4.321  -2.616  1.00 17.24 ? 351 LEU A CD2 1 
ATOM   38   N N   . ALA A 1 8   ? 10.371  -8.535  -2.742  1.00 18.71 ? 352 ALA A N   1 
ATOM   39   C CA  . ALA A 1 8   ? 11.207  -8.922  -3.880  1.00 19.26 ? 352 ALA A CA  1 
ATOM   40   C C   . ALA A 1 8   ? 10.903  -10.334 -4.388  1.00 19.77 ? 352 ALA A C   1 
ATOM   41   O O   . ALA A 1 8   ? 11.094  -10.627 -5.571  1.00 20.12 ? 352 ALA A O   1 
ATOM   42   C CB  . ALA A 1 8   ? 12.685  -8.780  -3.533  1.00 19.16 ? 352 ALA A CB  1 
ATOM   43   N N   . ASP A 1 9   ? 10.403  -11.192 -3.498  1.00 20.31 ? 353 ASP A N   1 
ATOM   44   C CA  . ASP A 1 9   ? 10.063  -12.576 -3.843  1.00 20.97 ? 353 ASP A CA  1 
ATOM   45   C C   . ASP A 1 9   ? 8.803   -12.679 -4.700  1.00 21.87 ? 353 ASP A C   1 
ATOM   46   O O   . ASP A 1 9   ? 8.455   -13.764 -5.180  1.00 21.52 ? 353 ASP A O   1 
ATOM   47   C CB  . ASP A 1 9   ? 9.909   -13.417 -2.573  1.00 21.11 ? 353 ASP A CB  1 
ATOM   48   C CG  . ASP A 1 9   ? 11.147  -13.386 -1.700  1.00 21.21 ? 353 ASP A CG  1 
ATOM   49   O OD1 . ASP A 1 9   ? 12.240  -13.070 -2.216  1.00 21.32 ? 353 ASP A OD1 1 
ATOM   50   O OD2 . ASP A 1 9   ? 11.027  -13.676 -0.493  1.00 21.69 ? 353 ASP A OD2 1 
ATOM   51   N N   . PHE A 1 10  ? 8.125   -11.548 -4.889  1.00 22.30 ? 354 PHE A N   1 
ATOM   52   C CA  . PHE A 1 10  ? 6.904   -11.505 -5.689  1.00 23.04 ? 354 PHE A CA  1 
ATOM   53   C C   . PHE A 1 10  ? 7.086   -10.721 -6.992  1.00 23.39 ? 354 PHE A C   1 
ATOM   54   O O   . PHE A 1 10  ? 6.124   -10.500 -7.728  1.00 23.48 ? 354 PHE A O   1 
ATOM   55   C CB  . PHE A 1 10  ? 5.736   -10.960 -4.855  1.00 23.24 ? 354 PHE A CB  1 
ATOM   56   C CG  . PHE A 1 10  ? 5.398   -11.816 -3.665  1.00 23.59 ? 354 PHE A CG  1 
ATOM   57   C CD1 . PHE A 1 10  ? 4.543   -12.906 -3.796  1.00 23.79 ? 354 PHE A CD1 1 
ATOM   58   C CD2 . PHE A 1 10  ? 5.946   -11.543 -2.414  1.00 23.66 ? 354 PHE A CD2 1 
ATOM   59   C CE1 . PHE A 1 10  ? 4.233   -13.702 -2.702  1.00 24.01 ? 354 PHE A CE1 1 
ATOM   60   C CE2 . PHE A 1 10  ? 5.642   -12.336 -1.317  1.00 23.68 ? 354 PHE A CE2 1 
ATOM   61   C CZ  . PHE A 1 10  ? 4.784   -13.416 -1.462  1.00 24.25 ? 354 PHE A CZ  1 
ATOM   62   N N   . VAL A 1 11  ? 8.326   -10.325 -7.273  1.00 23.85 ? 355 VAL A N   1 
ATOM   63   C CA  . VAL A 1 11  ? 8.671   -9.597  -8.500  1.00 24.56 ? 355 VAL A CA  1 
ATOM   64   C C   . VAL A 1 11  ? 9.866   -10.245 -9.210  1.00 25.55 ? 355 VAL A C   1 
ATOM   65   O O   . VAL A 1 11  ? 10.583  -11.060 -8.621  1.00 25.43 ? 355 VAL A O   1 
ATOM   66   C CB  . VAL A 1 11  ? 8.963   -8.093  -8.233  1.00 24.15 ? 355 VAL A CB  1 
ATOM   67   C CG1 . VAL A 1 11  ? 7.806   -7.435  -7.490  1.00 23.74 ? 355 VAL A CG1 1 
ATOM   68   C CG2 . VAL A 1 11  ? 10.267  -7.900  -7.466  1.00 23.99 ? 355 VAL A CG2 1 
ATOM   69   N N   . SER A 1 12  ? 10.066  -9.885  -10.477 1.00 26.52 ? 356 SER A N   1 
ATOM   70   C CA  . SER A 1 12  ? 11.219  -10.351 -11.248 1.00 27.48 ? 356 SER A CA  1 
ATOM   71   C C   . SER A 1 12  ? 12.076  -9.163  -11.683 1.00 27.86 ? 356 SER A C   1 
ATOM   72   O O   . SER A 1 12  ? 11.969  -8.072  -11.120 1.00 27.98 ? 356 SER A O   1 
ATOM   73   C CB  . SER A 1 12  ? 10.764  -11.168 -12.465 1.00 27.95 ? 356 SER A CB  1 
ATOM   74   O OG  . SER A 1 12  ? 10.078  -10.359 -13.407 1.00 28.45 ? 356 SER A OG  1 
ATOM   75   N N   . GLN A 1 13  ? 12.924  -9.378  -12.685 1.00 28.74 ? 357 GLN A N   1 
ATOM   76   C CA  . GLN A 1 13  ? 13.737  -8.300  -13.248 1.00 29.00 ? 357 GLN A CA  1 
ATOM   77   C C   . GLN A 1 13  ? 12.903  -7.363  -14.132 1.00 27.95 ? 357 GLN A C   1 
ATOM   78   O O   . GLN A 1 13  ? 13.350  -6.266  -14.470 1.00 28.29 ? 357 GLN A O   1 
ATOM   79   C CB  . GLN A 1 13  ? 14.941  -8.866  -14.011 1.00 30.77 ? 357 GLN A CB  1 
ATOM   80   C CG  . GLN A 1 13  ? 15.985  -9.514  -13.105 1.00 32.35 ? 357 GLN A CG  1 
ATOM   81   C CD  . GLN A 1 13  ? 17.211  -10.023 -13.848 1.00 33.50 ? 357 GLN A CD  1 
ATOM   82   O OE1 . GLN A 1 13  ? 17.450  -9.676  -15.007 1.00 35.01 ? 357 GLN A OE1 1 
ATOM   83   N NE2 . GLN A 1 13  ? 17.999  -10.854 -13.175 1.00 34.40 ? 357 GLN A NE2 1 
ATOM   84   N N   . THR A 1 14  ? 11.690  -7.795  -14.479 1.00 26.59 ? 358 THR A N   1 
ATOM   85   C CA  . THR A 1 14  ? 10.752  -6.995  -15.275 1.00 25.61 ? 358 THR A CA  1 
ATOM   86   C C   . THR A 1 14  ? 10.288  -5.757  -14.503 1.00 24.48 ? 358 THR A C   1 
ATOM   87   O O   . THR A 1 14  ? 9.884   -5.851  -13.342 1.00 23.80 ? 358 THR A O   1 
ATOM   88   C CB  . THR A 1 14  ? 9.528   -7.828  -15.715 1.00 25.82 ? 358 THR A CB  1 
ATOM   89   O OG1 . THR A 1 14  ? 9.971   -9.025  -16.365 1.00 26.58 ? 358 THR A OG1 1 
ATOM   90   C CG2 . THR A 1 14  ? 8.638   -7.038  -16.677 1.00 25.89 ? 358 THR A CG2 1 
ATOM   91   N N   . SER A 1 15  ? 10.353  -4.599  -15.159 1.00 23.02 ? 359 SER A N   1 
ATOM   92   C CA  . SER A 1 15  ? 9.972   -3.329  -14.548 1.00 21.81 ? 359 SER A CA  1 
ATOM   93   C C   . SER A 1 15  ? 8.799   -2.689  -15.295 1.00 20.73 ? 359 SER A C   1 
ATOM   94   O O   . SER A 1 15  ? 8.667   -2.877  -16.505 1.00 20.63 ? 359 SER A O   1 
ATOM   95   C CB  . SER A 1 15  ? 11.165  -2.370  -14.493 1.00 22.07 ? 359 SER A CB  1 
ATOM   96   O OG  . SER A 1 15  ? 12.211  -2.914  -13.704 1.00 22.64 ? 359 SER A OG  1 
ATOM   97   N N   . PRO A 1 16  ? 7.943   -1.930  -14.578 1.00 19.76 ? 360 PRO A N   1 
ATOM   98   C CA  . PRO A 1 16  ? 8.027   -1.634  -13.142 1.00 19.12 ? 360 PRO A CA  1 
ATOM   99   C C   . PRO A 1 16  ? 7.869   -2.888  -12.281 1.00 18.76 ? 360 PRO A C   1 
ATOM   100  O O   . PRO A 1 16  ? 7.059   -3.767  -12.600 1.00 18.82 ? 360 PRO A O   1 
ATOM   101  C CB  . PRO A 1 16  ? 6.871   -0.655  -12.906 1.00 19.02 ? 360 PRO A CB  1 
ATOM   102  C CG  . PRO A 1 16  ? 5.926   -0.888  -14.030 1.00 19.19 ? 360 PRO A CG  1 
ATOM   103  C CD  . PRO A 1 16  ? 6.762   -1.306  -15.201 1.00 19.31 ? 360 PRO A CD  1 
ATOM   104  N N   . MET A 1 17  ? 8.663   -2.965  -11.215 1.00 17.96 ? 361 MET A N   1 
ATOM   105  C CA  . MET A 1 17  ? 8.675   -4.122  -10.324 1.00 17.54 ? 361 MET A CA  1 
ATOM   106  C C   . MET A 1 17  ? 7.490   -4.110  -9.361  1.00 16.95 ? 361 MET A C   1 
ATOM   107  O O   . MET A 1 17  ? 7.610   -3.676  -8.211  1.00 16.63 ? 361 MET A O   1 
ATOM   108  C CB  . MET A 1 17  ? 10.000  -4.188  -9.556  1.00 18.06 ? 361 MET A CB  1 
ATOM   109  C CG  . MET A 1 17  ? 11.193  -4.542  -10.424 1.00 18.73 ? 361 MET A CG  1 
ATOM   110  S SD  . MET A 1 17  ? 12.740  -4.444  -9.505  1.00 19.38 ? 361 MET A SD  1 
ATOM   111  C CE  . MET A 1 17  ? 13.896  -4.918  -10.788 1.00 19.49 ? 361 MET A CE  1 
ATOM   112  N N   . ILE A 1 18  ? 6.345   -4.584  -9.850  1.00 16.51 ? 362 ILE A N   1 
ATOM   113  C CA  . ILE A 1 18  ? 5.112   -4.654  -9.067  1.00 16.39 ? 362 ILE A CA  1 
ATOM   114  C C   . ILE A 1 18  ? 4.599   -6.096  -9.084  1.00 16.53 ? 362 ILE A C   1 
ATOM   115  O O   . ILE A 1 18  ? 4.533   -6.708  -10.155 1.00 16.73 ? 362 ILE A O   1 
ATOM   116  C CB  . ILE A 1 18  ? 4.008   -3.729  -9.639  1.00 16.19 ? 362 ILE A CB  1 
ATOM   117  C CG1 . ILE A 1 18  ? 4.568   -2.347  -9.995  1.00 15.83 ? 362 ILE A CG1 1 
ATOM   118  C CG2 . ILE A 1 18  ? 2.850   -3.601  -8.655  1.00 15.88 ? 362 ILE A CG2 1 
ATOM   119  C CD1 . ILE A 1 18  ? 3.768   -1.618  -11.052 1.00 15.95 ? 362 ILE A CD1 1 
ATOM   120  N N   . PRO A 1 19  ? 4.236   -6.651  -7.907  1.00 16.99 ? 363 PRO A N   1 
ATOM   121  C CA  . PRO A 1 19  ? 3.726   -8.026  -7.897  1.00 17.20 ? 363 PRO A CA  1 
ATOM   122  C C   . PRO A 1 19  ? 2.438   -8.142  -8.700  1.00 17.36 ? 363 PRO A C   1 
ATOM   123  O O   . PRO A 1 19  ? 1.608   -7.232  -8.663  1.00 17.08 ? 363 PRO A O   1 
ATOM   124  C CB  . PRO A 1 19  ? 3.435   -8.291  -6.415  1.00 17.18 ? 363 PRO A CB  1 
ATOM   125  C CG  . PRO A 1 19  ? 4.236   -7.285  -5.666  1.00 17.18 ? 363 PRO A CG  1 
ATOM   126  C CD  . PRO A 1 19  ? 4.279   -6.073  -6.550  1.00 16.98 ? 363 PRO A CD  1 
ATOM   127  N N   . SER A 1 20  ? 2.280   -9.250  -9.420  1.00 17.88 ? 364 SER A N   1 
ATOM   128  C CA  . SER A 1 20  ? 1.084   -9.480  -10.230 1.00 18.47 ? 364 SER A CA  1 
ATOM   129  C C   . SER A 1 20  ? -0.196  -9.376  -9.402  1.00 18.22 ? 364 SER A C   1 
ATOM   130  O O   . SER A 1 20  ? -1.217  -8.900  -9.896  1.00 18.63 ? 364 SER A O   1 
ATOM   131  C CB  . SER A 1 20  ? 1.150   -10.840 -10.926 1.00 19.06 ? 364 SER A CB  1 
ATOM   132  O OG  . SER A 1 20  ? 2.271   -10.901 -11.788 1.00 20.88 ? 364 SER A OG  1 
ATOM   133  N N   . ILE A 1 21  ? -0.131  -9.810  -8.143  1.00 17.99 ? 365 ILE A N   1 
ATOM   134  C CA  . ILE A 1 21  ? -1.289  -9.747  -7.244  1.00 17.96 ? 365 ILE A CA  1 
ATOM   135  C C   . ILE A 1 21  ? -1.752  -8.306  -7.000  1.00 17.38 ? 365 ILE A C   1 
ATOM   136  O O   . ILE A 1 21  ? -2.951  -8.020  -7.029  1.00 17.04 ? 365 ILE A O   1 
ATOM   137  C CB  . ILE A 1 21  ? -1.056  -10.519 -5.917  1.00 18.28 ? 365 ILE A CB  1 
ATOM   138  C CG1 . ILE A 1 21  ? -2.319  -10.484 -5.046  1.00 18.63 ? 365 ILE A CG1 1 
ATOM   139  C CG2 . ILE A 1 21  ? 0.163   -9.988  -5.166  1.00 18.22 ? 365 ILE A CG2 1 
ATOM   140  C CD1 . ILE A 1 21  ? -2.446  -11.640 -4.078  1.00 19.39 ? 365 ILE A CD1 1 
ATOM   141  N N   . VAL A 1 22  ? -0.797  -7.405  -6.795  1.00 16.82 ? 366 VAL A N   1 
ATOM   142  C CA  . VAL A 1 22  ? -1.096  -5.979  -6.644  1.00 16.63 ? 366 VAL A CA  1 
ATOM   143  C C   . VAL A 1 22  ? -1.725  -5.404  -7.921  1.00 16.33 ? 366 VAL A C   1 
ATOM   144  O O   . VAL A 1 22  ? -2.743  -4.710  -7.857  1.00 16.34 ? 366 VAL A O   1 
ATOM   145  C CB  . VAL A 1 22  ? 0.159   -5.178  -6.224  1.00 16.38 ? 366 VAL A CB  1 
ATOM   146  C CG1 . VAL A 1 22  ? -0.103  -3.677  -6.254  1.00 16.14 ? 366 VAL A CG1 1 
ATOM   147  C CG2 . VAL A 1 22  ? 0.619   -5.607  -4.837  1.00 16.45 ? 366 VAL A CG2 1 
ATOM   148  N N   . VAL A 1 23  ? -1.117  -5.701  -9.071  1.00 16.31 ? 367 VAL A N   1 
ATOM   149  C CA  . VAL A 1 23  ? -1.603  -5.230  -10.375 1.00 16.31 ? 367 VAL A CA  1 
ATOM   150  C C   . VAL A 1 23  ? -3.041  -5.697  -10.628 1.00 16.58 ? 367 VAL A C   1 
ATOM   151  O O   . VAL A 1 23  ? -3.904  -4.895  -10.987 1.00 16.26 ? 367 VAL A O   1 
ATOM   152  C CB  . VAL A 1 23  ? -0.683  -5.701  -11.533 1.00 16.41 ? 367 VAL A CB  1 
ATOM   153  C CG1 . VAL A 1 23  ? -1.277  -5.348  -12.888 1.00 16.39 ? 367 VAL A CG1 1 
ATOM   154  C CG2 . VAL A 1 23  ? 0.707   -5.091  -11.400 1.00 16.38 ? 367 VAL A CG2 1 
ATOM   155  N N   . HIS A 1 24  ? -3.289  -6.989  -10.423 1.00 17.03 ? 368 HIS A N   1 
ATOM   156  C CA  . HIS A 1 24  ? -4.615  -7.571  -10.653 1.00 17.93 ? 368 HIS A CA  1 
ATOM   157  C C   . HIS A 1 24  ? -5.667  -7.065  -9.702  1.00 17.64 ? 368 HIS A C   1 
ATOM   158  O O   . HIS A 1 24  ? -6.802  -6.827  -10.111 1.00 17.29 ? 368 HIS A O   1 
ATOM   159  C CB  . HIS A 1 24  ? -4.546  -9.091  -10.631 1.00 19.22 ? 368 HIS A CB  1 
ATOM   160  C CG  . HIS A 1 24  ? -3.933  -9.686  -11.878 1.00 20.68 ? 368 HIS A CG  1 
ATOM   161  N ND1 . HIS A 1 24  ? -2.619  -9.946  -11.985 1.00 21.43 ? 368 HIS A ND1 1 
ATOM   162  C CD2 . HIS A 1 24  ? -4.508  -10.063 -13.086 1.00 21.57 ? 368 HIS A CD2 1 
ATOM   163  C CE1 . HIS A 1 24  ? -2.360  -10.465 -13.201 1.00 21.78 ? 368 HIS A CE1 1 
ATOM   164  N NE2 . HIS A 1 24  ? -3.517  -10.537 -13.876 1.00 22.31 ? 368 HIS A NE2 1 
ATOM   165  N N   . CYS A 1 25  ? -5.305  -6.893  -8.430  1.00 17.47 ? 369 CYS A N   1 
ATOM   166  C CA  . CYS A 1 25  ? -6.218  -6.310  -7.437  1.00 17.51 ? 369 CYS A CA  1 
ATOM   167  C C   . CYS A 1 25  ? -6.628  -4.882  -7.806  1.00 17.20 ? 369 CYS A C   1 
ATOM   168  O O   . CYS A 1 25  ? -7.818  -4.559  -7.817  1.00 17.41 ? 369 CYS A O   1 
ATOM   169  C CB  . CYS A 1 25  ? -5.606  -6.345  -6.032  1.00 17.51 ? 369 CYS A CB  1 
ATOM   170  S SG  . CYS A 1 25  ? -5.660  -7.964  -5.227  1.00 17.93 ? 369 CYS A SG  1 
ATOM   171  N N   . VAL A 1 26  ? -5.638  -4.044  -8.121  1.00 16.91 ? 370 VAL A N   1 
ATOM   172  C CA  . VAL A 1 26  ? -5.868  -2.662  -8.556  1.00 16.64 ? 370 VAL A CA  1 
ATOM   173  C C   . VAL A 1 26  ? -6.724  -2.602  -9.826  1.00 16.84 ? 370 VAL A C   1 
ATOM   174  O O   . VAL A 1 26  ? -7.649  -1.792  -9.914  1.00 16.57 ? 370 VAL A O   1 
ATOM   175  C CB  . VAL A 1 26  ? -4.532  -1.900  -8.750  1.00 16.40 ? 370 VAL A CB  1 
ATOM   176  C CG1 . VAL A 1 26  ? -4.730  -0.615  -9.545  1.00 16.05 ? 370 VAL A CG1 1 
ATOM   177  C CG2 . VAL A 1 26  ? -3.900  -1.594  -7.398  1.00 16.39 ? 370 VAL A CG2 1 
ATOM   178  N N   . ASN A 1 27  ? -6.419  -3.461  -10.796 1.00 17.20 ? 371 ASN A N   1 
ATOM   179  C CA  . ASN A 1 27  ? -7.211  -3.545  -12.024 1.00 17.89 ? 371 ASN A CA  1 
ATOM   180  C C   . ASN A 1 27  ? -8.684  -3.846  -11.739 1.00 18.59 ? 371 ASN A C   1 
ATOM   181  O O   . ASN A 1 27  ? -9.574  -3.197  -12.294 1.00 19.00 ? 371 ASN A O   1 
ATOM   182  C CB  . ASN A 1 27  ? -6.627  -4.593  -12.980 1.00 17.54 ? 371 ASN A CB  1 
ATOM   183  C CG  . ASN A 1 27  ? -5.309  -4.161  -13.600 1.00 17.43 ? 371 ASN A CG  1 
ATOM   184  O OD1 . ASN A 1 27  ? -4.880  -3.014  -13.457 1.00 17.21 ? 371 ASN A OD1 1 
ATOM   185  N ND2 . ASN A 1 27  ? -4.661  -5.083  -14.300 1.00 17.30 ? 371 ASN A ND2 1 
ATOM   186  N N   . GLU A 1 28  ? -8.929  -4.823  -10.868 1.00 19.62 ? 372 GLU A N   1 
ATOM   187  C CA  . GLU A 1 28  ? -10.290 -5.196  -10.476 1.00 20.18 ? 372 GLU A CA  1 
ATOM   188  C C   . GLU A 1 28  ? -11.012 -4.073  -9.741  1.00 19.97 ? 372 GLU A C   1 
ATOM   189  O O   . GLU A 1 28  ? -12.175 -3.782  -10.030 1.00 19.77 ? 372 GLU A O   1 
ATOM   190  C CB  . GLU A 1 28  ? -10.281 -6.463  -9.616  1.00 21.52 ? 372 GLU A CB  1 
ATOM   191  C CG  . GLU A 1 28  ? -10.181 -7.752  -10.415 1.00 23.33 ? 372 GLU A CG  1 
ATOM   192  C CD  . GLU A 1 28  ? -11.308 -7.916  -11.422 1.00 23.78 ? 372 GLU A CD  1 
ATOM   193  O OE1 . GLU A 1 28  ? -11.003 -8.128  -12.610 1.00 25.09 ? 372 GLU A OE1 1 
ATOM   194  O OE2 . GLU A 1 28  ? -12.493 -7.823  -11.033 1.00 24.50 ? 372 GLU A OE2 1 
ATOM   195  N N   . ILE A 1 29  ? -10.310 -3.443  -8.802  1.00 19.69 ? 373 ILE A N   1 
ATOM   196  C CA  . ILE A 1 29  ? -10.875 -2.370  -7.985  1.00 19.74 ? 373 ILE A CA  1 
ATOM   197  C C   . ILE A 1 29  ? -11.187 -1.122  -8.820  1.00 20.34 ? 373 ILE A C   1 
ATOM   198  O O   . ILE A 1 29  ? -12.220 -0.479  -8.624  1.00 20.09 ? 373 ILE A O   1 
ATOM   199  C CB  . ILE A 1 29  ? -9.979  -2.064  -6.758  1.00 19.32 ? 373 ILE A CB  1 
ATOM   200  C CG1 . ILE A 1 29  ? -9.921  -3.292  -5.841  1.00 19.24 ? 373 ILE A CG1 1 
ATOM   201  C CG2 . ILE A 1 29  ? -10.509 -0.879  -5.963  1.00 19.16 ? 373 ILE A CG2 1 
ATOM   202  C CD1 . ILE A 1 29  ? -8.755  -3.317  -4.874  1.00 18.76 ? 373 ILE A CD1 1 
ATOM   203  N N   . GLU A 1 30  ? -10.307 -0.804  -9.769  1.00 20.83 ? 374 GLU A N   1 
ATOM   204  C CA  . GLU A 1 30  ? -10.548 0.272   -10.733 1.00 21.67 ? 374 GLU A CA  1 
ATOM   205  C C   . GLU A 1 30  ? -11.825 0.007   -11.534 1.00 22.60 ? 374 GLU A C   1 
ATOM   206  O O   . GLU A 1 30  ? -12.634 0.914   -11.748 1.00 22.08 ? 374 GLU A O   1 
ATOM   207  C CB  . GLU A 1 30  ? -9.343  0.416   -11.677 1.00 21.64 ? 374 GLU A CB  1 
ATOM   208  C CG  . GLU A 1 30  ? -9.589  1.232   -12.941 1.00 21.75 ? 374 GLU A CG  1 
ATOM   209  C CD  . GLU A 1 30  ? -9.473  2.734   -12.736 1.00 21.98 ? 374 GLU A CD  1 
ATOM   210  O OE1 . GLU A 1 30  ? -10.005 3.479   -13.585 1.00 22.20 ? 374 GLU A OE1 1 
ATOM   211  O OE2 . GLU A 1 30  ? -8.848  3.179   -11.748 1.00 21.50 ? 374 GLU A OE2 1 
ATOM   212  N N   . GLN A 1 31  ? -11.996 -1.248  -11.945 1.00 24.11 ? 375 GLN A N   1 
ATOM   213  C CA  . GLN A 1 31  ? -13.076 -1.661  -12.840 1.00 26.39 ? 375 GLN A CA  1 
ATOM   214  C C   . GLN A 1 31  ? -14.467 -1.630  -12.192 1.00 26.94 ? 375 GLN A C   1 
ATOM   215  O O   . GLN A 1 31  ? -15.436 -1.211  -12.828 1.00 27.88 ? 375 GLN A O   1 
ATOM   216  C CB  . GLN A 1 31  ? -12.771 -3.053  -13.400 1.00 27.47 ? 375 GLN A CB  1 
ATOM   217  C CG  . GLN A 1 31  ? -13.712 -3.541  -14.489 1.00 28.79 ? 375 GLN A CG  1 
ATOM   218  C CD  . GLN A 1 31  ? -13.577 -5.031  -14.725 1.00 30.22 ? 375 GLN A CD  1 
ATOM   219  O OE1 . GLN A 1 31  ? -14.337 -5.829  -14.172 1.00 30.94 ? 375 GLN A OE1 1 
ATOM   220  N NE2 . GLN A 1 31  ? -12.591 -5.418  -15.531 1.00 31.30 ? 375 GLN A NE2 1 
ATOM   221  N N   . ARG A 1 32  ? -14.570 -2.064  -10.937 1.00 27.74 ? 376 ARG A N   1 
ATOM   222  C CA  . ARG A 1 32  ? -15.883 -2.154  -10.280 1.00 27.88 ? 376 ARG A CA  1 
ATOM   223  C C   . ARG A 1 32  ? -15.938 -1.712  -8.808  1.00 27.81 ? 376 ARG A C   1 
ATOM   224  O O   . ARG A 1 32  ? -16.950 -1.922  -8.134  1.00 28.10 ? 376 ARG A O   1 
ATOM   225  C CB  . ARG A 1 32  ? -16.481 -3.560  -10.458 1.00 28.81 ? 376 ARG A CB  1 
ATOM   226  C CG  . ARG A 1 32  ? -15.577 -4.701  -10.024 1.00 29.35 ? 376 ARG A CG  1 
ATOM   227  C CD  . ARG A 1 32  ? -16.100 -6.033  -10.535 1.00 29.81 ? 376 ARG A CD  1 
ATOM   228  N NE  . ARG A 1 32  ? -15.286 -7.153  -10.070 1.00 30.12 ? 376 ARG A NE  1 
ATOM   229  C CZ  . ARG A 1 32  ? -15.534 -7.863  -8.973  1.00 30.22 ? 376 ARG A CZ  1 
ATOM   230  N NH1 . ARG A 1 32  ? -14.732 -8.860  -8.641  1.00 30.94 ? 376 ARG A NH1 1 
ATOM   231  N NH2 . ARG A 1 32  ? -16.580 -7.581  -8.205  1.00 30.73 ? 376 ARG A NH2 1 
ATOM   232  N N   . GLY A 1 33  ? -14.869 -1.086  -8.319  1.00 26.41 ? 377 GLY A N   1 
ATOM   233  C CA  . GLY A 1 33  ? -14.816 -0.632  -6.926  1.00 25.68 ? 377 GLY A CA  1 
ATOM   234  C C   . GLY A 1 33  ? -15.000 0.861   -6.703  1.00 24.99 ? 377 GLY A C   1 
ATOM   235  O O   . GLY A 1 33  ? -15.365 1.287   -5.605  1.00 25.05 ? 377 GLY A O   1 
ATOM   236  N N   . LEU A 1 34  ? -14.755 1.660   -7.741  1.00 24.26 ? 378 LEU A N   1 
ATOM   237  C CA  . LEU A 1 34  ? -14.778 3.125   -7.612  1.00 23.72 ? 378 LEU A CA  1 
ATOM   238  C C   . LEU A 1 34  ? -16.185 3.709   -7.455  1.00 24.00 ? 378 LEU A C   1 
ATOM   239  O O   . LEU A 1 34  ? -16.344 4.900   -7.184  1.00 23.98 ? 378 LEU A O   1 
ATOM   240  C CB  . LEU A 1 34  ? -14.052 3.790   -8.786  1.00 23.20 ? 378 LEU A CB  1 
ATOM   241  C CG  . LEU A 1 34  ? -12.554 3.505   -8.957  1.00 22.88 ? 378 LEU A CG  1 
ATOM   242  C CD1 . LEU A 1 34  ? -12.038 4.161   -10.227 1.00 22.81 ? 378 LEU A CD1 1 
ATOM   243  C CD2 . LEU A 1 34  ? -11.748 3.968   -7.751  1.00 22.41 ? 378 LEU A CD2 1 
ATOM   244  N N   . THR A 1 35  ? -17.196 2.865   -7.619  1.00 24.29 ? 379 THR A N   1 
ATOM   245  C CA  . THR A 1 35  ? -18.580 3.273   -7.402  1.00 24.66 ? 379 THR A CA  1 
ATOM   246  C C   . THR A 1 35  ? -19.053 2.918   -5.987  1.00 25.53 ? 379 THR A C   1 
ATOM   247  O O   . THR A 1 35  ? -20.163 3.282   -5.591  1.00 25.46 ? 379 THR A O   1 
ATOM   248  C CB  . THR A 1 35  ? -19.524 2.651   -8.451  1.00 24.65 ? 379 THR A CB  1 
ATOM   249  O OG1 . THR A 1 35  ? -19.285 1.240   -8.540  1.00 24.51 ? 379 THR A OG1 1 
ATOM   250  C CG2 . THR A 1 35  ? -19.298 3.282   -9.818  1.00 24.58 ? 379 THR A CG2 1 
ATOM   251  N N   . GLU A 1 36  ? -18.198 2.227   -5.228  1.00 25.99 ? 380 GLU A N   1 
ATOM   252  C CA  . GLU A 1 36  ? -18.559 1.702   -3.907  1.00 26.64 ? 380 GLU A CA  1 
ATOM   253  C C   . GLU A 1 36  ? -18.194 2.636   -2.762  1.00 26.55 ? 380 GLU A C   1 
ATOM   254  O O   . GLU A 1 36  ? -17.048 3.075   -2.648  1.00 26.41 ? 380 GLU A O   1 
ATOM   255  C CB  . GLU A 1 36  ? -17.897 0.340   -3.659  1.00 27.60 ? 380 GLU A CB  1 
ATOM   256  C CG  . GLU A 1 36  ? -18.459 -0.815  -4.475  1.00 28.90 ? 380 GLU A CG  1 
ATOM   257  C CD  . GLU A 1 36  ? -19.835 -1.274  -4.017  1.00 29.91 ? 380 GLU A CD  1 
ATOM   258  O OE1 . GLU A 1 36  ? -20.326 -0.803  -2.965  1.00 30.62 ? 380 GLU A OE1 1 
ATOM   259  O OE2 . GLU A 1 36  ? -20.431 -2.119  -4.717  1.00 30.76 ? 380 GLU A OE2 1 
ATOM   260  N N   . THR A 1 37  ? -19.144 2.952   -1.926  1.00 25.79 ? 381 THR A N   1 
ATOM   261  C CA  . THR A 1 37  ? -18.871 3.742   -0.744  1.00 25.58 ? 381 THR A CA  1 
ATOM   262  C C   . THR A 1 37  ? -18.075 2.898   0.271   1.00 24.80 ? 381 THR A C   1 
ATOM   263  O O   . THR A 1 37  ? -18.319 1.754   0.425   1.00 24.78 ? 381 THR A O   1 
ATOM   264  C CB  . THR A 1 37  ? -20.190 4.247   -0.105  1.00 25.88 ? 381 THR A CB  1 
ATOM   265  O OG1 . THR A 1 37  ? -19.926 5.251   0.864   1.00 26.41 ? 381 THR A OG1 1 
ATOM   266  C CG2 . THR A 1 37  ? -20.872 3.153   0.510   1.00 26.24 ? 381 THR A CG2 1 
ATOM   267  N N   . GLY A 1 38  ? -17.114 3.507   0.941   1.00 24.35 ? 382 GLY A N   1 
ATOM   268  C CA  . GLY A 1 38  ? -16.316 2.802   1.908   1.00 23.56 ? 382 GLY A CA  1 
ATOM   269  C C   . GLY A 1 38  ? -15.198 1.885   1.466   1.00 23.21 ? 382 GLY A C   1 
ATOM   270  O O   . GLY A 1 38  ? -14.730 1.074   2.217   1.00 22.91 ? 382 GLY A O   1 
ATOM   271  N N   . LEU A 1 39  ? -14.773 2.048   0.235   1.00 22.89 ? 383 LEU A N   1 
ATOM   272  C CA  . LEU A 1 39  ? -13.777 1.197   -0.325  1.00 22.11 ? 383 LEU A CA  1 
ATOM   273  C C   . LEU A 1 39  ? -12.514 1.278   0.547   1.00 21.54 ? 383 LEU A C   1 
ATOM   274  O O   . LEU A 1 39  ? -12.060 2.292   0.836   1.00 21.63 ? 383 LEU A O   1 
ATOM   275  C CB  . LEU A 1 39  ? -13.478 1.719   -1.708  1.00 20.00 ? 383 LEU A CB  1 
ATOM   276  C CG  . LEU A 1 39  ? -12.808 0.762   -2.641  1.00 20.00 ? 383 LEU A CG  1 
ATOM   277  C CD1 . LEU A 1 39  ? -13.717 -0.352  -3.001  1.00 20.00 ? 383 LEU A CD1 1 
ATOM   278  C CD2 . LEU A 1 39  ? -12.350 1.504   -3.869  1.00 20.00 ? 383 LEU A CD2 1 
ATOM   279  N N   . TYR A 1 40  ? -12.019 0.147   0.956   1.00 21.32 ? 384 TYR A N   1 
ATOM   280  C CA  . TYR A 1 40  ? -10.840 -0.028  1.803   1.00 21.59 ? 384 TYR A CA  1 
ATOM   281  C C   . TYR A 1 40  ? -11.089 0.184   3.281   1.00 22.56 ? 384 TYR A C   1 
ATOM   282  O O   . TYR A 1 40  ? -10.282 -0.170  4.088   1.00 22.47 ? 384 TYR A O   1 
ATOM   283  C CB  . TYR A 1 40  ? -9.670  0.806   1.359   1.00 20.46 ? 384 TYR A CB  1 
ATOM   284  C CG  . TYR A 1 40  ? -9.011  0.314   0.079   1.00 19.82 ? 384 TYR A CG  1 
ATOM   285  C CD1 . TYR A 1 40  ? -8.340  -0.882  0.036   1.00 19.39 ? 384 TYR A CD1 1 
ATOM   286  C CD2 . TYR A 1 40  ? -9.090  1.040   -1.075  1.00 19.34 ? 384 TYR A CD2 1 
ATOM   287  C CE1 . TYR A 1 40  ? -7.782  -1.319  -1.097  1.00 19.07 ? 384 TYR A CE1 1 
ATOM   288  C CE2 . TYR A 1 40  ? -8.511  0.623   -2.209  1.00 18.88 ? 384 TYR A CE2 1 
ATOM   289  C CZ  . TYR A 1 40  ? -7.862  -0.557  -2.234  1.00 18.93 ? 384 TYR A CZ  1 
ATOM   290  O OH  . TYR A 1 40  ? -7.271  -0.978  -3.348  1.00 18.86 ? 384 TYR A OH  1 
ATOM   291  N N   . ARG A 1 41  ? -12.242 0.694   3.609   1.00 23.98 ? 385 ARG A N   1 
ATOM   292  C CA  . ARG A 1 41  ? -12.685 0.777   4.997   1.00 26.22 ? 385 ARG A CA  1 
ATOM   293  C C   . ARG A 1 41  ? -13.508 -0.460  5.348   1.00 26.85 ? 385 ARG A C   1 
ATOM   294  O O   . ARG A 1 41  ? -13.228 -1.134  6.342   1.00 27.07 ? 385 ARG A O   1 
ATOM   295  C CB  . ARG A 1 41  ? -13.483 2.061   5.239   1.00 27.60 ? 385 ARG A CB  1 
ATOM   296  C CG  . ARG A 1 41  ? -13.842 2.313   6.696   1.00 29.05 ? 385 ARG A CG  1 
ATOM   297  C CD  . ARG A 1 41  ? -14.695 3.566   6.854   1.00 30.20 ? 385 ARG A CD  1 
ATOM   298  N NE  . ARG A 1 41  ? -15.821 3.608   5.915   1.00 31.60 ? 385 ARG A NE  1 
ATOM   299  C CZ  . ARG A 1 41  ? -16.962 2.937   6.060   1.00 31.81 ? 385 ARG A CZ  1 
ATOM   300  N NH1 . ARG A 1 41  ? -17.160 2.148   7.111   1.00 32.25 ? 385 ARG A NH1 1 
ATOM   301  N NH2 . ARG A 1 41  ? -17.911 3.052   5.142   1.00 32.39 ? 385 ARG A NH2 1 
ATOM   302  N N   . ILE A 1 42  ? -14.510 -0.755  4.520   1.00 27.42 ? 386 ILE A N   1 
ATOM   303  C CA  . ILE A 1 42  ? -15.344 -1.946  4.670   1.00 28.45 ? 386 ILE A CA  1 
ATOM   304  C C   . ILE A 1 42  ? -14.522 -3.195  4.368   1.00 29.19 ? 386 ILE A C   1 
ATOM   305  O O   . ILE A 1 42  ? -13.923 -3.307  3.300   1.00 29.80 ? 386 ILE A O   1 
ATOM   306  C CB  . ILE A 1 42  ? -16.585 -1.892  3.742   1.00 28.25 ? 386 ILE A CB  1 
ATOM   307  C CG1 . ILE A 1 42  ? -17.509 -0.735  4.144   1.00 28.37 ? 386 ILE A CG1 1 
ATOM   308  C CG2 . ILE A 1 42  ? -17.341 -3.219  3.760   1.00 28.51 ? 386 ILE A CG2 1 
ATOM   309  C CD1 . ILE A 1 42  ? -18.567 -0.388  3.115   1.00 28.07 ? 386 ILE A CD1 1 
ATOM   310  N N   . SER A 1 43  ? -14.487 -4.125  5.316   1.00 30.40 ? 387 SER A N   1 
ATOM   311  C CA  . SER A 1 43  ? -13.737 -5.363  5.135   1.00 31.34 ? 387 SER A CA  1 
ATOM   312  C C   . SER A 1 43  ? -14.570 -6.405  4.396   1.00 32.08 ? 387 SER A C   1 
ATOM   313  O O   . SER A 1 43  ? -15.797 -6.424  4.508   1.00 31.64 ? 387 SER A O   1 
ATOM   314  C CB  . SER A 1 43  ? -13.272 -5.913  6.483   1.00 31.63 ? 387 SER A CB  1 
ATOM   315  O OG  . SER A 1 43  ? -14.376 -6.192  7.323   1.00 32.05 ? 387 SER A OG  1 
ATOM   316  N N   . GLY A 1 44  ? -13.896 -7.260  3.632   1.00 32.62 ? 388 GLY A N   1 
ATOM   317  C CA  . GLY A 1 44  ? -14.549 -8.406  3.003   1.00 34.41 ? 388 GLY A CA  1 
ATOM   318  C C   . GLY A 1 44  ? -14.679 -9.556  3.987   1.00 35.96 ? 388 GLY A C   1 
ATOM   319  O O   . GLY A 1 44  ? -14.170 -9.479  5.111   1.00 36.61 ? 388 GLY A O   1 
ATOM   320  N N   . CYS A 1 45  ? -15.360 -10.620 3.567   1.00 36.99 ? 389 CYS A N   1 
ATOM   321  C CA  . CYS A 1 45  ? -15.505 -11.827 4.382   1.00 37.88 ? 389 CYS A CA  1 
ATOM   322  C C   . CYS A 1 45  ? -14.137 -12.444 4.660   1.00 37.35 ? 389 CYS A C   1 
ATOM   323  O O   . CYS A 1 45  ? -13.403 -12.779 3.729   1.00 37.45 ? 389 CYS A O   1 
ATOM   324  C CB  . CYS A 1 45  ? -16.418 -12.843 3.684   1.00 39.03 ? 389 CYS A CB  1 
ATOM   325  S SG  . CYS A 1 45  ? -16.483 -14.472 4.475   1.00 41.86 ? 389 CYS A SG  1 
ATOM   326  N N   . ASP A 1 46  ? -13.807 -12.586 5.944   1.00 36.82 ? 390 ASP A N   1 
ATOM   327  C CA  . ASP A 1 46  ? -12.495 -13.084 6.370   1.00 36.91 ? 390 ASP A CA  1 
ATOM   328  C C   . ASP A 1 46  ? -12.134 -14.437 5.761   1.00 36.69 ? 390 ASP A C   1 
ATOM   329  O O   . ASP A 1 46  ? -10.967 -14.688 5.453   1.00 36.08 ? 390 ASP A O   1 
ATOM   330  C CB  . ASP A 1 46  ? -12.410 -13.159 7.898   1.00 37.38 ? 390 ASP A CB  1 
ATOM   331  C CG  . ASP A 1 46  ? -12.220 -11.799 8.542   1.00 37.91 ? 390 ASP A CG  1 
ATOM   332  O OD1 . ASP A 1 46  ? -11.249 -11.096 8.185   1.00 38.51 ? 390 ASP A OD1 1 
ATOM   333  O OD2 . ASP A 1 46  ? -13.035 -11.439 9.416   1.00 37.39 ? 390 ASP A OD2 1 
ATOM   334  N N   . ARG A 1 47  ? -13.142 -15.293 5.596   1.00 36.72 ? 391 ARG A N   1 
ATOM   335  C CA  . ARG A 1 47  ? -12.964 -16.615 4.998   1.00 37.30 ? 391 ARG A CA  1 
ATOM   336  C C   . ARG A 1 47  ? -12.581 -16.524 3.517   1.00 36.90 ? 391 ARG A C   1 
ATOM   337  O O   . ARG A 1 47  ? -11.663 -17.215 3.068   1.00 37.30 ? 391 ARG A O   1 
ATOM   338  C CB  . ARG A 1 47  ? -14.230 -17.460 5.174   1.00 38.29 ? 391 ARG A CB  1 
ATOM   339  C CG  . ARG A 1 47  ? -14.071 -18.909 4.742   1.00 39.21 ? 391 ARG A CG  1 
ATOM   340  C CD  . ARG A 1 47  ? -15.415 -19.577 4.507   1.00 40.42 ? 391 ARG A CD  1 
ATOM   341  N NE  . ARG A 1 47  ? -16.009 -20.079 5.744   1.00 41.17 ? 391 ARG A NE  1 
ATOM   342  C CZ  . ARG A 1 47  ? -15.809 -21.299 6.236   1.00 41.63 ? 391 ARG A CZ  1 
ATOM   343  N NH1 . ARG A 1 47  ? -16.400 -21.660 7.366   1.00 42.12 ? 391 ARG A NH1 1 
ATOM   344  N NH2 . ARG A 1 47  ? -15.018 -22.161 5.607   1.00 41.51 ? 391 ARG A NH2 1 
ATOM   345  N N   . THR A 1 48  ? -13.287 -15.672 2.773   1.00 36.01 ? 392 THR A N   1 
ATOM   346  C CA  . THR A 1 48  ? -13.020 -15.457 1.348   1.00 35.91 ? 392 THR A CA  1 
ATOM   347  C C   . THR A 1 48  ? -11.609 -14.910 1.124   1.00 35.72 ? 392 THR A C   1 
ATOM   348  O O   . THR A 1 48  ? -10.901 -15.354 0.219   1.00 35.63 ? 392 THR A O   1 
ATOM   349  C CB  . THR A 1 48  ? -14.044 -14.489 0.718   1.00 35.96 ? 392 THR A CB  1 
ATOM   350  O OG1 . THR A 1 48  ? -15.370 -14.860 1.115   1.00 36.32 ? 392 THR A OG1 1 
ATOM   351  C CG2 . THR A 1 48  ? -13.950 -14.509 -0.806  1.00 35.80 ? 392 THR A CG2 1 
ATOM   352  N N   . VAL A 1 49  ? -11.217 -13.951 1.963   1.00 34.99 ? 393 VAL A N   1 
ATOM   353  C CA  . VAL A 1 49  ? -9.906  -13.312 1.885   1.00 34.61 ? 393 VAL A CA  1 
ATOM   354  C C   . VAL A 1 49  ? -8.784  -14.311 2.190   1.00 35.07 ? 393 VAL A C   1 
ATOM   355  O O   . VAL A 1 49  ? -7.787  -14.367 1.466   1.00 34.57 ? 393 VAL A O   1 
ATOM   356  C CB  . VAL A 1 49  ? -9.824  -12.085 2.824   1.00 33.85 ? 393 VAL A CB  1 
ATOM   357  C CG1 . VAL A 1 49  ? -8.452  -11.429 2.758   1.00 33.43 ? 393 VAL A CG1 1 
ATOM   358  C CG2 . VAL A 1 49  ? -10.904 -11.073 2.471   1.00 32.76 ? 393 VAL A CG2 1 
ATOM   359  N N   . LYS A 1 50  ? -8.964  -15.102 3.249   1.00 35.58 ? 394 LYS A N   1 
ATOM   360  C CA  . LYS A 1 50  ? -7.967  -16.092 3.665   1.00 35.88 ? 394 LYS A CA  1 
ATOM   361  C C   . LYS A 1 50  ? -7.787  -17.203 2.626   1.00 35.69 ? 394 LYS A C   1 
ATOM   362  O O   . LYS A 1 50  ? -6.665  -17.646 2.381   1.00 36.34 ? 394 LYS A O   1 
ATOM   363  C CB  . LYS A 1 50  ? -8.320  -16.683 5.037   1.00 36.37 ? 394 LYS A CB  1 
ATOM   364  C CG  . LYS A 1 50  ? -7.209  -17.512 5.666   1.00 37.36 ? 394 LYS A CG  1 
ATOM   365  C CD  . LYS A 1 50  ? -7.480  -17.819 7.130   1.00 37.73 ? 394 LYS A CD  1 
ATOM   366  C CE  . LYS A 1 50  ? -6.350  -18.644 7.729   1.00 38.39 ? 394 LYS A CE  1 
ATOM   367  N NZ  . LYS A 1 50  ? -6.397  -18.690 9.216   1.00 38.41 ? 394 LYS A NZ  1 
ATOM   368  N N   . GLU A 1 51  ? -8.891  -17.642 2.026   1.00 35.91 ? 395 GLU A N   1 
ATOM   369  C CA  . GLU A 1 51  ? -8.861  -18.688 1.000   1.00 36.01 ? 395 GLU A CA  1 
ATOM   370  C C   . GLU A 1 51  ? -8.171  -18.219 -0.281  1.00 35.13 ? 395 GLU A C   1 
ATOM   371  O O   . GLU A 1 51  ? -7.390  -18.964 -0.874  1.00 35.63 ? 395 GLU A O   1 
ATOM   372  C CB  . GLU A 1 51  ? -10.274 -19.201 0.699   1.00 36.63 ? 395 GLU A CB  1 
ATOM   373  C CG  . GLU A 1 51  ? -10.811 -20.178 1.738   1.00 37.53 ? 395 GLU A CG  1 
ATOM   374  C CD  . GLU A 1 51  ? -12.217 -20.669 1.428   1.00 38.07 ? 395 GLU A CD  1 
ATOM   375  O OE1 . GLU A 1 51  ? -12.966 -20.958 2.387   1.00 38.40 ? 395 GLU A OE1 1 
ATOM   376  O OE2 . GLU A 1 51  ? -12.577 -20.769 0.235   1.00 38.52 ? 395 GLU A OE2 1 
ATOM   377  N N   . LEU A 1 52  ? -8.463  -16.986 -0.696  1.00 34.46 ? 396 LEU A N   1 
ATOM   378  C CA  . LEU A 1 52  ? -7.801  -16.376 -1.848  1.00 34.04 ? 396 LEU A CA  1 
ATOM   379  C C   . LEU A 1 52  ? -6.300  -16.226 -1.607  1.00 33.87 ? 396 LEU A C   1 
ATOM   380  O O   . LEU A 1 52  ? -5.494  -16.480 -2.503  1.00 33.50 ? 396 LEU A O   1 
ATOM   381  C CB  . LEU A 1 52  ? -8.424  -15.016 -2.182  1.00 33.77 ? 396 LEU A CB  1 
ATOM   382  C CG  . LEU A 1 52  ? -9.780  -14.991 -2.899  1.00 33.94 ? 396 LEU A CG  1 
ATOM   383  C CD1 . LEU A 1 52  ? -10.445 -13.633 -2.737  1.00 33.61 ? 396 LEU A CD1 1 
ATOM   384  C CD2 . LEU A 1 52  ? -9.645  -15.352 -4.373  1.00 33.70 ? 396 LEU A CD2 1 
ATOM   385  N N   . LYS A 1 53  ? -5.939  -15.830 -0.388  1.00 34.08 ? 397 LYS A N   1 
ATOM   386  C CA  . LYS A 1 53  ? -4.542  -15.655 0.000   1.00 34.68 ? 397 LYS A CA  1 
ATOM   387  C C   . LYS A 1 53  ? -3.796  -16.991 0.103   1.00 35.37 ? 397 LYS A C   1 
ATOM   388  O O   . LYS A 1 53  ? -2.653  -17.096 -0.346  1.00 35.04 ? 397 LYS A O   1 
ATOM   389  C CB  . LYS A 1 53  ? -4.442  -14.888 1.322   1.00 34.75 ? 397 LYS A CB  1 
ATOM   390  C CG  . LYS A 1 53  ? -3.065  -14.311 1.603   1.00 34.78 ? 397 LYS A CG  1 
ATOM   391  C CD  . LYS A 1 53  ? -2.898  -13.964 3.073   1.00 34.82 ? 397 LYS A CD  1 
ATOM   392  C CE  . LYS A 1 53  ? -1.447  -13.646 3.386   1.00 34.53 ? 397 LYS A CE  1 
ATOM   393  N NZ  . LYS A 1 53  ? -1.197  -13.526 4.848   1.00 34.91 ? 397 LYS A NZ  1 
ATOM   394  N N   . GLU A 1 54  ? -4.444  -17.995 0.696   1.00 36.28 ? 398 GLU A N   1 
ATOM   395  C CA  . GLU A 1 54  ? -3.855  -19.333 0.843   1.00 37.02 ? 398 GLU A CA  1 
ATOM   396  C C   . GLU A 1 54  ? -3.542  -19.948 -0.521  1.00 37.10 ? 398 GLU A C   1 
ATOM   397  O O   . GLU A 1 54  ? -2.462  -20.505 -0.724  1.00 37.92 ? 398 GLU A O   1 
ATOM   398  C CB  . GLU A 1 54  ? -4.783  -20.254 1.648   1.00 37.63 ? 398 GLU A CB  1 
ATOM   399  C CG  . GLU A 1 54  ? -4.154  -21.573 2.100   1.00 38.68 ? 398 GLU A CG  1 
ATOM   400  C CD  . GLU A 1 54  ? -4.101  -22.633 1.005   1.00 39.39 ? 398 GLU A CD  1 
ATOM   401  O OE1 . GLU A 1 54  ? -5.065  -22.744 0.214   1.00 39.62 ? 398 GLU A OE1 1 
ATOM   402  O OE2 . GLU A 1 54  ? -3.090  -23.362 0.938   1.00 39.61 ? 398 GLU A OE2 1 
ATOM   403  N N   . LYS A 1 55  ? -4.495  -19.840 -1.443  1.00 36.81 ? 399 LYS A N   1 
ATOM   404  C CA  . LYS A 1 55  ? -4.337  -20.353 -2.802  1.00 37.14 ? 399 LYS A CA  1 
ATOM   405  C C   . LYS A 1 55  ? -3.246  -19.605 -3.574  1.00 36.43 ? 399 LYS A C   1 
ATOM   406  O O   . LYS A 1 55  ? -2.483  -20.213 -4.324  1.00 36.58 ? 399 LYS A O   1 
ATOM   407  C CB  . LYS A 1 55  ? -5.673  -20.302 -3.546  1.00 37.69 ? 399 LYS A CB  1 
ATOM   408  C CG  . LYS A 1 55  ? -6.614  -21.449 -3.195  1.00 38.61 ? 399 LYS A CG  1 
ATOM   409  C CD  . LYS A 1 55  ? -8.086  -21.096 -3.380  1.00 39.44 ? 399 LYS A CD  1 
ATOM   410  C CE  . LYS A 1 55  ? -8.496  -20.974 -4.843  1.00 40.31 ? 399 LYS A CE  1 
ATOM   411  N NZ  . LYS A 1 55  ? -8.246  -19.611 -5.394  1.00 41.51 ? 399 LYS A NZ  1 
ATOM   412  N N   . PHE A 1 56  ? -3.172  -18.291 -3.374  1.00 35.63 ? 400 PHE A N   1 
ATOM   413  C CA  . PHE A 1 56  ? -2.133  -17.472 -3.997  1.00 34.82 ? 400 PHE A CA  1 
ATOM   414  C C   . PHE A 1 56  ? -0.728  -17.854 -3.526  1.00 35.21 ? 400 PHE A C   1 
ATOM   415  O O   . PHE A 1 56  ? 0.187   -17.985 -4.340  1.00 35.70 ? 400 PHE A O   1 
ATOM   416  C CB  . PHE A 1 56  ? -2.398  -15.975 -3.766  1.00 33.90 ? 400 PHE A CB  1 
ATOM   417  C CG  . PHE A 1 56  ? -1.212  -15.097 -4.060  1.00 33.11 ? 400 PHE A CG  1 
ATOM   418  C CD1 . PHE A 1 56  ? -0.478  -14.527 -3.024  1.00 32.93 ? 400 PHE A CD1 1 
ATOM   419  C CD2 . PHE A 1 56  ? -0.815  -14.853 -5.373  1.00 32.94 ? 400 PHE A CD2 1 
ATOM   420  C CE1 . PHE A 1 56  ? 0.621   -13.724 -3.291  1.00 32.58 ? 400 PHE A CE1 1 
ATOM   421  C CE2 . PHE A 1 56  ? 0.283   -14.051 -5.644  1.00 32.71 ? 400 PHE A CE2 1 
ATOM   422  C CZ  . PHE A 1 56  ? 1.001   -13.487 -4.602  1.00 32.29 ? 400 PHE A CZ  1 
ATOM   423  N N   . LEU A 1 57  ? -0.562  -18.034 -2.217  1.00 35.51 ? 401 LEU A N   1 
ATOM   424  C CA  . LEU A 1 57  ? 0.749   -18.339 -1.638  1.00 35.94 ? 401 LEU A CA  1 
ATOM   425  C C   . LEU A 1 57  ? 1.210   -19.773 -1.907  1.00 36.53 ? 401 LEU A C   1 
ATOM   426  O O   . LEU A 1 57  ? 2.409   -20.033 -2.025  1.00 35.81 ? 401 LEU A O   1 
ATOM   427  C CB  . LEU A 1 57  ? 0.758   -18.050 -0.133  1.00 36.02 ? 401 LEU A CB  1 
ATOM   428  C CG  . LEU A 1 57  ? 0.636   -16.586 0.310   1.00 35.57 ? 401 LEU A CG  1 
ATOM   429  C CD1 . LEU A 1 57  ? 0.527   -16.503 1.825   1.00 35.20 ? 401 LEU A CD1 1 
ATOM   430  C CD2 . LEU A 1 57  ? 1.801   -15.746 -0.195  1.00 35.23 ? 401 LEU A CD2 1 
ATOM   431  N N   . ARG A 1 58  ? 0.250   -20.690 -2.005  1.00 38.11 ? 402 ARG A N   1 
ATOM   432  C CA  . ARG A 1 58  ? 0.535   -22.105 -2.237  1.00 39.25 ? 402 ARG A CA  1 
ATOM   433  C C   . ARG A 1 58  ? 0.934   -22.362 -3.693  1.00 39.65 ? 402 ARG A C   1 
ATOM   434  O O   . ARG A 1 58  ? 1.958   -22.995 -3.960  1.00 39.12 ? 402 ARG A O   1 
ATOM   435  C CB  . ARG A 1 58  ? -0.678  -22.957 -1.835  1.00 40.70 ? 402 ARG A CB  1 
ATOM   436  C CG  . ARG A 1 58  ? -0.434  -24.460 -1.735  1.00 41.94 ? 402 ARG A CG  1 
ATOM   437  C CD  . ARG A 1 58  ? -0.863  -25.212 -2.996  1.00 43.13 ? 402 ARG A CD  1 
ATOM   438  N NE  . ARG A 1 58  ? -2.289  -25.103 -3.341  1.00 43.85 ? 402 ARG A NE  1 
ATOM   439  C CZ  . ARG A 1 58  ? -3.314  -25.143 -2.488  1.00 44.03 ? 402 ARG A CZ  1 
ATOM   440  N NH1 . ARG A 1 58  ? -3.121  -25.304 -1.184  1.00 44.34 ? 402 ARG A NH1 1 
ATOM   441  N NH2 . ARG A 1 58  ? -4.552  -25.029 -2.950  1.00 44.39 ? 402 ARG A NH2 1 
ATOM   442  N N   . VAL A 1 59  ? 0.128   -21.857 -4.623  1.00 40.34 ? 403 VAL A N   1 
ATOM   443  C CA  . VAL A 1 59  ? 0.316   -22.126 -6.050  1.00 41.27 ? 403 VAL A CA  1 
ATOM   444  C C   . VAL A 1 59  ? 1.274   -21.128 -6.712  1.00 42.09 ? 403 VAL A C   1 
ATOM   445  O O   . VAL A 1 59  ? 1.877   -21.432 -7.745  1.00 42.30 ? 403 VAL A O   1 
ATOM   446  C CB  . VAL A 1 59  ? -1.034  -22.156 -6.807  1.00 41.18 ? 403 VAL A CB  1 
ATOM   447  C CG1 . VAL A 1 59  ? -0.841  -22.659 -8.227  1.00 41.42 ? 403 VAL A CG1 1 
ATOM   448  C CG2 . VAL A 1 59  ? -2.041  -23.043 -6.085  1.00 40.94 ? 403 VAL A CG2 1 
ATOM   449  N N   . LYS A 1 60  ? 1.412   -19.951 -6.101  1.00 42.76 ? 404 LYS A N   1 
ATOM   450  C CA  . LYS A 1 60  ? 2.265   -18.865 -6.608  1.00 43.91 ? 404 LYS A CA  1 
ATOM   451  C C   . LYS A 1 60  ? 1.682   -18.196 -7.860  1.00 44.44 ? 404 LYS A C   1 
ATOM   452  O O   . LYS A 1 60  ? 2.421   -17.745 -8.739  1.00 45.30 ? 404 LYS A O   1 
ATOM   453  C CB  . LYS A 1 60  ? 3.709   -19.347 -6.843  1.00 44.85 ? 404 LYS A CB  1 
ATOM   454  C CG  . LYS A 1 60  ? 4.779   -18.271 -6.687  1.00 45.62 ? 404 LYS A CG  1 
ATOM   455  C CD  . LYS A 1 60  ? 5.251   -18.113 -5.246  1.00 46.43 ? 404 LYS A CD  1 
ATOM   456  C CE  . LYS A 1 60  ? 6.438   -19.014 -4.925  1.00 46.78 ? 404 LYS A CE  1 
ATOM   457  N NZ  . LYS A 1 60  ? 6.071   -20.454 -4.808  1.00 47.16 ? 404 LYS A NZ  1 
ATOM   458  N N   . THR A 1 61  ? 0.353   -18.133 -7.930  1.00 44.10 ? 405 THR A N   1 
ATOM   459  C CA  . THR A 1 61  ? -0.346  -17.435 -9.015  1.00 43.62 ? 405 THR A CA  1 
ATOM   460  C C   . THR A 1 61  ? -1.675  -16.829 -8.554  1.00 43.43 ? 405 THR A C   1 
ATOM   461  O O   . THR A 1 61  ? -2.325  -17.349 -7.641  1.00 43.27 ? 405 THR A O   1 
ATOM   462  C CB  . THR A 1 61  ? -0.549  -18.328 -10.267 1.00 43.70 ? 405 THR A CB  1 
ATOM   463  O OG1 . THR A 1 61  ? -1.192  -17.572 -11.300 1.00 44.62 ? 405 THR A OG1 1 
ATOM   464  C CG2 . THR A 1 61  ? -1.389  -19.560 -9.954  1.00 42.95 ? 405 THR A CG2 1 
ATOM   465  N N   . VAL A 1 62  ? -2.064  -15.730 -9.196  1.00 42.70 ? 406 VAL A N   1 
ATOM   466  C CA  . VAL A 1 62  ? -3.262  -14.976 -8.823  1.00 42.38 ? 406 VAL A CA  1 
ATOM   467  C C   . VAL A 1 62  ? -4.532  -15.681 -9.302  1.00 42.36 ? 406 VAL A C   1 
ATOM   468  O O   . VAL A 1 62  ? -4.666  -15.970 -10.495 1.00 43.08 ? 406 VAL A O   1 
ATOM   469  C CB  . VAL A 1 62  ? -3.233  -13.537 -9.393  1.00 41.88 ? 406 VAL A CB  1 
ATOM   470  C CG1 . VAL A 1 62  ? -4.312  -12.679 -8.745  1.00 41.35 ? 406 VAL A CG1 1 
ATOM   471  C CG2 . VAL A 1 62  ? -1.863  -12.902 -9.196  1.00 41.09 ? 406 VAL A CG2 1 
ATOM   472  N N   . PRO A 1 63  ? -5.468  -15.964 -8.374  1.00 42.62 ? 407 PRO A N   1 
ATOM   473  C CA  . PRO A 1 63  ? -6.770  -16.525 -8.744  1.00 41.94 ? 407 PRO A CA  1 
ATOM   474  C C   . PRO A 1 63  ? -7.605  -15.526 -9.542  1.00 41.51 ? 407 PRO A C   1 
ATOM   475  O O   . PRO A 1 63  ? -7.372  -14.317 -9.452  1.00 40.65 ? 407 PRO A O   1 
ATOM   476  C CB  . PRO A 1 63  ? -7.433  -16.803 -7.390  1.00 42.47 ? 407 PRO A CB  1 
ATOM   477  C CG  . PRO A 1 63  ? -6.306  -16.884 -6.414  1.00 42.73 ? 407 PRO A CG  1 
ATOM   478  C CD  . PRO A 1 63  ? -5.307  -15.886 -6.911  1.00 42.54 ? 407 PRO A CD  1 
ATOM   479  N N   . LEU A 1 64  ? -8.559  -16.034 -10.320 1.00 41.07 ? 408 LEU A N   1 
ATOM   480  C CA  . LEU A 1 64  ? -9.447  -15.185 -11.115 1.00 40.73 ? 408 LEU A CA  1 
ATOM   481  C C   . LEU A 1 64  ? -10.304 -14.310 -10.200 1.00 40.06 ? 408 LEU A C   1 
ATOM   482  O O   . LEU A 1 64  ? -11.287 -14.772 -9.614  1.00 40.27 ? 408 LEU A O   1 
ATOM   483  C CB  . LEU A 1 64  ? -10.320 -16.033 -12.054 1.00 41.12 ? 408 LEU A CB  1 
ATOM   484  C CG  . LEU A 1 64  ? -11.069 -15.324 -13.192 1.00 41.44 ? 408 LEU A CG  1 
ATOM   485  C CD1 . LEU A 1 64  ? -10.110 -14.692 -14.193 1.00 41.49 ? 408 LEU A CD1 1 
ATOM   486  C CD2 . LEU A 1 64  ? -12.012 -16.285 -13.901 1.00 41.53 ? 408 LEU A CD2 1 
ATOM   487  N N   . LEU A 1 65  ? -9.910  -13.046 -10.094 1.00 39.35 ? 409 LEU A N   1 
ATOM   488  C CA  . LEU A 1 65  ? -10.542 -12.087 -9.199  1.00 38.67 ? 409 LEU A CA  1 
ATOM   489  C C   . LEU A 1 65  ? -11.889 -11.634 -9.639  1.00 38.65 ? 409 LEU A C   1 
ATOM   490  O O   . LEU A 1 65  ? -12.613 -11.108 -8.893  1.00 38.88 ? 409 LEU A O   1 
ATOM   491  C CB  . LEU A 1 65  ? -9.645  -10.878 -8.914  1.00 20.00 ? 409 LEU A CB  1 
ATOM   492  C CG  . LEU A 1 65  ? -8.259  -10.984 -8.295  1.00 20.00 ? 409 LEU A CG  1 
ATOM   493  C CD1 . LEU A 1 65  ? -7.767  -9.642  -7.909  1.00 20.00 ? 409 LEU A CD1 1 
ATOM   494  C CD2 . LEU A 1 65  ? -8.201  -11.919 -7.154  1.00 20.00 ? 409 LEU A CD2 1 
ATOM   495  N N   . SER A 1 66  ? -12.166 -11.765 -10.912 1.00 39.16 ? 410 SER A N   1 
ATOM   496  C CA  . SER A 1 66  ? -13.449 -11.363 -11.492 1.00 39.48 ? 410 SER A CA  1 
ATOM   497  C C   . SER A 1 66  ? -14.598 -12.248 -11.005 1.00 39.72 ? 410 SER A C   1 
ATOM   498  O O   . SER A 1 66  ? -15.763 -11.845 -11.054 1.00 39.77 ? 410 SER A O   1 
ATOM   499  C CB  . SER A 1 66  ? -13.378 -11.370 -13.023 1.00 40.03 ? 410 SER A CB  1 
ATOM   500  O OG  . SER A 1 66  ? -12.996 -12.644 -13.514 1.00 39.74 ? 410 SER A OG  1 
ATOM   501  N N   . LYS A 1 67  ? -14.255 -13.447 -10.531 1.00 40.03 ? 411 LYS A N   1 
ATOM   502  C CA  . LYS A 1 67  ? -15.233 -14.407 -10.016 1.00 40.23 ? 411 LYS A CA  1 
ATOM   503  C C   . LYS A 1 67  ? -15.861 -13.978 -8.691  1.00 39.77 ? 411 LYS A C   1 
ATOM   504  O O   . LYS A 1 67  ? -17.024 -14.285 -8.430  1.00 40.20 ? 411 LYS A O   1 
ATOM   505  C CB  . LYS A 1 67  ? -14.594 -15.788 -9.851  1.00 40.99 ? 411 LYS A CB  1 
ATOM   506  C CG  . LYS A 1 67  ? -14.525 -16.613 -11.127 1.00 41.21 ? 411 LYS A CG  1 
ATOM   507  C CD  . LYS A 1 67  ? -13.769 -17.917 -10.908 1.00 42.01 ? 411 LYS A CD  1 
ATOM   508  C CE  . LYS A 1 67  ? -14.592 -18.941 -10.137 1.00 42.18 ? 411 LYS A CE  1 
ATOM   509  N NZ  . LYS A 1 67  ? -13.760 -20.095 -9.697  1.00 42.13 ? 411 LYS A NZ  1 
ATOM   510  N N   . VAL A 1 68  ? -15.092 -13.276 -7.859  1.00 38.82 ? 412 VAL A N   1 
ATOM   511  C CA  . VAL A 1 68  ? -15.570 -12.893 -6.527  1.00 37.38 ? 412 VAL A CA  1 
ATOM   512  C C   . VAL A 1 68  ? -16.536 -11.707 -6.598  1.00 36.77 ? 412 VAL A C   1 
ATOM   513  O O   . VAL A 1 68  ? -16.236 -10.684 -7.220  1.00 37.05 ? 412 VAL A O   1 
ATOM   514  C CB  . VAL A 1 68  ? -14.413 -12.648 -5.518  1.00 37.62 ? 412 VAL A CB  1 
ATOM   515  C CG1 . VAL A 1 68  ? -13.304 -13.675 -5.704  1.00 37.68 ? 412 VAL A CG1 1 
ATOM   516  C CG2 . VAL A 1 68  ? -13.853 -11.242 -5.638  1.00 36.90 ? 412 VAL A CG2 1 
ATOM   517  N N   . ASP A 1 69  ? -17.701 -11.865 -5.973  1.00 35.42 ? 413 ASP A N   1 
ATOM   518  C CA  . ASP A 1 69  ? -18.769 -10.865 -6.043  1.00 34.47 ? 413 ASP A CA  1 
ATOM   519  C C   . ASP A 1 69  ? -18.476 -9.606  -5.229  1.00 32.95 ? 413 ASP A C   1 
ATOM   520  O O   . ASP A 1 69  ? -18.717 -8.492  -5.698  1.00 32.54 ? 413 ASP A O   1 
ATOM   521  C CB  . ASP A 1 69  ? -20.109 -11.475 -5.613  1.00 35.09 ? 413 ASP A CB  1 
ATOM   522  C CG  . ASP A 1 69  ? -20.615 -12.532 -6.585  1.00 35.61 ? 413 ASP A CG  1 
ATOM   523  O OD1 . ASP A 1 69  ? -20.174 -12.545 -7.756  1.00 36.08 ? 413 ASP A OD1 1 
ATOM   524  O OD2 . ASP A 1 69  ? -21.463 -13.352 -6.176  1.00 35.67 ? 413 ASP A OD2 1 
ATOM   525  N N   . ASP A 1 70  ? -17.962 -9.791  -4.016  1.00 31.23 ? 414 ASP A N   1 
ATOM   526  C CA  . ASP A 1 70  ? -17.680 -8.678  -3.115  1.00 29.19 ? 414 ASP A CA  1 
ATOM   527  C C   . ASP A 1 70  ? -16.325 -8.049  -3.438  1.00 27.44 ? 414 ASP A C   1 
ATOM   528  O O   . ASP A 1 70  ? -15.275 -8.663  -3.224  1.00 26.60 ? 414 ASP A O   1 
ATOM   529  C CB  . ASP A 1 70  ? -17.727 -9.144  -1.655  1.00 29.88 ? 414 ASP A CB  1 
ATOM   530  C CG  . ASP A 1 70  ? -17.825 -7.988  -0.662  1.00 30.41 ? 414 ASP A CG  1 
ATOM   531  O OD1 . ASP A 1 70  ? -17.858 -6.809  -1.078  1.00 30.42 ? 414 ASP A OD1 1 
ATOM   532  O OD2 . ASP A 1 70  ? -17.873 -8.267  0.554   1.00 31.07 ? 414 ASP A OD2 1 
ATOM   533  N N   . ILE A 1 71  ? -16.364 -6.819  -3.945  1.00 25.66 ? 415 ILE A N   1 
ATOM   534  C CA  . ILE A 1 71  ? -15.146 -6.085  -4.292  1.00 24.76 ? 415 ILE A CA  1 
ATOM   535  C C   . ILE A 1 71  ? -14.305 -5.754  -3.050  1.00 23.88 ? 415 ILE A C   1 
ATOM   536  O O   . ILE A 1 71  ? -13.086 -5.600  -3.143  1.00 23.27 ? 415 ILE A O   1 
ATOM   537  C CB  . ILE A 1 71  ? -15.453 -4.813  -5.131  1.00 24.76 ? 415 ILE A CB  1 
ATOM   538  C CG1 . ILE A 1 71  ? -14.176 -4.229  -5.754  1.00 24.73 ? 415 ILE A CG1 1 
ATOM   539  C CG2 . ILE A 1 71  ? -16.181 -3.760  -4.305  1.00 25.27 ? 415 ILE A CG2 1 
ATOM   540  C CD1 . ILE A 1 71  ? -13.445 -5.168  -6.690  1.00 25.14 ? 415 ILE A CD1 1 
ATOM   541  N N   . HIS A 1 72  ? -14.964 -5.671  -1.895  1.00 22.79 ? 416 HIS A N   1 
ATOM   542  C CA  . HIS A 1 72  ? -14.295 -5.383  -0.629  1.00 22.36 ? 416 HIS A CA  1 
ATOM   543  C C   . HIS A 1 72  ? -13.358 -6.484  -0.202  1.00 21.99 ? 416 HIS A C   1 
ATOM   544  O O   . HIS A 1 72  ? -12.361 -6.225  0.482   1.00 22.04 ? 416 HIS A O   1 
ATOM   545  C CB  . HIS A 1 72  ? -15.313 -5.079  0.468   1.00 22.44 ? 416 HIS A CB  1 
ATOM   546  C CG  . HIS A 1 72  ? -16.177 -3.870  0.183   1.00 22.51 ? 416 HIS A CG  1 
ATOM   547  N ND1 . HIS A 1 72  ? -15.669 -2.629  0.049   1.00 22.71 ? 416 HIS A ND1 1 
ATOM   548  C CD2 . HIS A 1 72  ? -17.556 -3.749  0.015   1.00 22.76 ? 416 HIS A CD2 1 
ATOM   549  C CE1 . HIS A 1 72  ? -16.666 -1.759  -0.194  1.00 22.75 ? 416 HIS A CE1 1 
ATOM   550  N NE2 . HIS A 1 72  ? -17.821 -2.445  -0.216  1.00 22.58 ? 416 HIS A NE2 1 
ATOM   551  N N   . ALA A 1 73  ? -13.663 -7.718  -0.604  1.00 21.13 ? 417 ALA A N   1 
ATOM   552  C CA  . ALA A 1 73  ? -12.757 -8.849  -0.386  1.00 20.85 ? 417 ALA A CA  1 
ATOM   553  C C   . ALA A 1 73  ? -11.444 -8.667  -1.157  1.00 20.44 ? 417 ALA A C   1 
ATOM   554  O O   . ALA A 1 73  ? -10.380 -9.050  -0.674  1.00 20.32 ? 417 ALA A O   1 
ATOM   555  C CB  . ALA A 1 73  ? -13.426 -10.162 -0.767  1.00 20.49 ? 417 ALA A CB  1 
ATOM   556  N N   . ILE A 1 74  ? -11.530 -8.081  -2.352  1.00 20.05 ? 418 ILE A N   1 
ATOM   557  C CA  . ILE A 1 74  ? -10.337 -7.776  -3.154  1.00 19.52 ? 418 ILE A CA  1 
ATOM   558  C C   . ILE A 1 74  ? -9.508  -6.673  -2.495  1.00 18.98 ? 418 ILE A C   1 
ATOM   559  O O   . ILE A 1 74  ? -8.278  -6.774  -2.416  1.00 18.45 ? 418 ILE A O   1 
ATOM   560  C CB  . ILE A 1 74  ? -10.702 -7.415  -4.618  1.00 19.87 ? 418 ILE A CB  1 
ATOM   561  C CG1 . ILE A 1 74  ? -11.427 -8.588  -5.293  1.00 20.16 ? 418 ILE A CG1 1 
ATOM   562  C CG2 . ILE A 1 74  ? -9.467  -7.015  -5.418  1.00 19.52 ? 418 ILE A CG2 1 
ATOM   563  C CD1 . ILE A 1 74  ? -10.683 -9.911  -5.234  1.00 20.42 ? 418 ILE A CD1 1 
ATOM   564  N N   . CYS A 1 75  ? -10.188 -5.631  -2.020  1.00 18.44 ? 419 CYS A N   1 
ATOM   565  C CA  . CYS A 1 75  ? -9.553  -4.577  -1.229  1.00 18.23 ? 419 CYS A CA  1 
ATOM   566  C C   . CYS A 1 75  ? -8.844  -5.161  -0.008  1.00 17.95 ? 419 CYS A C   1 
ATOM   567  O O   . CYS A 1 75  ? -7.698  -4.808  0.276   1.00 17.50 ? 419 CYS A O   1 
ATOM   568  C CB  . CYS A 1 75  ? -10.583 -3.537  -0.786  1.00 18.17 ? 419 CYS A CB  1 
ATOM   569  S SG  . CYS A 1 75  ? -11.286 -2.546  -2.122  1.00 18.52 ? 419 CYS A SG  1 
ATOM   570  N N   . SER A 1 76  ? -9.526  -6.066  0.697   1.00 17.92 ? 420 SER A N   1 
ATOM   571  C CA  . SER A 1 76  ? -8.974  -6.711  1.889   1.00 17.68 ? 420 SER A CA  1 
ATOM   572  C C   . SER A 1 76  ? -7.796  -7.628  1.571   1.00 17.42 ? 420 SER A C   1 
ATOM   573  O O   . SER A 1 76  ? -6.853  -7.714  2.357   1.00 17.45 ? 420 SER A O   1 
ATOM   574  C CB  . SER A 1 76  ? -10.057 -7.486  2.646   1.00 18.31 ? 420 SER A CB  1 
ATOM   575  O OG  . SER A 1 76  ? -10.971 -6.607  3.278   1.00 18.24 ? 420 SER A OG  1 
ATOM   576  N N   . LEU A 1 77  ? -7.858  -8.310  0.426   1.00 17.02 ? 421 LEU A N   1 
ATOM   577  C CA  . LEU A 1 77  ? -6.767  -9.179  -0.023  1.00 16.81 ? 421 LEU A CA  1 
ATOM   578  C C   . LEU A 1 77  ? -5.497  -8.375  -0.319  1.00 16.55 ? 421 LEU A C   1 
ATOM   579  O O   . LEU A 1 77  ? -4.395  -8.794  0.049   1.00 16.06 ? 421 LEU A O   1 
ATOM   580  C CB  . LEU A 1 77  ? -7.186  -10.005 -1.249  1.00 17.12 ? 421 LEU A CB  1 
ATOM   581  C CG  . LEU A 1 77  ? -6.114  -10.809 -2.004  1.00 17.12 ? 421 LEU A CG  1 
ATOM   582  C CD1 . LEU A 1 77  ? -5.560  -11.955 -1.168  1.00 17.14 ? 421 LEU A CD1 1 
ATOM   583  C CD2 . LEU A 1 77  ? -6.668  -11.325 -3.323  1.00 17.45 ? 421 LEU A CD2 1 
ATOM   584  N N   . LEU A 1 78  ? -5.663  -7.228  -0.982  1.00 16.41 ? 422 LEU A N   1 
ATOM   585  C CA  . LEU A 1 78  ? -4.541  -6.335  -1.293  1.00 16.75 ? 422 LEU A CA  1 
ATOM   586  C C   . LEU A 1 78  ? -3.872  -5.812  -0.021  1.00 16.79 ? 422 LEU A C   1 
ATOM   587  O O   . LEU A 1 78  ? -2.643  -5.862  0.110   1.00 16.58 ? 422 LEU A O   1 
ATOM   588  C CB  . LEU A 1 78  ? -4.992  -5.173  -2.195  1.00 16.62 ? 422 LEU A CB  1 
ATOM   589  C CG  . LEU A 1 78  ? -3.955  -4.111  -2.601  1.00 16.65 ? 422 LEU A CG  1 
ATOM   590  C CD1 . LEU A 1 78  ? -2.705  -4.722  -3.227  1.00 16.71 ? 422 LEU A CD1 1 
ATOM   591  C CD2 . LEU A 1 78  ? -4.571  -3.089  -3.544  1.00 16.57 ? 422 LEU A CD2 1 
ATOM   592  N N   . LYS A 1 79  ? -4.683  -5.328  0.917   1.00 16.88 ? 423 LYS A N   1 
ATOM   593  C CA  . LYS A 1 79  ? -4.166  -4.859  2.203   1.00 17.05 ? 423 LYS A CA  1 
ATOM   594  C C   . LYS A 1 79  ? -3.477  -5.986  2.969   1.00 17.32 ? 423 LYS A C   1 
ATOM   595  O O   . LYS A 1 79  ? -2.388  -5.786  3.510   1.00 17.01 ? 423 LYS A O   1 
ATOM   596  C CB  . LYS A 1 79  ? -5.274  -4.234  3.056   1.00 16.82 ? 423 LYS A CB  1 
ATOM   597  C CG  . LYS A 1 79  ? -5.837  -2.934  2.497   1.00 17.02 ? 423 LYS A CG  1 
ATOM   598  C CD  . LYS A 1 79  ? -6.726  -2.225  3.510   1.00 16.96 ? 423 LYS A CD  1 
ATOM   599  C CE  . LYS A 1 79  ? -8.030  -2.967  3.745   1.00 17.09 ? 423 LYS A CE  1 
ATOM   600  N NZ  . LYS A 1 79  ? -8.758  -2.439  4.935   1.00 17.28 ? 423 LYS A NZ  1 
ATOM   601  N N   . ASP A 1 80  ? -4.110  -7.160  2.999   1.00 17.92 ? 424 ASP A N   1 
ATOM   602  C CA  . ASP A 1 80  ? -3.574  -8.336  3.694   1.00 18.55 ? 424 ASP A CA  1 
ATOM   603  C C   . ASP A 1 80  ? -2.215  -8.722  3.117   1.00 18.20 ? 424 ASP A C   1 
ATOM   604  O O   . ASP A 1 80  ? -1.246  -8.893  3.867   1.00 17.79 ? 424 ASP A O   1 
ATOM   605  C CB  . ASP A 1 80  ? -4.557  -9.514  3.616   1.00 19.62 ? 424 ASP A CB  1 
ATOM   606  C CG  . ASP A 1 80  ? -4.206  -10.652 4.570   1.00 21.15 ? 424 ASP A CG  1 
ATOM   607  O OD1 . ASP A 1 80  ? -3.014  -11.010 4.693   1.00 22.48 ? 424 ASP A OD1 1 
ATOM   608  O OD2 . ASP A 1 80  ? -5.136  -11.208 5.193   1.00 22.24 ? 424 ASP A OD2 1 
ATOM   609  N N   . PHE A 1 81  ? -2.145  -8.836  1.791   1.00 17.69 ? 425 PHE A N   1 
ATOM   610  C CA  . PHE A 1 81  ? -0.886  -9.144  1.117   1.00 17.72 ? 425 PHE A CA  1 
ATOM   611  C C   . PHE A 1 81  ? 0.227   -8.169  1.501   1.00 17.81 ? 425 PHE A C   1 
ATOM   612  O O   . PHE A 1 81  ? 1.311   -8.590  1.905   1.00 17.78 ? 425 PHE A O   1 
ATOM   613  C CB  . PHE A 1 81  ? -1.052  -9.197  -0.409  1.00 17.31 ? 425 PHE A CB  1 
ATOM   614  C CG  . PHE A 1 81  ? 0.255   -9.290  -1.148  1.00 17.12 ? 425 PHE A CG  1 
ATOM   615  C CD1 . PHE A 1 81  ? 0.965   -10.488 -1.184  1.00 17.14 ? 425 PHE A CD1 1 
ATOM   616  C CD2 . PHE A 1 81  ? 0.795   -8.172  -1.778  1.00 16.94 ? 425 PHE A CD2 1 
ATOM   617  C CE1 . PHE A 1 81  ? 2.179   -10.574 -1.852  1.00 17.21 ? 425 PHE A CE1 1 
ATOM   618  C CE2 . PHE A 1 81  ? 2.010   -8.251  -2.446  1.00 17.08 ? 425 PHE A CE2 1 
ATOM   619  C CZ  . PHE A 1 81  ? 2.701   -9.454  -2.483  1.00 17.21 ? 425 PHE A CZ  1 
ATOM   620  N N   . LEU A 1 82  ? -0.044  -6.872  1.380   1.00 17.88 ? 426 LEU A N   1 
ATOM   621  C CA  . LEU A 1 82  ? 0.962   -5.852  1.678   1.00 18.44 ? 426 LEU A CA  1 
ATOM   622  C C   . LEU A 1 82  ? 1.337   -5.849  3.155   1.00 18.90 ? 426 LEU A C   1 
ATOM   623  O O   . LEU A 1 82  ? 2.517   -5.867  3.499   1.00 18.68 ? 426 LEU A O   1 
ATOM   624  C CB  . LEU A 1 82  ? 0.487   -4.457  1.237   1.00 18.21 ? 426 LEU A CB  1 
ATOM   625  C CG  . LEU A 1 82  ? 0.341   -4.176  -0.264  1.00 18.01 ? 426 LEU A CG  1 
ATOM   626  C CD1 . LEU A 1 82  ? -0.270  -2.799  -0.477  1.00 18.07 ? 426 LEU A CD1 1 
ATOM   627  C CD2 . LEU A 1 82  ? 1.668   -4.290  -1.005  1.00 18.30 ? 426 LEU A CD2 1 
ATOM   628  N N   . ARG A 1 83  ? 0.323   -5.853  4.017   1.00 19.58 ? 427 ARG A N   1 
ATOM   629  C CA  . ARG A 1 83  ? 0.510   -5.808  5.469   1.00 20.80 ? 427 ARG A CA  1 
ATOM   630  C C   . ARG A 1 83  ? 1.331   -6.985  6.000   1.00 20.99 ? 427 ARG A C   1 
ATOM   631  O O   . ARG A 1 83  ? 2.105   -6.826  6.947   1.00 21.23 ? 427 ARG A O   1 
ATOM   632  C CB  . ARG A 1 83  ? -0.852  -5.768  6.165   1.00 21.44 ? 427 ARG A CB  1 
ATOM   633  C CG  . ARG A 1 83  ? -0.848  -5.184  7.570   1.00 22.71 ? 427 ARG A CG  1 
ATOM   634  C CD  . ARG A 1 83  ? -2.259  -5.143  8.145   1.00 23.63 ? 427 ARG A CD  1 
ATOM   635  N NE  . ARG A 1 83  ? -2.868  -6.474  8.201   1.00 24.48 ? 427 ARG A NE  1 
ATOM   636  C CZ  . ARG A 1 83  ? -3.933  -6.853  7.497   1.00 25.30 ? 427 ARG A CZ  1 
ATOM   637  N NH1 . ARG A 1 83  ? -4.539  -6.000  6.681   1.00 25.65 ? 427 ARG A NH1 1 
ATOM   638  N NH2 . ARG A 1 83  ? -4.400  -8.089  7.617   1.00 25.93 ? 427 ARG A NH2 1 
ATOM   639  N N   . ASN A 1 84  ? 1.169   -8.153  5.380   1.00 21.17 ? 428 ASN A N   1 
ATOM   640  C CA  . ASN A 1 84  ? 1.796   -9.382  5.868   1.00 21.79 ? 428 ASN A CA  1 
ATOM   641  C C   . ASN A 1 84  ? 3.108   -9.778  5.182   1.00 21.52 ? 428 ASN A C   1 
ATOM   642  O O   . ASN A 1 84  ? 3.599   -10.897 5.370   1.00 21.87 ? 428 ASN A O   1 
ATOM   643  C CB  . ASN A 1 84  ? 0.788   -10.534 5.842   1.00 23.05 ? 428 ASN A CB  1 
ATOM   644  C CG  . ASN A 1 84  ? -0.405  -10.284 6.750   1.00 23.90 ? 428 ASN A CG  1 
ATOM   645  O OD1 . ASN A 1 84  ? -0.357  -9.450  7.654   1.00 24.83 ? 428 ASN A OD1 1 
ATOM   646  N ND2 . ASN A 1 84  ? -1.482  -11.015 6.515   1.00 24.44 ? 428 ASN A ND2 1 
ATOM   647  N N   . LEU A 1 85  ? 3.679   -8.859  4.405   1.00 20.61 ? 429 LEU A N   1 
ATOM   648  C CA  . LEU A 1 85  ? 5.032   -9.039  3.867   1.00 20.19 ? 429 LEU A CA  1 
ATOM   649  C C   . LEU A 1 85  ? 6.033   -9.102  5.020   1.00 19.92 ? 429 LEU A C   1 
ATOM   650  O O   . LEU A 1 85  ? 5.798   -8.517  6.077   1.00 19.09 ? 429 LEU A O   1 
ATOM   651  C CB  . LEU A 1 85  ? 5.392   -7.898  2.912   1.00 20.05 ? 429 LEU A CB  1 
ATOM   652  C CG  . LEU A 1 85  ? 4.652   -7.808  1.571   1.00 19.98 ? 429 LEU A CG  1 
ATOM   653  C CD1 . LEU A 1 85  ? 4.799   -6.418  0.973   1.00 20.08 ? 429 LEU A CD1 1 
ATOM   654  C CD2 . LEU A 1 85  ? 5.134   -8.873  0.595   1.00 20.06 ? 429 LEU A CD2 1 
ATOM   655  N N   . LYS A 1 86  ? 7.141   -9.816  4.824   1.00 20.04 ? 430 LYS A N   1 
ATOM   656  C CA  . LYS A 1 86  ? 8.143   -9.993  5.886   1.00 20.32 ? 430 LYS A CA  1 
ATOM   657  C C   . LYS A 1 86  ? 8.593   -8.652  6.470   1.00 19.78 ? 430 LYS A C   1 
ATOM   658  O O   . LYS A 1 86  ? 8.782   -8.524  7.680   1.00 19.92 ? 430 LYS A O   1 
ATOM   659  C CB  . LYS A 1 86  ? 9.342   -10.817 5.391   1.00 21.25 ? 430 LYS A CB  1 
ATOM   660  C CG  . LYS A 1 86  ? 10.364  -11.180 6.464   1.00 22.16 ? 430 LYS A CG  1 
ATOM   661  C CD  . LYS A 1 86  ? 9.841   -12.236 7.432   1.00 23.31 ? 430 LYS A CD  1 
ATOM   662  C CE  . LYS A 1 86  ? 10.898  -12.601 8.466   1.00 24.09 ? 430 LYS A CE  1 
ATOM   663  N NZ  . LYS A 1 86  ? 10.441  -13.659 9.410   1.00 25.19 ? 430 LYS A NZ  1 
ATOM   664  N N   . GLU A 1 87  ? 8.763   -7.659  5.602   1.00 19.11 ? 431 GLU A N   1 
ATOM   665  C CA  . GLU A 1 87  ? 8.920   -6.276  6.038   1.00 18.35 ? 431 GLU A CA  1 
ATOM   666  C C   . GLU A 1 87  ? 7.887   -5.406  5.319   1.00 17.68 ? 431 GLU A C   1 
ATOM   667  O O   . GLU A 1 87  ? 7.470   -5.741  4.211   1.00 17.58 ? 431 GLU A O   1 
ATOM   668  C CB  . GLU A 1 87  ? 10.355  -5.772  5.823   1.00 18.51 ? 431 GLU A CB  1 
ATOM   669  C CG  . GLU A 1 87  ? 10.719  -5.346  4.409   1.00 18.73 ? 431 GLU A CG  1 
ATOM   670  C CD  . GLU A 1 87  ? 12.050  -4.608  4.342   1.00 18.99 ? 431 GLU A CD  1 
ATOM   671  O OE1 . GLU A 1 87  ? 12.556  -4.159  5.395   1.00 19.13 ? 431 GLU A OE1 1 
ATOM   672  O OE2 . GLU A 1 87  ? 12.595  -4.470  3.229   1.00 18.88 ? 431 GLU A OE2 1 
ATOM   673  N N   . PRO A 1 88  ? 7.446   -4.305  5.956   1.00 17.14 ? 432 PRO A N   1 
ATOM   674  C CA  . PRO A 1 88  ? 6.445   -3.466  5.283   1.00 16.64 ? 432 PRO A CA  1 
ATOM   675  C C   . PRO A 1 88  ? 6.965   -2.855  3.985   1.00 16.35 ? 432 PRO A C   1 
ATOM   676  O O   . PRO A 1 88  ? 8.184   -2.793  3.769   1.00 16.17 ? 432 PRO A O   1 
ATOM   677  C CB  . PRO A 1 88  ? 6.123   -2.377  6.320   1.00 16.58 ? 432 PRO A CB  1 
ATOM   678  C CG  . PRO A 1 88  ? 7.197   -2.463  7.356   1.00 16.65 ? 432 PRO A CG  1 
ATOM   679  C CD  . PRO A 1 88  ? 7.683   -3.878  7.346   1.00 16.80 ? 432 PRO A CD  1 
ATOM   680  N N   . LEU A 1 89  ? 6.037   -2.438  3.124   1.00 15.84 ? 433 LEU A N   1 
ATOM   681  C CA  . LEU A 1 89  ? 6.355   -1.836  1.830   1.00 15.81 ? 433 LEU A CA  1 
ATOM   682  C C   . LEU A 1 89  ? 7.375   -0.715  1.973   1.00 16.12 ? 433 LEU A C   1 
ATOM   683  O O   . LEU A 1 89  ? 8.334   -0.630  1.203   1.00 15.75 ? 433 LEU A O   1 
ATOM   684  C CB  . LEU A 1 89  ? 5.080   -1.306  1.162   1.00 15.56 ? 433 LEU A CB  1 
ATOM   685  C CG  . LEU A 1 89  ? 5.201   -0.558  -0.168  1.00 15.51 ? 433 LEU A CG  1 
ATOM   686  C CD1 . LEU A 1 89  ? 5.801   -1.433  -1.261  1.00 15.38 ? 433 LEU A CD1 1 
ATOM   687  C CD2 . LEU A 1 89  ? 3.835   -0.030  -0.588  1.00 15.51 ? 433 LEU A CD2 1 
ATOM   688  N N   . LEU A 1 90  ? 7.133   0.158   2.946   1.00 16.64 ? 434 LEU A N   1 
ATOM   689  C CA  . LEU A 1 90  ? 8.146   1.072   3.415   1.00 17.32 ? 434 LEU A CA  1 
ATOM   690  C C   . LEU A 1 90  ? 8.904   0.222   4.419   1.00 18.41 ? 434 LEU A C   1 
ATOM   691  O O   . LEU A 1 90  ? 8.385   -0.146  5.474   1.00 19.77 ? 434 LEU A O   1 
ATOM   692  C CB  . LEU A 1 90  ? 7.527   2.313   4.066   1.00 17.00 ? 434 LEU A CB  1 
ATOM   693  C CG  . LEU A 1 90  ? 6.408   3.052   3.308   1.00 16.64 ? 434 LEU A CG  1 
ATOM   694  C CD1 . LEU A 1 90  ? 5.865   4.200   4.148   1.00 16.66 ? 434 LEU A CD1 1 
ATOM   695  C CD2 . LEU A 1 90  ? 6.871   3.563   1.948   1.00 16.64 ? 434 LEU A CD2 1 
ATOM   696  N N   . THR A 1 91  ? 10.116  -0.132  4.031   1.00 18.54 ? 435 THR A N   1 
ATOM   697  C CA  . THR A 1 91  ? 10.993  -1.056  4.744   1.00 18.32 ? 435 THR A CA  1 
ATOM   698  C C   . THR A 1 91  ? 11.175  -0.761  6.239   1.00 18.42 ? 435 THR A C   1 
ATOM   699  O O   . THR A 1 91  ? 10.946  0.384   6.690   1.00 18.65 ? 435 THR A O   1 
ATOM   700  C CB  . THR A 1 91  ? 12.384  -0.963  4.113   1.00 18.34 ? 435 THR A CB  1 
ATOM   701  O OG1 . THR A 1 91  ? 12.911  0.347   4.360   1.00 18.33 ? 435 THR A OG1 1 
ATOM   702  C CG2 . THR A 1 91  ? 12.301  -1.194  2.605   1.00 18.57 ? 435 THR A CG2 1 
ATOM   703  N N   . PHE A 1 92  ? 11.635  -1.791  6.985   1.00 18.18 ? 436 PHE A N   1 
ATOM   704  C CA  . PHE A 1 92  ? 12.053  -1.595  8.386   1.00 18.59 ? 436 PHE A CA  1 
ATOM   705  C C   . PHE A 1 92  ? 13.098  -0.482  8.496   1.00 19.13 ? 436 PHE A C   1 
ATOM   706  O O   . PHE A 1 92  ? 13.013  0.381   9.375   1.00 18.96 ? 436 PHE A O   1 
ATOM   707  C CB  . PHE A 1 92  ? 12.673  -2.875  8.968   1.00 18.44 ? 436 PHE A CB  1 
ATOM   708  C CG  . PHE A 1 92  ? 11.685  -3.972  9.277   1.00 18.40 ? 436 PHE A CG  1 
ATOM   709  C CD1 . PHE A 1 92  ? 10.466  -3.698  9.890   1.00 18.30 ? 436 PHE A CD1 1 
ATOM   710  C CD2 . PHE A 1 92  ? 12.007  -5.296  8.999   1.00 18.43 ? 436 PHE A CD2 1 
ATOM   711  C CE1 . PHE A 1 92  ? 9.576   -4.718  10.189  1.00 18.35 ? 436 PHE A CE1 1 
ATOM   712  C CE2 . PHE A 1 92  ? 11.121  -6.322  9.295   1.00 18.66 ? 436 PHE A CE2 1 
ATOM   713  C CZ  . PHE A 1 92  ? 9.905   -6.032  9.893   1.00 18.34 ? 436 PHE A CZ  1 
ATOM   714  N N   . ARG A 1 93  ? 14.081  -0.537  7.596   1.00 19.68 ? 437 ARG A N   1 
ATOM   715  C CA  . ARG A 1 93  ? 15.225  0.380   7.548   1.00 19.95 ? 437 ARG A CA  1 
ATOM   716  C C   . ARG A 1 93  ? 14.826  1.855   7.477   1.00 19.23 ? 437 ARG A C   1 
ATOM   717  O O   . ARG A 1 93  ? 15.507  2.717   8.035   1.00 19.26 ? 437 ARG A O   1 
ATOM   718  C CB  . ARG A 1 93  ? 16.116  0.002   6.350   1.00 21.38 ? 437 ARG A CB  1 
ATOM   719  C CG  . ARG A 1 93  ? 17.192  1.005   5.971   1.00 22.92 ? 437 ARG A CG  1 
ATOM   720  C CD  . ARG A 1 93  ? 18.022  0.515   4.798   1.00 23.91 ? 437 ARG A CD  1 
ATOM   721  N NE  . ARG A 1 93  ? 18.844  1.590   4.242   1.00 25.38 ? 437 ARG A NE  1 
ATOM   722  C CZ  . ARG A 1 93  ? 18.548  2.282   3.143   1.00 25.79 ? 437 ARG A CZ  1 
ATOM   723  N NH1 . ARG A 1 93  ? 17.446  2.022   2.446   1.00 26.13 ? 437 ARG A NH1 1 
ATOM   724  N NH2 . ARG A 1 93  ? 19.367  3.237   2.731   1.00 26.50 ? 437 ARG A NH2 1 
ATOM   725  N N   . LEU A 1 94  ? 13.723  2.142   6.792   1.00 18.20 ? 438 LEU A N   1 
ATOM   726  C CA  . LEU A 1 94  ? 13.307  3.522   6.561   1.00 17.34 ? 438 LEU A CA  1 
ATOM   727  C C   . LEU A 1 94  ? 12.043  3.923   7.326   1.00 17.01 ? 438 LEU A C   1 
ATOM   728  O O   . LEU A 1 94  ? 11.519  5.018   7.126   1.00 16.52 ? 438 LEU A O   1 
ATOM   729  C CB  . LEU A 1 94  ? 13.147  3.784   5.055   1.00 17.05 ? 438 LEU A CB  1 
ATOM   730  C CG  . LEU A 1 94  ? 14.408  3.709   4.182   1.00 16.94 ? 438 LEU A CG  1 
ATOM   731  C CD1 . LEU A 1 94  ? 14.048  3.700   2.702   1.00 16.72 ? 438 LEU A CD1 1 
ATOM   732  C CD2 . LEU A 1 94  ? 15.378  4.845   4.486   1.00 17.01 ? 438 LEU A CD2 1 
ATOM   733  N N   . ASN A 1 95  ? 11.573  3.045   8.214   1.00 16.91 ? 439 ASN A N   1 
ATOM   734  C CA  . ASN A 1 95  ? 10.361  3.305   9.002   1.00 16.89 ? 439 ASN A CA  1 
ATOM   735  C C   . ASN A 1 95  ? 10.401  4.652   9.730   1.00 16.91 ? 439 ASN A C   1 
ATOM   736  O O   . ASN A 1 95  ? 9.510   5.487   9.559   1.00 16.27 ? 439 ASN A O   1 
ATOM   737  C CB  . ASN A 1 95  ? 10.096  2.168   9.998   1.00 16.83 ? 439 ASN A CB  1 
ATOM   738  C CG  . ASN A 1 95  ? 8.819   2.375   10.801  1.00 16.62 ? 439 ASN A CG  1 
ATOM   739  O OD1 . ASN A 1 95  ? 8.857   2.843   11.938  1.00 16.62 ? 439 ASN A OD1 1 
ATOM   740  N ND2 . ASN A 1 95  ? 7.680   2.035   10.204  1.00 16.63 ? 439 ASN A ND2 1 
ATOM   741  N N   . ARG A 1 96  ? 11.445  4.853   10.530  1.00 17.05 ? 440 ARG A N   1 
ATOM   742  C CA  . ARG A 1 96  ? 11.606  6.088   11.294  1.00 17.64 ? 440 ARG A CA  1 
ATOM   743  C C   . ARG A 1 96  ? 11.876  7.289   10.392  1.00 17.38 ? 440 ARG A C   1 
ATOM   744  O O   . ARG A 1 96  ? 11.383  8.391   10.650  1.00 17.34 ? 440 ARG A O   1 
ATOM   745  C CB  . ARG A 1 96  ? 12.724  5.936   12.329  1.00 18.87 ? 440 ARG A CB  1 
ATOM   746  C CG  . ARG A 1 96  ? 12.447  4.880   13.390  1.00 19.85 ? 440 ARG A CG  1 
ATOM   747  C CD  . ARG A 1 96  ? 11.359  5.332   14.348  1.00 21.04 ? 440 ARG A CD  1 
ATOM   748  N NE  . ARG A 1 96  ? 11.064  4.325   15.365  1.00 21.83 ? 440 ARG A NE  1 
ATOM   749  C CZ  . ARG A 1 96  ? 9.945   3.608   15.424  1.00 22.36 ? 440 ARG A CZ  1 
ATOM   750  N NH1 . ARG A 1 96  ? 8.986   3.765   14.520  1.00 22.06 ? 440 ARG A NH1 1 
ATOM   751  N NH2 . ARG A 1 96  ? 9.782   2.731   16.402  1.00 23.36 ? 440 ARG A NH2 1 
ATOM   752  N N   . ALA A 1 97  ? 12.652  7.062   9.332   1.00 17.25 ? 441 ALA A N   1 
ATOM   753  C CA  . ALA A 1 97  ? 12.962  8.105   8.360   1.00 17.16 ? 441 ALA A CA  1 
ATOM   754  C C   . ALA A 1 97  ? 11.683  8.681   7.752   1.00 16.97 ? 441 ALA A C   1 
ATOM   755  O O   . ALA A 1 97  ? 11.538  9.897   7.661   1.00 17.24 ? 441 ALA A O   1 
ATOM   756  C CB  . ALA A 1 97  ? 13.888  7.578   7.275   1.00 17.10 ? 441 ALA A CB  1 
ATOM   757  N N   . PHE A 1 98  ? 10.755  7.808   7.356   1.00 16.89 ? 442 PHE A N   1 
ATOM   758  C CA  . PHE A 1 98  ? 9.481   8.255   6.780   1.00 16.31 ? 442 PHE A CA  1 
ATOM   759  C C   . PHE A 1 98  ? 8.615   9.017   7.784   1.00 16.30 ? 442 PHE A C   1 
ATOM   760  O O   . PHE A 1 98  ? 8.035   10.049  7.447   1.00 15.90 ? 442 PHE A O   1 
ATOM   761  C CB  . PHE A 1 98  ? 8.699   7.086   6.170   1.00 16.13 ? 442 PHE A CB  1 
ATOM   762  C CG  . PHE A 1 98  ? 9.083   6.771   4.748   1.00 15.87 ? 442 PHE A CG  1 
ATOM   763  C CD1 . PHE A 1 98  ? 8.641   7.572   3.697   1.00 15.98 ? 442 PHE A CD1 1 
ATOM   764  C CD2 . PHE A 1 98  ? 9.877   5.669   4.455   1.00 15.85 ? 442 PHE A CD2 1 
ATOM   765  C CE1 . PHE A 1 98  ? 8.991   7.284   2.383   1.00 15.55 ? 442 PHE A CE1 1 
ATOM   766  C CE2 . PHE A 1 98  ? 10.230  5.373   3.144   1.00 15.61 ? 442 PHE A CE2 1 
ATOM   767  C CZ  . PHE A 1 98  ? 9.787   6.183   2.107   1.00 15.79 ? 442 PHE A CZ  1 
ATOM   768  N N   . MET A 1 99  ? 8.540   8.507   9.013   1.00 16.34 ? 443 MET A N   1 
ATOM   769  C CA  . MET A 1 99  ? 7.795   9.170   10.087  1.00 16.82 ? 443 MET A CA  1 
ATOM   770  C C   . MET A 1 99  ? 8.327   10.571  10.377  1.00 17.33 ? 443 MET A C   1 
ATOM   771  O O   . MET A 1 99  ? 7.549   11.518  10.512  1.00 17.92 ? 443 MET A O   1 
ATOM   772  C CB  . MET A 1 99  ? 7.811   8.329   11.366  1.00 16.50 ? 443 MET A CB  1 
ATOM   773  C CG  . MET A 1 99  ? 6.894   7.120   11.319  1.00 16.39 ? 443 MET A CG  1 
ATOM   774  S SD  . MET A 1 99  ? 7.042   6.134   12.815  1.00 16.35 ? 443 MET A SD  1 
ATOM   775  C CE  . MET A 1 99  ? 5.975   4.747   12.418  1.00 16.00 ? 443 MET A CE  1 
ATOM   776  N N   . GLU A 1 100 ? 9.650   10.697  10.459  1.00 17.76 ? 444 GLU A N   1 
ATOM   777  C CA  . GLU A 1 100 ? 10.289  11.986  10.738  1.00 18.43 ? 444 GLU A CA  1 
ATOM   778  C C   . GLU A 1 100 ? 10.115  12.979  9.585   1.00 18.34 ? 444 GLU A C   1 
ATOM   779  O O   . GLU A 1 100 ? 9.849   14.162  9.812   1.00 18.12 ? 444 GLU A O   1 
ATOM   780  C CB  . GLU A 1 100 ? 11.767  11.793  11.091  1.00 19.11 ? 444 GLU A CB  1 
ATOM   781  C CG  . GLU A 1 100 ? 11.977  11.151  12.456  1.00 20.14 ? 444 GLU A CG  1 
ATOM   782  C CD  . GLU A 1 100 ? 13.424  10.796  12.747  1.00 21.21 ? 444 GLU A CD  1 
ATOM   783  O OE1 . GLU A 1 100 ? 14.327  11.228  11.999  1.00 22.09 ? 444 GLU A OE1 1 
ATOM   784  O OE2 . GLU A 1 100 ? 13.663  10.081  13.741  1.00 21.90 ? 444 GLU A OE2 1 
ATOM   785  N N   . ALA A 1 101 ? 10.252  12.488  8.354   1.00 18.21 ? 445 ALA A N   1 
ATOM   786  C CA  . ALA A 1 101 ? 9.981   13.290  7.161   1.00 18.23 ? 445 ALA A CA  1 
ATOM   787  C C   . ALA A 1 101 ? 8.576   13.899  7.189   1.00 18.33 ? 445 ALA A C   1 
ATOM   788  O O   . ALA A 1 101 ? 8.405   15.094  6.930   1.00 17.84 ? 445 ALA A O   1 
ATOM   789  C CB  . ALA A 1 101 ? 10.166  12.448  5.905   1.00 18.20 ? 445 ALA A CB  1 
ATOM   790  N N   . ALA A 1 102 ? 7.583   13.070  7.513   1.00 18.38 ? 446 ALA A N   1 
ATOM   791  C CA  . ALA A 1 102 ? 6.174   13.477  7.527   1.00 18.42 ? 446 ALA A CA  1 
ATOM   792  C C   . ALA A 1 102 ? 5.830   14.420  8.679   1.00 18.70 ? 446 ALA A C   1 
ATOM   793  O O   . ALA A 1 102 ? 4.851   15.164  8.606   1.00 18.24 ? 446 ALA A O   1 
ATOM   794  C CB  . ALA A 1 102 ? 5.273   12.251  7.572   1.00 18.73 ? 446 ALA A CB  1 
ATOM   795  N N   . GLU A 1 103 ? 6.638   14.375  9.737   1.00 18.61 ? 447 GLU A N   1 
ATOM   796  C CA  . GLU A 1 103 ? 6.402   15.176  10.936  1.00 19.06 ? 447 GLU A CA  1 
ATOM   797  C C   . GLU A 1 103 ? 7.009   16.578  10.869  1.00 19.38 ? 447 GLU A C   1 
ATOM   798  O O   . GLU A 1 103 ? 6.720   17.418  11.721  1.00 19.33 ? 447 GLU A O   1 
ATOM   799  C CB  . GLU A 1 103 ? 6.893   14.428  12.182  1.00 19.20 ? 447 GLU A CB  1 
ATOM   800  C CG  . GLU A 1 103 ? 5.906   13.374  12.669  1.00 19.38 ? 447 GLU A CG  1 
ATOM   801  C CD  . GLU A 1 103 ? 6.566   12.212  13.392  1.00 19.67 ? 447 GLU A CD  1 
ATOM   802  O OE1 . GLU A 1 103 ? 7.732   12.339  13.823  1.00 19.62 ? 447 GLU A OE1 1 
ATOM   803  O OE2 . GLU A 1 103 ? 5.911   11.158  13.524  1.00 19.88 ? 447 GLU A OE2 1 
ATOM   804  N N   . ILE A 1 104 ? 7.851   16.822  9.865   1.00 19.72 ? 448 ILE A N   1 
ATOM   805  C CA  . ILE A 1 104 ? 8.356   18.169  9.589   1.00 20.20 ? 448 ILE A CA  1 
ATOM   806  C C   . ILE A 1 104 ? 7.160   19.033  9.182   1.00 20.76 ? 448 ILE A C   1 
ATOM   807  O O   . ILE A 1 104 ? 6.380   18.642  8.310   1.00 21.01 ? 448 ILE A O   1 
ATOM   808  C CB  . ILE A 1 104 ? 9.453   18.163  8.493   1.00 20.20 ? 448 ILE A CB  1 
ATOM   809  C CG1 . ILE A 1 104 ? 10.708  17.426  8.987   1.00 20.25 ? 448 ILE A CG1 1 
ATOM   810  C CG2 . ILE A 1 104 ? 9.807   19.585  8.062   1.00 20.13 ? 448 ILE A CG2 1 
ATOM   811  C CD1 . ILE A 1 104 ? 11.735  17.131  7.910   1.00 19.99 ? 448 ILE A CD1 1 
ATOM   812  N N   . THR A 1 105 ? 7.005   20.185  9.835   1.00 21.11 ? 449 THR A N   1 
ATOM   813  C CA  . THR A 1 105 ? 5.851   21.060  9.595   1.00 21.55 ? 449 THR A CA  1 
ATOM   814  C C   . THR A 1 105 ? 6.046   22.015  8.416   1.00 21.85 ? 449 THR A C   1 
ATOM   815  O O   . THR A 1 105 ? 5.064   22.438  7.799   1.00 21.59 ? 449 THR A O   1 
ATOM   816  C CB  . THR A 1 105 ? 5.435   21.858  10.854  1.00 21.55 ? 449 THR A CB  1 
ATOM   817  O OG1 . THR A 1 105 ? 6.528   22.669  11.301  1.00 21.92 ? 449 THR A OG1 1 
ATOM   818  C CG2 . THR A 1 105 ? 4.991   20.922  11.977  1.00 21.67 ? 449 THR A CG2 1 
ATOM   819  N N   . ASP A 1 106 ? 7.300   22.358  8.115   1.00 22.38 ? 450 ASP A N   1 
ATOM   820  C CA  . ASP A 1 106 ? 7.630   23.136  6.916   1.00 23.32 ? 450 ASP A CA  1 
ATOM   821  C C   . ASP A 1 106 ? 7.325   22.298  5.676   1.00 23.78 ? 450 ASP A C   1 
ATOM   822  O O   . ASP A 1 106 ? 7.965   21.272  5.447   1.00 22.78 ? 450 ASP A O   1 
ATOM   823  C CB  . ASP A 1 106 ? 9.108   23.551  6.914   1.00 23.84 ? 450 ASP A CB  1 
ATOM   824  C CG  . ASP A 1 106 ? 9.462   24.473  5.749   1.00 24.30 ? 450 ASP A CG  1 
ATOM   825  O OD1 . ASP A 1 106 ? 10.068  23.997  4.764   1.00 24.40 ? 450 ASP A OD1 1 
ATOM   826  O OD2 . ASP A 1 106 ? 9.132   25.674  5.816   1.00 24.56 ? 450 ASP A OD2 1 
ATOM   827  N N   . GLU A 1 107 ? 6.345   22.740  4.888   1.00 24.50 ? 451 GLU A N   1 
ATOM   828  C CA  . GLU A 1 107 ? 5.882   21.985  3.716   1.00 25.88 ? 451 GLU A CA  1 
ATOM   829  C C   . GLU A 1 107 ? 7.015   21.603  2.760   1.00 25.49 ? 451 GLU A C   1 
ATOM   830  O O   . GLU A 1 107 ? 7.161   20.431  2.411   1.00 25.27 ? 451 GLU A O   1 
ATOM   831  C CB  . GLU A 1 107 ? 4.762   22.740  2.981   1.00 26.91 ? 451 GLU A CB  1 
ATOM   832  C CG  . GLU A 1 107 ? 3.990   21.912  1.954   1.00 28.40 ? 451 GLU A CG  1 
ATOM   833  C CD  . GLU A 1 107 ? 3.116   20.824  2.566   1.00 29.44 ? 451 GLU A CD  1 
ATOM   834  O OE1 . GLU A 1 107 ? 2.871   20.842  3.794   1.00 30.70 ? 451 GLU A OE1 1 
ATOM   835  O OE2 . GLU A 1 107 ? 2.661   19.938  1.811   1.00 30.19 ? 451 GLU A OE2 1 
ATOM   836  N N   . ASP A 1 108 ? 7.816   22.589  2.355   1.00 25.45 ? 452 ASP A N   1 
ATOM   837  C CA  . ASP A 1 108 ? 8.944   22.361  1.446   1.00 25.33 ? 452 ASP A CA  1 
ATOM   838  C C   . ASP A 1 108 ? 9.946   21.343  1.989   1.00 24.57 ? 452 ASP A C   1 
ATOM   839  O O   . ASP A 1 108 ? 10.344  20.424  1.275   1.00 24.30 ? 452 ASP A O   1 
ATOM   840  C CB  . ASP A 1 108 ? 9.661   23.680  1.123   1.00 26.49 ? 452 ASP A CB  1 
ATOM   841  C CG  . ASP A 1 108 ? 8.842   24.597  0.228   1.00 27.52 ? 452 ASP A CG  1 
ATOM   842  O OD1 . ASP A 1 108 ? 7.757   24.190  -0.244  1.00 28.10 ? 452 ASP A OD1 1 
ATOM   843  O OD2 . ASP A 1 108 ? 9.296   25.737  -0.009  1.00 28.25 ? 452 ASP A OD2 1 
ATOM   844  N N   . ASN A 1 109 ? 10.345  21.506  3.249   1.00 23.55 ? 453 ASN A N   1 
ATOM   845  C CA  . ASN A 1 109 ? 11.299  20.592  3.876   1.00 23.05 ? 453 ASN A CA  1 
ATOM   846  C C   . ASN A 1 109 ? 10.747  19.185  4.097   1.00 22.24 ? 453 ASN A C   1 
ATOM   847  O O   . ASN A 1 109 ? 11.484  18.207  3.981   1.00 22.04 ? 453 ASN A O   1 
ATOM   848  C CB  . ASN A 1 109 ? 11.840  21.174  5.187   1.00 23.38 ? 453 ASN A CB  1 
ATOM   849  C CG  . ASN A 1 109 ? 12.826  22.307  4.961   1.00 23.61 ? 453 ASN A CG  1 
ATOM   850  O OD1 . ASN A 1 109 ? 13.416  22.430  3.886   1.00 24.11 ? 453 ASN A OD1 1 
ATOM   851  N ND2 . ASN A 1 109 ? 13.014  23.139  5.978   1.00 23.29 ? 453 ASN A ND2 1 
ATOM   852  N N   . SER A 1 110 ? 9.455   19.091  4.411   1.00 21.62 ? 454 SER A N   1 
ATOM   853  C CA  . SER A 1 110 ? 8.783   17.799  4.575   1.00 21.14 ? 454 SER A CA  1 
ATOM   854  C C   . SER A 1 110 ? 8.708   17.040  3.251   1.00 20.94 ? 454 SER A C   1 
ATOM   855  O O   . SER A 1 110 ? 9.020   15.849  3.194   1.00 20.31 ? 454 SER A O   1 
ATOM   856  C CB  . SER A 1 110 ? 7.378   17.981  5.151   1.00 21.07 ? 454 SER A CB  1 
ATOM   857  O OG  . SER A 1 110 ? 6.741   16.724  5.333   1.00 20.98 ? 454 SER A OG  1 
ATOM   858  N N   . ILE A 1 111 ? 8.286   17.738  2.195   1.00 20.72 ? 455 ILE A N   1 
ATOM   859  C CA  . ILE A 1 111 ? 8.242   17.171  0.846   1.00 20.85 ? 455 ILE A CA  1 
ATOM   860  C C   . ILE A 1 111 ? 9.638   16.724  0.396   1.00 20.69 ? 455 ILE A C   1 
ATOM   861  O O   . ILE A 1 111 ? 9.799   15.627  -0.138  1.00 20.93 ? 455 ILE A O   1 
ATOM   862  C CB  . ILE A 1 111 ? 7.609   18.155  -0.174  1.00 21.00 ? 455 ILE A CB  1 
ATOM   863  C CG1 . ILE A 1 111 ? 6.137   18.448  0.167   1.00 21.14 ? 455 ILE A CG1 1 
ATOM   864  C CG2 . ILE A 1 111 ? 7.727   17.632  -1.601  1.00 20.82 ? 455 ILE A CG2 1 
ATOM   865  C CD1 . ILE A 1 111 ? 5.243   17.231  0.326   1.00 21.49 ? 455 ILE A CD1 1 
ATOM   866  N N   . ALA A 1 112 ? 10.642  17.567  0.636   1.00 20.58 ? 456 ALA A N   1 
ATOM   867  C CA  . ALA A 1 112 ? 12.033  17.239  0.297   1.00 20.76 ? 456 ALA A CA  1 
ATOM   868  C C   . ALA A 1 112 ? 12.531  15.999  1.046   1.00 20.56 ? 456 ALA A C   1 
ATOM   869  O O   . ALA A 1 112 ? 13.211  15.148  0.466   1.00 20.59 ? 456 ALA A O   1 
ATOM   870  C CB  . ALA A 1 112 ? 12.944  18.430  0.561   1.00 20.49 ? 456 ALA A CB  1 
ATOM   871  N N   . ALA A 1 113 ? 12.185  15.899  2.328   1.00 20.32 ? 457 ALA A N   1 
ATOM   872  C CA  . ALA A 1 113 ? 12.543  14.731  3.135   1.00 20.39 ? 457 ALA A CA  1 
ATOM   873  C C   . ALA A 1 113 ? 11.789  13.476  2.673   1.00 20.41 ? 457 ALA A C   1 
ATOM   874  O O   . ALA A 1 113 ? 12.338  12.372  2.699   1.00 20.29 ? 457 ALA A O   1 
ATOM   875  C CB  . ALA A 1 113 ? 12.300  15.003  4.611   1.00 20.18 ? 457 ALA A CB  1 
ATOM   876  N N   . MET A 1 114 ? 10.543  13.654  2.237   1.00 20.58 ? 458 MET A N   1 
ATOM   877  C CA  . MET A 1 114 ? 9.768   12.554  1.657   1.00 21.19 ? 458 MET A CA  1 
ATOM   878  C C   . MET A 1 114 ? 10.411  12.064  0.356   1.00 21.02 ? 458 MET A C   1 
ATOM   879  O O   . MET A 1 114 ? 10.594  10.862  0.177   1.00 20.95 ? 458 MET A O   1 
ATOM   880  C CB  . MET A 1 114 ? 8.307   12.959  1.411   1.00 21.66 ? 458 MET A CB  1 
ATOM   881  C CG  . MET A 1 114 ? 7.447   13.160  2.656   1.00 22.12 ? 458 MET A CG  1 
ATOM   882  S SD  . MET A 1 114 ? 7.319   11.775  3.817   1.00 23.75 ? 458 MET A SD  1 
ATOM   883  C CE  . MET A 1 114 ? 6.764   10.454  2.750   1.00 22.33 ? 458 MET A CE  1 
ATOM   884  N N   . TYR A 1 115 ? 10.760  12.994  -0.535  1.00 21.12 ? 459 TYR A N   1 
ATOM   885  C CA  . TYR A 1 115 ? 11.459  12.663  -1.786  1.00 21.77 ? 459 TYR A CA  1 
ATOM   886  C C   . TYR A 1 115 ? 12.748  11.888  -1.528  1.00 21.44 ? 459 TYR A C   1 
ATOM   887  O O   . TYR A 1 115 ? 13.063  10.934  -2.242  1.00 21.43 ? 459 TYR A O   1 
ATOM   888  C CB  . TYR A 1 115 ? 11.776  13.925  -2.606  1.00 22.38 ? 459 TYR A CB  1 
ATOM   889  C CG  . TYR A 1 115 ? 10.591  14.548  -3.324  1.00 22.92 ? 459 TYR A CG  1 
ATOM   890  C CD1 . TYR A 1 115 ? 9.490   13.779  -3.695  1.00 23.20 ? 459 TYR A CD1 1 
ATOM   891  C CD2 . TYR A 1 115 ? 10.586  15.905  -3.653  1.00 23.42 ? 459 TYR A CD2 1 
ATOM   892  C CE1 . TYR A 1 115 ? 8.413   14.342  -4.357  1.00 23.64 ? 459 TYR A CE1 1 
ATOM   893  C CE2 . TYR A 1 115 ? 9.510   16.477  -4.318  1.00 23.80 ? 459 TYR A CE2 1 
ATOM   894  C CZ  . TYR A 1 115 ? 8.427   15.690  -4.666  1.00 23.93 ? 459 TYR A CZ  1 
ATOM   895  O OH  . TYR A 1 115 ? 7.348   16.237  -5.326  1.00 24.54 ? 459 TYR A OH  1 
ATOM   896  N N   . GLN A 1 116 ? 13.484  12.305  -0.501  1.00 21.56 ? 460 GLN A N   1 
ATOM   897  C CA  . GLN A 1 116 ? 14.741  11.668  -0.123  1.00 22.02 ? 460 GLN A CA  1 
ATOM   898  C C   . GLN A 1 116 ? 14.534  10.221  0.320   1.00 21.03 ? 460 GLN A C   1 
ATOM   899  O O   . GLN A 1 116 ? 15.281  9.330   -0.089  1.00 20.86 ? 460 GLN A O   1 
ATOM   900  C CB  . GLN A 1 116 ? 15.420  12.461  0.999   1.00 23.44 ? 460 GLN A CB  1 
ATOM   901  C CG  . GLN A 1 116 ? 16.843  12.021  1.310   1.00 25.51 ? 460 GLN A CG  1 
ATOM   902  C CD  . GLN A 1 116 ? 17.878  12.734  0.462   1.00 27.35 ? 460 GLN A CD  1 
ATOM   903  O OE1 . GLN A 1 116 ? 18.663  13.536  0.973   1.00 29.37 ? 460 GLN A OE1 1 
ATOM   904  N NE2 . GLN A 1 116 ? 17.885  12.454  -0.838  1.00 28.22 ? 460 GLN A NE2 1 
ATOM   905  N N   . ALA A 1 117 ? 13.519  9.999   1.154   1.00 20.25 ? 461 ALA A N   1 
ATOM   906  C CA  . ALA A 1 117 ? 13.239  8.673   1.707   1.00 19.42 ? 461 ALA A CA  1 
ATOM   907  C C   . ALA A 1 117 ? 12.726  7.696   0.648   1.00 19.04 ? 461 ALA A C   1 
ATOM   908  O O   . ALA A 1 117 ? 13.086  6.518   0.664   1.00 19.11 ? 461 ALA A O   1 
ATOM   909  C CB  . ALA A 1 117 ? 12.263  8.776   2.870   1.00 19.08 ? 461 ALA A CB  1 
ATOM   910  N N   . VAL A 1 118 ? 11.895  8.188   -0.270  1.00 18.63 ? 462 VAL A N   1 
ATOM   911  C CA  . VAL A 1 118 ? 11.415  7.368   -1.385  1.00 18.51 ? 462 VAL A CA  1 
ATOM   912  C C   . VAL A 1 118 ? 12.580  6.934   -2.281  1.00 18.77 ? 462 VAL A C   1 
ATOM   913  O O   . VAL A 1 118 ? 12.626  5.791   -2.729  1.00 18.56 ? 462 VAL A O   1 
ATOM   914  C CB  . VAL A 1 118 ? 10.336  8.094   -2.221  1.00 18.22 ? 462 VAL A CB  1 
ATOM   915  C CG1 . VAL A 1 118 ? 9.921   7.251   -3.418  1.00 18.08 ? 462 VAL A CG1 1 
ATOM   916  C CG2 . VAL A 1 118 ? 9.116   8.409   -1.364  1.00 18.03 ? 462 VAL A CG2 1 
ATOM   917  N N   . GLY A 1 119 ? 13.520  7.848   -2.519  1.00 19.10 ? 463 GLY A N   1 
ATOM   918  C CA  . GLY A 1 119 ? 14.692  7.571   -3.355  1.00 19.61 ? 463 GLY A CA  1 
ATOM   919  C C   . GLY A 1 119 ? 15.645  6.553   -2.752  1.00 20.00 ? 463 GLY A C   1 
ATOM   920  O O   . GLY A 1 119 ? 16.467  5.966   -3.462  1.00 20.27 ? 463 GLY A O   1 
ATOM   921  N N   . GLU A 1 120 ? 15.533  6.348   -1.440  1.00 20.14 ? 464 GLU A N   1 
ATOM   922  C CA  . GLU A 1 120 ? 16.362  5.386   -0.713  1.00 20.57 ? 464 GLU A CA  1 
ATOM   923  C C   . GLU A 1 120 ? 15.730  3.999   -0.639  1.00 20.00 ? 464 GLU A C   1 
ATOM   924  O O   . GLU A 1 120 ? 16.347  3.055   -0.138  1.00 19.85 ? 464 GLU A O   1 
ATOM   925  C CB  . GLU A 1 120 ? 16.669  5.908   0.689   1.00 21.92 ? 464 GLU A CB  1 
ATOM   926  C CG  . GLU A 1 120 ? 17.657  7.069   0.695   1.00 23.99 ? 464 GLU A CG  1 
ATOM   927  C CD  . GLU A 1 120 ? 17.591  7.904   1.960   1.00 25.26 ? 464 GLU A CD  1 
ATOM   928  O OE1 . GLU A 1 120 ? 18.613  8.537   2.303   1.00 27.38 ? 464 GLU A OE1 1 
ATOM   929  O OE2 . GLU A 1 120 ? 16.523  7.933   2.613   1.00 25.71 ? 464 GLU A OE2 1 
ATOM   930  N N   . LEU A 1 121 ? 14.500  3.878   -1.136  1.00 18.98 ? 465 LEU A N   1 
ATOM   931  C CA  . LEU A 1 121 ? 13.823  2.583   -1.202  1.00 18.28 ? 465 LEU A CA  1 
ATOM   932  C C   . LEU A 1 121 ? 14.456  1.695   -2.270  1.00 17.91 ? 465 LEU A C   1 
ATOM   933  O O   . LEU A 1 121 ? 14.931  2.200   -3.289  1.00 18.19 ? 465 LEU A O   1 
ATOM   934  C CB  . LEU A 1 121 ? 12.329  2.760   -1.511  1.00 17.58 ? 465 LEU A CB  1 
ATOM   935  C CG  . LEU A 1 121 ? 11.380  3.255   -0.411  1.00 17.35 ? 465 LEU A CG  1 
ATOM   936  C CD1 . LEU A 1 121 ? 10.054  3.689   -1.018  1.00 17.10 ? 465 LEU A CD1 1 
ATOM   937  C CD2 . LEU A 1 121 ? 11.159  2.194   0.661   1.00 17.15 ? 465 LEU A CD2 1 
ATOM   938  N N   . PRO A 1 122 ? 14.469  0.367   -2.042  1.00 17.59 ? 466 PRO A N   1 
ATOM   939  C CA  . PRO A 1 122 ? 14.819  -0.548  -3.131  1.00 17.52 ? 466 PRO A CA  1 
ATOM   940  C C   . PRO A 1 122 ? 13.801  -0.381  -4.259  1.00 17.05 ? 466 PRO A C   1 
ATOM   941  O O   . PRO A 1 122 ? 12.670  0.048   -3.998  1.00 16.65 ? 466 PRO A O   1 
ATOM   942  C CB  . PRO A 1 122 ? 14.676  -1.934  -2.494  1.00 17.40 ? 466 PRO A CB  1 
ATOM   943  C CG  . PRO A 1 122 ? 14.793  -1.704  -1.025  1.00 17.80 ? 466 PRO A CG  1 
ATOM   944  C CD  . PRO A 1 122 ? 14.216  -0.345  -0.775  1.00 17.64 ? 466 PRO A CD  1 
ATOM   945  N N   . GLN A 1 123 ? 14.191  -0.707  -5.490  1.00 16.67 ? 467 GLN A N   1 
ATOM   946  C CA  . GLN A 1 123 ? 13.313  -0.492  -6.647  1.00 16.71 ? 467 GLN A CA  1 
ATOM   947  C C   . GLN A 1 123 ? 11.928  -1.127  -6.508  1.00 16.23 ? 467 GLN A C   1 
ATOM   948  O O   . GLN A 1 123 ? 10.923  -0.474  -6.797  1.00 16.01 ? 467 GLN A O   1 
ATOM   949  C CB  . GLN A 1 123 ? 13.966  -0.955  -7.955  1.00 17.13 ? 467 GLN A CB  1 
ATOM   950  C CG  . GLN A 1 123 ? 13.205  -0.491  -9.194  1.00 17.47 ? 467 GLN A CG  1 
ATOM   951  C CD  . GLN A 1 123 ? 13.685  -1.134  -10.480 1.00 17.79 ? 467 GLN A CD  1 
ATOM   952  O OE1 . GLN A 1 123 ? 14.859  -1.477  -10.618 1.00 17.80 ? 467 GLN A OE1 1 
ATOM   953  N NE2 . GLN A 1 123 ? 12.771  -1.291  -11.441 1.00 17.87 ? 467 GLN A NE2 1 
ATOM   954  N N   . ALA A 1 124 ? 11.873  -2.390  -6.081  1.00 15.82 ? 468 ALA A N   1 
ATOM   955  C CA  . ALA A 1 124 ? 10.599  -3.098  -5.977  1.00 15.52 ? 468 ALA A CA  1 
ATOM   956  C C   . ALA A 1 124 ? 9.636   -2.352  -5.057  1.00 15.27 ? 468 ALA A C   1 
ATOM   957  O O   . ALA A 1 124 ? 8.457   -2.198  -5.380  1.00 15.17 ? 468 ALA A O   1 
ATOM   958  C CB  . ALA A 1 124 ? 10.801  -4.532  -5.508  1.00 15.90 ? 468 ALA A CB  1 
ATOM   959  N N   . ASN A 1 125 ? 10.155  -1.877  -3.926  1.00 14.68 ? 469 ASN A N   1 
ATOM   960  C CA  . ASN A 1 125 ? 9.367   -1.094  -2.978  1.00 14.57 ? 469 ASN A CA  1 
ATOM   961  C C   . ASN A 1 125 ? 8.860   0.216   -3.557  1.00 14.29 ? 469 ASN A C   1 
ATOM   962  O O   . ASN A 1 125 ? 7.683   0.537   -3.406  1.00 14.26 ? 469 ASN A O   1 
ATOM   963  C CB  . ASN A 1 125 ? 10.152  -0.846  -1.688  1.00 14.30 ? 469 ASN A CB  1 
ATOM   964  C CG  . ASN A 1 125 ? 10.632  -2.133  -1.055  1.00 14.51 ? 469 ASN A CG  1 
ATOM   965  O OD1 . ASN A 1 125 ? 11.547  -2.778  -1.567  1.00 14.52 ? 469 ASN A OD1 1 
ATOM   966  N ND2 . ASN A 1 125 ? 10.009  -2.524  0.052   1.00 14.16 ? 469 ASN A ND2 1 
ATOM   967  N N   . ARG A 1 126 ? 9.741   0.961   -4.224  1.00 14.25 ? 470 ARG A N   1 
ATOM   968  C CA  . ARG A 1 126 ? 9.359   2.238   -4.842  1.00 14.34 ? 470 ARG A CA  1 
ATOM   969  C C   . ARG A 1 126 ? 8.336   2.055   -5.966  1.00 13.93 ? 470 ARG A C   1 
ATOM   970  O O   . ARG A 1 126 ? 7.330   2.770   -6.012  1.00 13.60 ? 470 ARG A O   1 
ATOM   971  C CB  . ARG A 1 126 ? 10.590  2.991   -5.353  1.00 15.01 ? 470 ARG A CB  1 
ATOM   972  C CG  . ARG A 1 126 ? 10.302  4.387   -5.894  1.00 15.66 ? 470 ARG A CG  1 
ATOM   973  C CD  . ARG A 1 126 ? 11.576  5.168   -6.186  1.00 16.67 ? 470 ARG A CD  1 
ATOM   974  N NE  . ARG A 1 126 ? 12.586  4.328   -6.820  1.00 17.35 ? 470 ARG A NE  1 
ATOM   975  C CZ  . ARG A 1 126 ? 13.708  3.916   -6.233  1.00 17.77 ? 470 ARG A CZ  1 
ATOM   976  N NH1 . ARG A 1 126 ? 14.548  3.134   -6.902  1.00 17.71 ? 470 ARG A NH1 1 
ATOM   977  N NH2 . ARG A 1 126 ? 13.991  4.278   -4.984  1.00 17.96 ? 470 ARG A NH2 1 
ATOM   978  N N   . ASP A 1 127 ? 8.597   1.098   -6.855  1.00 13.68 ? 471 ASP A N   1 
ATOM   979  C CA  . ASP A 1 127 ? 7.713   0.804   -7.993  1.00 13.46 ? 471 ASP A CA  1 
ATOM   980  C C   . ASP A 1 127 ? 6.311   0.377   -7.542  1.00 12.94 ? 471 ASP A C   1 
ATOM   981  O O   . ASP A 1 127 ? 5.307   0.814   -8.114  1.00 12.56 ? 471 ASP A O   1 
ATOM   982  C CB  . ASP A 1 127 ? 8.327   -0.281  -8.889  1.00 13.78 ? 471 ASP A CB  1 
ATOM   983  C CG  . ASP A 1 127 ? 9.504   0.224   -9.725  1.00 14.07 ? 471 ASP A CG  1 
ATOM   984  O OD1 . ASP A 1 127 ? 9.918   1.391   -9.576  1.00 14.45 ? 471 ASP A OD1 1 
ATOM   985  O OD2 . ASP A 1 127 ? 10.017  -0.564  -10.547 1.00 14.36 ? 471 ASP A OD2 1 
ATOM   986  N N   . THR A 1 128 ? 6.256   -0.477  -6.522  1.00 12.58 ? 472 THR A N   1 
ATOM   987  C CA  . THR A 1 128 ? 4.987   -0.955  -5.968  1.00 12.38 ? 472 THR A CA  1 
ATOM   988  C C   . THR A 1 128 ? 4.265   0.171   -5.231  1.00 12.10 ? 472 THR A C   1 
ATOM   989  O O   . THR A 1 128 ? 3.050   0.330   -5.370  1.00 11.84 ? 472 THR A O   1 
ATOM   990  C CB  . THR A 1 128 ? 5.202   -2.170  -5.039  1.00 12.40 ? 472 THR A CB  1 
ATOM   991  O OG1 . THR A 1 128 ? 5.884   -3.198  -5.767  1.00 12.40 ? 472 THR A OG1 1 
ATOM   992  C CG2 . THR A 1 128 ? 3.867   -2.718  -4.519  1.00 12.27 ? 472 THR A CG2 1 
ATOM   993  N N   . LEU A 1 129 ? 5.021   0.949   -4.457  1.00 12.08 ? 473 LEU A N   1 
ATOM   994  C CA  . LEU A 1 129 ? 4.484   2.128   -3.775  1.00 12.17 ? 473 LEU A CA  1 
ATOM   995  C C   . LEU A 1 129 ? 3.897   3.133   -4.766  1.00 12.18 ? 473 LEU A C   1 
ATOM   996  O O   . LEU A 1 129 ? 2.776   3.614   -4.576  1.00 12.17 ? 473 LEU A O   1 
ATOM   997  C CB  . LEU A 1 129 ? 5.556   2.805   -2.913  1.00 12.15 ? 473 LEU A CB  1 
ATOM   998  C CG  . LEU A 1 129 ? 5.176   4.107   -2.192  1.00 12.20 ? 473 LEU A CG  1 
ATOM   999  C CD1 . LEU A 1 129 ? 4.120   3.865   -1.122  1.00 12.22 ? 473 LEU A CD1 1 
ATOM   1000 C CD2 . LEU A 1 129 ? 6.406   4.772   -1.586  1.00 12.24 ? 473 LEU A CD2 1 
ATOM   1001 N N   . ALA A 1 130 ? 4.652   3.424   -5.824  1.00 12.43 ? 474 ALA A N   1 
ATOM   1002 C CA  . ALA A 1 130 ? 4.224   4.363   -6.863  1.00 12.54 ? 474 ALA A CA  1 
ATOM   1003 C C   . ALA A 1 130 ? 2.913   3.914   -7.504  1.00 12.77 ? 474 ALA A C   1 
ATOM   1004 O O   . ALA A 1 130 ? 1.992   4.714   -7.680  1.00 12.73 ? 474 ALA A O   1 
ATOM   1005 C CB  . ALA A 1 130 ? 5.314   4.521   -7.917  1.00 12.74 ? 474 ALA A CB  1 
ATOM   1006 N N   . PHE A 1 131 ? 2.830   2.624   -7.821  1.00 13.01 ? 475 PHE A N   1 
ATOM   1007 C CA  . PHE A 1 131 ? 1.629   2.033   -8.415  1.00 13.36 ? 475 PHE A CA  1 
ATOM   1008 C C   . PHE A 1 131 ? 0.435   2.148   -7.469  1.00 13.36 ? 475 PHE A C   1 
ATOM   1009 O O   . PHE A 1 131 ? -0.666  2.525   -7.886  1.00 13.35 ? 475 PHE A O   1 
ATOM   1010 C CB  . PHE A 1 131 ? 1.889   0.569   -8.787  1.00 13.78 ? 475 PHE A CB  1 
ATOM   1011 C CG  . PHE A 1 131 ? 0.800   -0.058  -9.614  1.00 13.85 ? 475 PHE A CG  1 
ATOM   1012 C CD1 . PHE A 1 131 ? 0.695   0.213   -10.977 1.00 14.05 ? 475 PHE A CD1 1 
ATOM   1013 C CD2 . PHE A 1 131 ? -0.111  -0.933  -9.035  1.00 14.22 ? 475 PHE A CD2 1 
ATOM   1014 C CE1 . PHE A 1 131 ? -0.305  -0.374  -11.745 1.00 14.08 ? 475 PHE A CE1 1 
ATOM   1015 C CE2 . PHE A 1 131 ? -1.113  -1.523  -9.798  1.00 14.33 ? 475 PHE A CE2 1 
ATOM   1016 C CZ  . PHE A 1 131 ? -1.210  -1.243  -11.154 1.00 14.22 ? 475 PHE A CZ  1 
ATOM   1017 N N   . LEU A 1 132 ? 0.657   1.835   -6.193  1.00 13.49 ? 476 LEU A N   1 
ATOM   1018 C CA  . LEU A 1 132 ? -0.398  1.929   -5.185  1.00 13.42 ? 476 LEU A CA  1 
ATOM   1019 C C   . LEU A 1 132 ? -0.872  3.370   -4.993  1.00 13.37 ? 476 LEU A C   1 
ATOM   1020 O O   . LEU A 1 132 ? -2.077  3.619   -4.883  1.00 13.33 ? 476 LEU A O   1 
ATOM   1021 C CB  . LEU A 1 132 ? 0.051   1.319   -3.847  1.00 13.62 ? 476 LEU A CB  1 
ATOM   1022 C CG  . LEU A 1 132 ? -0.993  1.288   -2.718  1.00 13.69 ? 476 LEU A CG  1 
ATOM   1023 C CD1 . LEU A 1 132 ? -2.130  0.321   -3.038  1.00 13.70 ? 476 LEU A CD1 1 
ATOM   1024 C CD2 . LEU A 1 132 ? -0.347  0.935   -1.386  1.00 13.92 ? 476 LEU A CD2 1 
ATOM   1025 N N   . MET A 1 133 ? 0.073   4.312   -4.968  1.00 13.30 ? 477 MET A N   1 
ATOM   1026 C CA  . MET A 1 133 ? -0.246  5.731   -4.761  1.00 13.31 ? 477 MET A CA  1 
ATOM   1027 C C   . MET A 1 133 ? -1.106  6.310   -5.884  1.00 13.28 ? 477 MET A C   1 
ATOM   1028 O O   . MET A 1 133 ? -2.056  7.052   -5.622  1.00 12.94 ? 477 MET A O   1 
ATOM   1029 C CB  . MET A 1 133 ? 1.030   6.561   -4.571  1.00 13.60 ? 477 MET A CB  1 
ATOM   1030 C CG  . MET A 1 133 ? 1.780   6.294   -3.266  1.00 13.90 ? 477 MET A CG  1 
ATOM   1031 S SD  . MET A 1 133 ? 0.860   6.710   -1.769  1.00 14.54 ? 477 MET A SD  1 
ATOM   1032 C CE  . MET A 1 133 ? 0.140   5.128   -1.336  1.00 14.19 ? 477 MET A CE  1 
ATOM   1033 N N   . ILE A 1 134 ? -0.771  5.961   -7.126  1.00 13.12 ? 478 ILE A N   1 
ATOM   1034 C CA  . ILE A 1 134 ? -1.555  6.365   -8.295  1.00 13.14 ? 478 ILE A CA  1 
ATOM   1035 C C   . ILE A 1 134 ? -2.986  5.824   -8.171  1.00 13.33 ? 478 ILE A C   1 
ATOM   1036 O O   . ILE A 1 134 ? -3.955  6.545   -8.437  1.00 13.29 ? 478 ILE A O   1 
ATOM   1037 C CB  . ILE A 1 134 ? -0.898  5.885   -9.611  1.00 13.12 ? 478 ILE A CB  1 
ATOM   1038 C CG1 . ILE A 1 134 ? 0.447   6.593   -9.823  1.00 13.15 ? 478 ILE A CG1 1 
ATOM   1039 C CG2 . ILE A 1 134 ? -1.826  6.105   -10.805 1.00 13.26 ? 478 ILE A CG2 1 
ATOM   1040 C CD1 . ILE A 1 134 ? 1.339   5.950   -10.864 1.00 13.00 ? 478 ILE A CD1 1 
ATOM   1041 N N   . HIS A 1 135 ? -3.105  4.563   -7.753  1.00 13.54 ? 479 HIS A N   1 
ATOM   1042 C CA  . HIS A 1 135 ? -4.407  3.925   -7.558  1.00 13.99 ? 479 HIS A CA  1 
ATOM   1043 C C   . HIS A 1 135 ? -5.208  4.580   -6.464  1.00 14.21 ? 479 HIS A C   1 
ATOM   1044 O O   . HIS A 1 135 ? -6.388  4.888   -6.652  1.00 14.04 ? 479 HIS A O   1 
ATOM   1045 C CB  . HIS A 1 135 ? -4.254  2.422   -7.305  1.00 14.19 ? 479 HIS A CB  1 
ATOM   1046 C CG  . HIS A 1 135 ? -5.509  1.758   -6.772  1.00 14.62 ? 479 HIS A CG  1 
ATOM   1047 N ND1 . HIS A 1 135 ? -6.615  1.580   -7.525  1.00 14.88 ? 479 HIS A ND1 1 
ATOM   1048 C CD2 . HIS A 1 135 ? -5.798  1.221   -5.519  1.00 14.65 ? 479 HIS A CD2 1 
ATOM   1049 C CE1 . HIS A 1 135 ? -7.563  0.968   -6.793  1.00 14.82 ? 479 HIS A CE1 1 
ATOM   1050 N NE2 . HIS A 1 135 ? -7.063  0.743   -5.568  1.00 14.97 ? 479 HIS A NE2 1 
ATOM   1051 N N   . LEU A 1 136 ? -4.575  4.819   -5.317  1.00 14.41 ? 480 LEU A N   1 
ATOM   1052 C CA  . LEU A 1 136 ? -5.285  5.389   -4.170  1.00 14.93 ? 480 LEU A CA  1 
ATOM   1053 C C   . LEU A 1 136 ? -5.705  6.851   -4.367  1.00 15.46 ? 480 LEU A C   1 
ATOM   1054 O O   . LEU A 1 136 ? -6.732  7.276   -3.837  1.00 15.72 ? 480 LEU A O   1 
ATOM   1055 C CB  . LEU A 1 136 ? -4.497  5.188   -2.866  1.00 14.79 ? 480 LEU A CB  1 
ATOM   1056 C CG  . LEU A 1 136 ? -4.375  3.742   -2.356  1.00 14.75 ? 480 LEU A CG  1 
ATOM   1057 C CD1 . LEU A 1 136 ? -3.507  3.679   -1.107  1.00 14.65 ? 480 LEU A CD1 1 
ATOM   1058 C CD2 . LEU A 1 136 ? -5.739  3.115   -2.093  1.00 14.90 ? 480 LEU A CD2 1 
ATOM   1059 N N   . GLN A 1 137 ? -4.919  7.605   -5.137  1.00 15.98 ? 481 GLN A N   1 
ATOM   1060 C CA  . GLN A 1 137 ? -5.315  8.958   -5.560  1.00 16.53 ? 481 GLN A CA  1 
ATOM   1061 C C   . GLN A 1 137 ? -6.625  8.929   -6.356  1.00 16.86 ? 481 GLN A C   1 
ATOM   1062 O O   . GLN A 1 137 ? -7.494  9.777   -6.156  1.00 17.28 ? 481 GLN A O   1 
ATOM   1063 C CB  . GLN A 1 137 ? -4.210  9.627   -6.384  1.00 16.69 ? 481 GLN A CB  1 
ATOM   1064 C CG  . GLN A 1 137 ? -3.024  10.129  -5.572  1.00 16.79 ? 481 GLN A CG  1 
ATOM   1065 C CD  . GLN A 1 137 ? -1.891  10.665  -6.439  1.00 17.13 ? 481 GLN A CD  1 
ATOM   1066 O OE1 . GLN A 1 137 ? -1.887  10.503  -7.659  1.00 17.03 ? 481 GLN A OE1 1 
ATOM   1067 N NE2 . GLN A 1 137 ? -0.921  11.307  -5.804  1.00 17.28 ? 481 GLN A NE2 1 
ATOM   1068 N N   . ARG A 1 138 ? -6.762  7.947   -7.244  1.00 17.11 ? 482 ARG A N   1 
ATOM   1069 C CA  . ARG A 1 138 ? -7.992  7.764   -8.025  1.00 17.47 ? 482 ARG A CA  1 
ATOM   1070 C C   . ARG A 1 138 ? -9.177  7.388   -7.136  1.00 17.69 ? 482 ARG A C   1 
ATOM   1071 O O   . ARG A 1 138 ? -10.303 7.841   -7.369  1.00 17.45 ? 482 ARG A O   1 
ATOM   1072 C CB  . ARG A 1 138 ? -7.785  6.720   -9.125  1.00 17.51 ? 482 ARG A CB  1 
ATOM   1073 C CG  . ARG A 1 138 ? -6.829  7.183   -10.212 1.00 17.65 ? 482 ARG A CG  1 
ATOM   1074 C CD  . ARG A 1 138 ? -6.404  6.044   -11.126 1.00 17.78 ? 482 ARG A CD  1 
ATOM   1075 N NE  . ARG A 1 138 ? -7.424  5.688   -12.116 1.00 17.86 ? 482 ARG A NE  1 
ATOM   1076 C CZ  . ARG A 1 138 ? -7.596  6.310   -13.280 1.00 18.08 ? 482 ARG A CZ  1 
ATOM   1077 N NH1 . ARG A 1 138 ? -6.832  7.345   -13.614 1.00 18.14 ? 482 ARG A NH1 1 
ATOM   1078 N NH2 . ARG A 1 138 ? -8.542  5.904   -14.115 1.00 18.06 ? 482 ARG A NH2 1 
ATOM   1079 N N   . VAL A 1 139 ? -8.911  6.573   -6.114  1.00 17.66 ? 483 VAL A N   1 
ATOM   1080 C CA  . VAL A 1 139 ? -9.919  6.213   -5.110  1.00 18.25 ? 483 VAL A CA  1 
ATOM   1081 C C   . VAL A 1 139 ? -10.384 7.467   -4.365  1.00 18.72 ? 483 VAL A C   1 
ATOM   1082 O O   . VAL A 1 139 ? -11.587 7.671   -4.169  1.00 18.83 ? 483 VAL A O   1 
ATOM   1083 C CB  . VAL A 1 139 ? -9.382  5.157   -4.110  1.00 17.95 ? 483 VAL A CB  1 
ATOM   1084 C CG1 . VAL A 1 139 ? -10.341 4.961   -2.940  1.00 17.63 ? 483 VAL A CG1 1 
ATOM   1085 C CG2 . VAL A 1 139 ? -9.128  3.829   -4.817  1.00 17.55 ? 483 VAL A CG2 1 
ATOM   1086 N N   . ALA A 1 140 ? -9.426  8.309   -3.977  1.00 19.20 ? 484 ALA A N   1 
ATOM   1087 C CA  . ALA A 1 140 ? -9.718  9.545   -3.253  1.00 20.40 ? 484 ALA A CA  1 
ATOM   1088 C C   . ALA A 1 140 ? -10.459 10.576  -4.108  1.00 21.31 ? 484 ALA A C   1 
ATOM   1089 O O   . ALA A 1 140 ? -11.119 11.465  -3.571  1.00 21.66 ? 484 ALA A O   1 
ATOM   1090 C CB  . ALA A 1 140 ? -8.441  10.145  -2.677  1.00 20.24 ? 484 ALA A CB  1 
ATOM   1091 N N   . GLN A 1 141 ? -10.355 10.441  -5.430  1.00 22.04 ? 485 GLN A N   1 
ATOM   1092 C CA  . GLN A 1 141 ? -10.944 11.395  -6.376  1.00 23.64 ? 485 GLN A CA  1 
ATOM   1093 C C   . GLN A 1 141 ? -12.289 10.942  -6.963  1.00 24.23 ? 485 GLN A C   1 
ATOM   1094 O O   . GLN A 1 141 ? -12.895 11.657  -7.765  1.00 24.43 ? 485 GLN A O   1 
ATOM   1095 C CB  . GLN A 1 141 ? -9.951  11.708  -7.499  1.00 24.40 ? 485 GLN A CB  1 
ATOM   1096 C CG  . GLN A 1 141 ? -8.785  12.586  -7.065  1.00 25.36 ? 485 GLN A CG  1 
ATOM   1097 C CD  . GLN A 1 141 ? -7.588  12.482  -7.993  1.00 26.52 ? 485 GLN A CD  1 
ATOM   1098 O OE1 . GLN A 1 141 ? -7.643  11.832  -9.040  1.00 27.53 ? 485 GLN A OE1 1 
ATOM   1099 N NE2 . GLN A 1 141 ? -6.491  13.121  -7.608  1.00 26.98 ? 485 GLN A NE2 1 
ATOM   1100 N N   . SER A 1 142 ? -12.748 9.760   -6.562  1.00 24.49 ? 486 SER A N   1 
ATOM   1101 C CA  . SER A 1 142 ? -14.077 9.282   -6.939  1.00 24.94 ? 486 SER A CA  1 
ATOM   1102 C C   . SER A 1 142 ? -15.132 9.884   -6.011  1.00 25.09 ? 486 SER A C   1 
ATOM   1103 O O   . SER A 1 142 ? -14.952 9.876   -4.795  1.00 24.65 ? 486 SER A O   1 
ATOM   1104 C CB  . SER A 1 142 ? -14.139 7.755   -6.879  1.00 25.40 ? 486 SER A CB  1 
ATOM   1105 O OG  . SER A 1 142 ? -15.483 7.296   -6.889  1.00 26.39 ? 486 SER A OG  1 
ATOM   1106 N N   . PRO A 1 143 ? -16.237 10.404  -6.580  1.00 25.48 ? 487 PRO A N   1 
ATOM   1107 C CA  . PRO A 1 143 ? -17.306 10.991  -5.766  1.00 25.85 ? 487 PRO A CA  1 
ATOM   1108 C C   . PRO A 1 143 ? -18.252 9.942   -5.170  1.00 25.89 ? 487 PRO A C   1 
ATOM   1109 O O   . PRO A 1 143 ? -19.271 10.298  -4.572  1.00 27.11 ? 487 PRO A O   1 
ATOM   1110 C CB  . PRO A 1 143 ? -18.061 11.894  -6.761  1.00 25.97 ? 487 PRO A CB  1 
ATOM   1111 C CG  . PRO A 1 143 ? -17.447 11.661  -8.109  1.00 25.76 ? 487 PRO A CG  1 
ATOM   1112 C CD  . PRO A 1 143 ? -16.561 10.457  -8.014  1.00 25.75 ? 487 PRO A CD  1 
ATOM   1113 N N   . HIS A 1 144 ? -17.915 8.665   -5.330  1.00 25.02 ? 488 HIS A N   1 
ATOM   1114 C CA  . HIS A 1 144 ? -18.744 7.572   -4.825  1.00 24.77 ? 488 HIS A CA  1 
ATOM   1115 C C   . HIS A 1 144 ? -18.140 6.857   -3.645  1.00 24.78 ? 488 HIS A C   1 
ATOM   1116 O O   . HIS A 1 144 ? -18.857 6.220   -2.872  1.00 24.71 ? 488 HIS A O   1 
ATOM   1117 C CB  . HIS A 1 144 ? -19.020 6.555   -5.928  1.00 24.50 ? 488 HIS A CB  1 
ATOM   1118 C CG  . HIS A 1 144 ? -19.833 7.094   -7.081  1.00 24.75 ? 488 HIS A CG  1 
ATOM   1119 N ND1 . HIS A 1 144 ? -21.065 7.612   -6.923  1.00 24.69 ? 488 HIS A ND1 1 
ATOM   1120 C CD2 . HIS A 1 144 ? -19.557 7.146   -8.448  1.00 24.85 ? 488 HIS A CD2 1 
ATOM   1121 C CE1 . HIS A 1 144 ? -21.548 7.992   -8.122  1.00 24.48 ? 488 HIS A CE1 1 
ATOM   1122 N NE2 . HIS A 1 144 ? -20.624 7.707   -9.053  1.00 25.09 ? 488 HIS A NE2 1 
ATOM   1123 N N   . THR A 1 145 ? -16.820 6.938   -3.500  1.00 24.61 ? 489 THR A N   1 
ATOM   1124 C CA  . THR A 1 145 ? -16.116 6.164   -2.472  1.00 24.50 ? 489 THR A CA  1 
ATOM   1125 C C   . THR A 1 145 ? -16.267 6.735   -1.062  1.00 24.84 ? 489 THR A C   1 
ATOM   1126 O O   . THR A 1 145 ? -16.306 5.978   -0.089  1.00 25.16 ? 489 THR A O   1 
ATOM   1127 C CB  . THR A 1 145 ? -14.614 6.002   -2.794  1.00 23.92 ? 489 THR A CB  1 
ATOM   1128 O OG1 . THR A 1 145 ? -13.992 7.291   -2.857  1.00 23.48 ? 489 THR A OG1 1 
ATOM   1129 C CG2 . THR A 1 145 ? -14.423 5.267   -4.118  1.00 23.60 ? 489 THR A CG2 1 
ATOM   1130 N N   . LYS A 1 146 ? -16.351 8.063   -0.968  1.00 25.40 ? 490 LYS A N   1 
ATOM   1131 C CA  . LYS A 1 146 ? -16.361 8.790   0.313   1.00 26.22 ? 490 LYS A CA  1 
ATOM   1132 C C   . LYS A 1 146 ? -15.140 8.426   1.168   1.00 26.01 ? 490 LYS A C   1 
ATOM   1133 O O   . LYS A 1 146 ? -15.233 8.228   2.386   1.00 25.91 ? 490 LYS A O   1 
ATOM   1134 C CB  . LYS A 1 146 ? -17.688 8.605   1.070   1.00 27.15 ? 490 LYS A CB  1 
ATOM   1135 C CG  . LYS A 1 146 ? -18.911 9.137   0.329   1.00 27.95 ? 490 LYS A CG  1 
ATOM   1136 C CD  . LYS A 1 146 ? -19.748 8.012   -0.260  1.00 28.92 ? 490 LYS A CD  1 
ATOM   1137 C CE  . LYS A 1 146 ? -20.600 8.465   -1.442  1.00 29.39 ? 490 LYS A CE  1 
ATOM   1138 N NZ  . LYS A 1 146 ? -21.573 9.545   -1.120  1.00 30.26 ? 490 LYS A NZ  1 
ATOM   1139 N N   . MET A 1 147 ? -13.996 8.336   0.495   1.00 25.44 ? 491 MET A N   1 
ATOM   1140 C CA  . MET A 1 147 ? -12.728 8.003   1.126   1.00 24.80 ? 491 MET A CA  1 
ATOM   1141 C C   . MET A 1 147 ? -11.659 8.986   0.661   1.00 24.65 ? 491 MET A C   1 
ATOM   1142 O O   . MET A 1 147 ? -10.967 8.741   -0.330  1.00 24.54 ? 491 MET A O   1 
ATOM   1143 C CB  . MET A 1 147 ? -12.320 6.566   0.779   1.00 24.59 ? 491 MET A CB  1 
ATOM   1144 C CG  . MET A 1 147 ? -13.169 5.481   1.427   1.00 24.20 ? 491 MET A CG  1 
ATOM   1145 S SD  . MET A 1 147 ? -13.030 5.413   3.227   1.00 24.63 ? 491 MET A SD  1 
ATOM   1146 C CE  . MET A 1 147 ? -11.323 4.899   3.438   1.00 24.14 ? 491 MET A CE  1 
ATOM   1147 N N   . ASP A 1 148 ? -11.533 10.104  1.372   1.00 24.27 ? 492 ASP A N   1 
ATOM   1148 C CA  . ASP A 1 148 ? -10.523 11.107  1.036   1.00 24.23 ? 492 ASP A CA  1 
ATOM   1149 C C   . ASP A 1 148 ? -9.116  10.668  1.468   1.00 23.31 ? 492 ASP A C   1 
ATOM   1150 O O   . ASP A 1 148 ? -8.948  9.601   2.066   1.00 23.01 ? 492 ASP A O   1 
ATOM   1151 C CB  . ASP A 1 148 ? -10.894 12.484  1.614   1.00 24.74 ? 492 ASP A CB  1 
ATOM   1152 C CG  . ASP A 1 148 ? -11.026 12.486  3.135   1.00 25.39 ? 492 ASP A CG  1 
ATOM   1153 O OD1 . ASP A 1 148 ? -10.488 11.580  3.810   1.00 24.72 ? 492 ASP A OD1 1 
ATOM   1154 O OD2 . ASP A 1 148 ? -11.666 13.421  3.659   1.00 26.23 ? 492 ASP A OD2 1 
ATOM   1155 N N   . VAL A 1 149 ? -8.117  11.492  1.154   1.00 22.81 ? 493 VAL A N   1 
ATOM   1156 C CA  . VAL A 1 149 ? -6.716  11.195  1.473   1.00 22.13 ? 493 VAL A CA  1 
ATOM   1157 C C   . VAL A 1 149 ? -6.524  10.945  2.974   1.00 21.76 ? 493 VAL A C   1 
ATOM   1158 O O   . VAL A 1 149 ? -5.817  10.014  3.367   1.00 20.92 ? 493 VAL A O   1 
ATOM   1159 C CB  . VAL A 1 149 ? -5.769  12.307  0.956   1.00 22.30 ? 493 VAL A CB  1 
ATOM   1160 C CG1 . VAL A 1 149 ? -4.356  12.139  1.501   1.00 22.19 ? 493 VAL A CG1 1 
ATOM   1161 C CG2 . VAL A 1 149 ? -5.743  12.313  -0.565  1.00 22.57 ? 493 VAL A CG2 1 
ATOM   1162 N N   . ALA A 1 150 ? -7.175  11.766  3.797   1.00 21.60 ? 494 ALA A N   1 
ATOM   1163 C CA  . ALA A 1 150 ? -7.147  11.609  5.253   1.00 21.69 ? 494 ALA A CA  1 
ATOM   1164 C C   . ALA A 1 150 ? -7.641  10.229  5.702   1.00 21.33 ? 494 ALA A C   1 
ATOM   1165 O O   . ALA A 1 150 ? -6.976  9.567   6.496   1.00 21.46 ? 494 ALA A O   1 
ATOM   1166 C CB  . ALA A 1 150 ? -7.949  12.716  5.925   1.00 21.77 ? 494 ALA A CB  1 
ATOM   1167 N N   . ASN A 1 151 ? -8.791  9.798   5.175   1.00 21.28 ? 495 ASN A N   1 
ATOM   1168 C CA  . ASN A 1 151 ? -9.393  8.508   5.533   1.00 21.22 ? 495 ASN A CA  1 
ATOM   1169 C C   . ASN A 1 151 ? -8.553  7.308   5.099   1.00 19.88 ? 495 ASN A C   1 
ATOM   1170 O O   . ASN A 1 151 ? -8.352  6.370   5.873   1.00 19.12 ? 495 ASN A O   1 
ATOM   1171 C CB  . ASN A 1 151 ? -10.803 8.375   4.941   1.00 22.84 ? 495 ASN A CB  1 
ATOM   1172 C CG  . ASN A 1 151 ? -11.783 9.394   5.500   1.00 24.57 ? 495 ASN A CG  1 
ATOM   1173 O OD1 . ASN A 1 151 ? -11.460 10.166  6.405   1.00 25.64 ? 495 ASN A OD1 1 
ATOM   1174 N ND2 . ASN A 1 151 ? -12.996 9.405   4.947   1.00 24.94 ? 495 ASN A ND2 1 
ATOM   1175 N N   . LEU A 1 152 ? -8.077  7.346   3.856   1.00 18.86 ? 496 LEU A N   1 
ATOM   1176 C CA  . LEU A 1 152 ? -7.232  6.286   3.303   1.00 18.28 ? 496 LEU A CA  1 
ATOM   1177 C C   . LEU A 1 152 ? -5.908  6.144   4.053   1.00 18.04 ? 496 LEU A C   1 
ATOM   1178 O O   . LEU A 1 152 ? -5.377  5.039   4.178   1.00 17.53 ? 496 LEU A O   1 
ATOM   1179 C CB  . LEU A 1 152 ? -6.968  6.527   1.815   1.00 18.03 ? 496 LEU A CB  1 
ATOM   1180 C CG  . LEU A 1 152 ? -8.147  6.329   0.856   1.00 17.90 ? 496 LEU A CG  1 
ATOM   1181 C CD1 . LEU A 1 152 ? -7.807  6.874   -0.526  1.00 17.88 ? 496 LEU A CD1 1 
ATOM   1182 C CD2 . LEU A 1 152 ? -8.558  4.862   0.774   1.00 18.05 ? 496 LEU A CD2 1 
ATOM   1183 N N   . ALA A 1 153 ? -5.384  7.268   4.544   1.00 17.88 ? 497 ALA A N   1 
ATOM   1184 C CA  . ALA A 1 153 ? -4.129  7.283   5.298   1.00 17.91 ? 497 ALA A CA  1 
ATOM   1185 C C   . ALA A 1 153 ? -4.254  6.529   6.620   1.00 18.28 ? 497 ALA A C   1 
ATOM   1186 O O   . ALA A 1 153 ? -3.321  5.845   7.047   1.00 18.05 ? 497 ALA A O   1 
ATOM   1187 C CB  . ALA A 1 153 ? -3.661  8.713   5.532   1.00 17.99 ? 497 ALA A CB  1 
ATOM   1188 N N   . LYS A 1 154 ? -5.420  6.651   7.249   1.00 18.74 ? 498 LYS A N   1 
ATOM   1189 C CA  . LYS A 1 154 ? -5.720  5.954   8.495   1.00 19.43 ? 498 LYS A CA  1 
ATOM   1190 C C   . LYS A 1 154 ? -5.839  4.447   8.277   1.00 18.73 ? 498 LYS A C   1 
ATOM   1191 O O   . LYS A 1 154 ? -5.419  3.655   9.123   1.00 18.37 ? 498 LYS A O   1 
ATOM   1192 C CB  . LYS A 1 154 ? -6.996  6.528   9.117   1.00 20.55 ? 498 LYS A CB  1 
ATOM   1193 C CG  . LYS A 1 154 ? -6.785  7.903   9.738   1.00 21.64 ? 498 LYS A CG  1 
ATOM   1194 C CD  . LYS A 1 154 ? -7.925  8.874   9.470   1.00 22.95 ? 498 LYS A CD  1 
ATOM   1195 C CE  . LYS A 1 154 ? -9.231  8.438   10.103  1.00 23.65 ? 498 LYS A CE  1 
ATOM   1196 N NZ  . LYS A 1 154 ? -10.157 9.588   10.314  1.00 24.24 ? 498 LYS A NZ  1 
ATOM   1197 N N   . VAL A 1 155 ? -6.394  4.059   7.130   1.00 18.17 ? 499 VAL A N   1 
ATOM   1198 C CA  . VAL A 1 155 ? -6.505  2.645   6.764   1.00 17.97 ? 499 VAL A CA  1 
ATOM   1199 C C   . VAL A 1 155 ? -5.143  2.063   6.357   1.00 17.52 ? 499 VAL A C   1 
ATOM   1200 O O   . VAL A 1 155 ? -4.770  0.976   6.801   1.00 17.33 ? 499 VAL A O   1 
ATOM   1201 C CB  . VAL A 1 155 ? -7.566  2.420   5.656   1.00 18.16 ? 499 VAL A CB  1 
ATOM   1202 C CG1 . VAL A 1 155 ? -7.468  1.015   5.080   1.00 18.47 ? 499 VAL A CG1 1 
ATOM   1203 C CG2 . VAL A 1 155 ? -8.966  2.670   6.200   1.00 18.23 ? 499 VAL A CG2 1 
ATOM   1204 N N   . PHE A 1 156 ? -4.396  2.801   5.538   1.00 16.85 ? 500 PHE A N   1 
ATOM   1205 C CA  . PHE A 1 156 ? -3.133  2.294   4.989   1.00 16.22 ? 500 PHE A CA  1 
ATOM   1206 C C   . PHE A 1 156 ? -1.905  2.480   5.885   1.00 16.01 ? 500 PHE A C   1 
ATOM   1207 O O   . PHE A 1 156 ? -0.840  1.942   5.589   1.00 15.59 ? 500 PHE A O   1 
ATOM   1208 C CB  . PHE A 1 156 ? -2.897  2.835   3.575   1.00 15.96 ? 500 PHE A CB  1 
ATOM   1209 C CG  . PHE A 1 156 ? -3.637  2.062   2.519   1.00 15.83 ? 500 PHE A CG  1 
ATOM   1210 C CD1 . PHE A 1 156 ? -4.952  2.383   2.194   1.00 15.82 ? 500 PHE A CD1 1 
ATOM   1211 C CD2 . PHE A 1 156 ? -3.032  0.982   1.882   1.00 15.60 ? 500 PHE A CD2 1 
ATOM   1212 C CE1 . PHE A 1 156 ? -5.641  1.652   1.236   1.00 15.55 ? 500 PHE A CE1 1 
ATOM   1213 C CE2 . PHE A 1 156 ? -3.715  0.250   0.924   1.00 15.57 ? 500 PHE A CE2 1 
ATOM   1214 C CZ  . PHE A 1 156 ? -5.018  0.588   0.598   1.00 15.55 ? 500 PHE A CZ  1 
ATOM   1215 N N   . GLY A 1 157 ? -2.064  3.233   6.972   1.00 15.81 ? 501 GLY A N   1 
ATOM   1216 C CA  . GLY A 1 157 ? -0.989  3.436   7.947   1.00 15.82 ? 501 GLY A CA  1 
ATOM   1217 C C   . GLY A 1 157 ? -0.357  2.124   8.396   1.00 15.65 ? 501 GLY A C   1 
ATOM   1218 O O   . GLY A 1 157 ? 0.823   1.892   8.144   1.00 15.74 ? 501 GLY A O   1 
ATOM   1219 N N   . PRO A 1 158 ? -1.146  1.252   9.056   1.00 15.75 ? 502 PRO A N   1 
ATOM   1220 C CA  . PRO A 1 158 ? -0.669  -0.075  9.456   1.00 15.90 ? 502 PRO A CA  1 
ATOM   1221 C C   . PRO A 1 158 ? -0.256  -0.963  8.277   1.00 16.22 ? 502 PRO A C   1 
ATOM   1222 O O   . PRO A 1 158 ? 0.618   -1.817  8.436   1.00 16.54 ? 502 PRO A O   1 
ATOM   1223 C CB  . PRO A 1 158 ? -1.880  -0.678  10.175  1.00 15.87 ? 502 PRO A CB  1 
ATOM   1224 C CG  . PRO A 1 158 ? -2.631  0.506   10.691  1.00 15.95 ? 502 PRO A CG  1 
ATOM   1225 C CD  . PRO A 1 158 ? -2.480  1.544   9.621   1.00 15.72 ? 502 PRO A CD  1 
ATOM   1226 N N   . THR A 1 159 ? -0.867  -0.756  7.111   1.00 16.09 ? 503 THR A N   1 
ATOM   1227 C CA  . THR A 1 159 ? -0.640  -1.617  5.946   1.00 16.40 ? 503 THR A CA  1 
ATOM   1228 C C   . THR A 1 159 ? 0.732   -1.434  5.306   1.00 16.04 ? 503 THR A C   1 
ATOM   1229 O O   . THR A 1 159 ? 1.429   -2.418  5.056   1.00 16.18 ? 503 THR A O   1 
ATOM   1230 C CB  . THR A 1 159 ? -1.748  -1.437  4.884   1.00 16.71 ? 503 THR A CB  1 
ATOM   1231 O OG1 . THR A 1 159 ? -3.011  -1.761  5.468   1.00 17.48 ? 503 THR A OG1 1 
ATOM   1232 C CG2 . THR A 1 159 ? -1.524  -2.355  3.685   1.00 17.18 ? 503 THR A CG2 1 
ATOM   1233 N N   . ILE A 1 160 ? 1.114   -0.189  5.029   1.00 15.52 ? 504 ILE A N   1 
ATOM   1234 C CA  . ILE A 1 160 ? 2.351   0.064   4.281   1.00 15.42 ? 504 ILE A CA  1 
ATOM   1235 C C   . ILE A 1 160 ? 3.490   0.666   5.109   1.00 14.92 ? 504 ILE A C   1 
ATOM   1236 O O   . ILE A 1 160 ? 4.645   0.544   4.723   1.00 14.64 ? 504 ILE A O   1 
ATOM   1237 C CB  . ILE A 1 160 ? 2.120   0.883   2.983   1.00 15.70 ? 504 ILE A CB  1 
ATOM   1238 C CG1 . ILE A 1 160 ? 1.693   2.321   3.298   1.00 15.76 ? 504 ILE A CG1 1 
ATOM   1239 C CG2 . ILE A 1 160 ? 1.114   0.177   2.076   1.00 15.79 ? 504 ILE A CG2 1 
ATOM   1240 C CD1 . ILE A 1 160 ? 1.965   3.301   2.177   1.00 16.12 ? 504 ILE A CD1 1 
ATOM   1241 N N   . VAL A 1 161 ? 3.163   1.304   6.233   1.00 14.77 ? 505 VAL A N   1 
ATOM   1242 C CA  . VAL A 1 161 ? 4.187   1.868   7.121   1.00 14.67 ? 505 VAL A CA  1 
ATOM   1243 C C   . VAL A 1 161 ? 4.593   0.849   8.192   1.00 14.67 ? 505 VAL A C   1 
ATOM   1244 O O   . VAL A 1 161 ? 5.773   0.508   8.315   1.00 14.01 ? 505 VAL A O   1 
ATOM   1245 C CB  . VAL A 1 161 ? 3.740   3.187   7.796   1.00 14.76 ? 505 VAL A CB  1 
ATOM   1246 C CG1 . VAL A 1 161 ? 4.920   3.849   8.505   1.00 14.69 ? 505 VAL A CG1 1 
ATOM   1247 C CG2 . VAL A 1 161 ? 3.131   4.144   6.778   1.00 14.74 ? 505 VAL A CG2 1 
ATOM   1248 N N   . ALA A 1 162 ? 3.606   0.365   8.950   1.00 14.64 ? 506 ALA A N   1 
ATOM   1249 C CA  . ALA A 1 162 ? 3.821   -0.615  10.025  1.00 14.85 ? 506 ALA A CA  1 
ATOM   1250 C C   . ALA A 1 162 ? 4.875   -0.139  11.037  1.00 14.94 ? 506 ALA A C   1 
ATOM   1251 O O   . ALA A 1 162 ? 4.858   1.028   11.444  1.00 14.87 ? 506 ALA A O   1 
ATOM   1252 C CB  . ALA A 1 162 ? 4.164   -1.988  9.453   1.00 14.90 ? 506 ALA A CB  1 
ATOM   1253 N N   . HIS A 1 163 ? 5.790   -1.028  11.425  1.00 15.15 ? 507 HIS A N   1 
ATOM   1254 C CA  . HIS A 1 163 ? 6.783   -0.722  12.457  1.00 15.52 ? 507 HIS A CA  1 
ATOM   1255 C C   . HIS A 1 163 ? 8.191   -0.927  11.961  1.00 15.99 ? 507 HIS A C   1 
ATOM   1256 O O   . HIS A 1 163 ? 8.402   -1.417  10.849  1.00 15.89 ? 507 HIS A O   1 
ATOM   1257 C CB  . HIS A 1 163 ? 6.534   -1.572  13.701  1.00 15.48 ? 507 HIS A CB  1 
ATOM   1258 C CG  . HIS A 1 163 ? 5.101   -1.547  14.187  1.00 15.39 ? 507 HIS A CG  1 
ATOM   1259 N ND1 . HIS A 1 163 ? 4.620   -0.569  14.975  1.00 15.42 ? 507 HIS A ND1 1 
ATOM   1260 C CD2 . HIS A 1 163 ? 4.046   -2.434  13.977  1.00 15.26 ? 507 HIS A CD2 1 
ATOM   1261 C CE1 . HIS A 1 163 ? 3.326   -0.807  15.251  1.00 15.10 ? 507 HIS A CE1 1 
ATOM   1262 N NE2 . HIS A 1 163 ? 2.974   -1.948  14.639  1.00 15.27 ? 507 HIS A NE2 1 
ATOM   1263 N N   . ALA A 1 164 ? 9.165   -0.546  12.786  1.00 16.47 ? 508 ALA A N   1 
ATOM   1264 C CA  . ALA A 1 164 ? 10.583  -0.701  12.464  1.00 17.02 ? 508 ALA A CA  1 
ATOM   1265 C C   . ALA A 1 164 ? 11.086  -2.107  12.785  1.00 17.52 ? 508 ALA A C   1 
ATOM   1266 O O   . ALA A 1 164 ? 12.198  -2.483  12.400  1.00 17.02 ? 508 ALA A O   1 
ATOM   1267 C CB  . ALA A 1 164 ? 11.406  0.341   13.207  1.00 17.06 ? 508 ALA A CB  1 
ATOM   1268 N N   . VAL A 1 165 ? 10.255  -2.868  13.499  1.00 18.04 ? 509 VAL A N   1 
ATOM   1269 C CA  . VAL A 1 165 ? 10.539  -4.257  13.872  1.00 18.78 ? 509 VAL A CA  1 
ATOM   1270 C C   . VAL A 1 165 ? 9.263   -5.088  13.650  1.00 19.53 ? 509 VAL A C   1 
ATOM   1271 O O   . VAL A 1 165 ? 8.178   -4.515  13.542  1.00 19.46 ? 509 VAL A O   1 
ATOM   1272 C CB  . VAL A 1 165 ? 11.013  -4.370  15.343  1.00 18.69 ? 509 VAL A CB  1 
ATOM   1273 C CG1 . VAL A 1 165 ? 12.379  -3.714  15.532  1.00 18.59 ? 509 VAL A CG1 1 
ATOM   1274 C CG2 . VAL A 1 165 ? 9.987   -3.773  16.303  1.00 18.36 ? 509 VAL A CG2 1 
ATOM   1275 N N   . PRO A 1 166 ? 9.381   -6.431  13.563  1.00 20.38 ? 510 PRO A N   1 
ATOM   1276 C CA  . PRO A 1 166 ? 8.179   -7.233  13.299  1.00 20.98 ? 510 PRO A CA  1 
ATOM   1277 C C   . PRO A 1 166 ? 7.222   -7.301  14.488  1.00 21.09 ? 510 PRO A C   1 
ATOM   1278 O O   . PRO A 1 166 ? 6.014   -7.457  14.302  1.00 21.67 ? 510 PRO A O   1 
ATOM   1279 C CB  . PRO A 1 166 ? 8.737   -8.639  13.009  1.00 21.10 ? 510 PRO A CB  1 
ATOM   1280 C CG  . PRO A 1 166 ? 10.218  -8.483  12.894  1.00 21.09 ? 510 PRO A CG  1 
ATOM   1281 C CD  . PRO A 1 166 ? 10.576  -7.280  13.703  1.00 20.54 ? 510 PRO A CD  1 
ATOM   1282 N N   . ASN A 1 167 ? 7.766   -7.182  15.695  1.00 21.05 ? 511 ASN A N   1 
ATOM   1283 C CA  . ASN A 1 167 ? 6.996   -7.387  16.922  1.00 20.99 ? 511 ASN A CA  1 
ATOM   1284 C C   . ASN A 1 167 ? 7.327   -6.364  18.021  1.00 20.03 ? 511 ASN A C   1 
ATOM   1285 O O   . ASN A 1 167 ? 7.922   -6.711  19.048  1.00 19.98 ? 511 ASN A O   1 
ATOM   1286 C CB  . ASN A 1 167 ? 7.178   -8.832  17.422  1.00 22.32 ? 511 ASN A CB  1 
ATOM   1287 C CG  . ASN A 1 167 ? 8.633   -9.182  17.726  1.00 23.56 ? 511 ASN A CG  1 
ATOM   1288 O OD1 . ASN A 1 167 ? 8.903   -10.043 18.563  1.00 24.99 ? 511 ASN A OD1 1 
ATOM   1289 N ND2 . ASN A 1 167 ? 9.577   -8.517  17.050  1.00 23.58 ? 511 ASN A ND2 1 
ATOM   1290 N N   . PRO A 1 168 ? 6.932   -5.094  17.813  1.00 19.11 ? 512 PRO A N   1 
ATOM   1291 C CA  . PRO A 1 168 ? 7.293   -4.039  18.762  1.00 18.65 ? 512 PRO A CA  1 
ATOM   1292 C C   . PRO A 1 168 ? 6.676   -4.244  20.143  1.00 18.27 ? 512 PRO A C   1 
ATOM   1293 O O   . PRO A 1 168 ? 5.615   -4.856  20.263  1.00 18.06 ? 512 PRO A O   1 
ATOM   1294 C CB  . PRO A 1 168 ? 6.717   -2.773  18.116  1.00 18.71 ? 512 PRO A CB  1 
ATOM   1295 C CG  . PRO A 1 168 ? 5.595   -3.259  17.269  1.00 18.77 ? 512 PRO A CG  1 
ATOM   1296 C CD  . PRO A 1 168 ? 6.041   -4.593  16.747  1.00 18.88 ? 512 PRO A CD  1 
ATOM   1297 N N   . ASP A 1 169 ? 7.354   -3.738  21.172  1.00 18.22 ? 513 ASP A N   1 
ATOM   1298 C CA  . ASP A 1 169 ? 6.790   -3.659  22.520  1.00 18.13 ? 513 ASP A CA  1 
ATOM   1299 C C   . ASP A 1 169 ? 5.532   -2.778  22.487  1.00 17.71 ? 513 ASP A C   1 
ATOM   1300 O O   . ASP A 1 169 ? 5.426   -1.899  21.627  1.00 17.60 ? 513 ASP A O   1 
ATOM   1301 C CB  . ASP A 1 169 ? 7.824   -3.088  23.500  1.00 18.43 ? 513 ASP A CB  1 
ATOM   1302 C CG  . ASP A 1 169 ? 8.255   -1.676  23.140  1.00 18.77 ? 513 ASP A CG  1 
ATOM   1303 O OD1 . ASP A 1 169 ? 9.216   -1.522  22.360  1.00 19.42 ? 513 ASP A OD1 1 
ATOM   1304 O OD2 . ASP A 1 169 ? 7.638   -0.719  23.645  1.00 18.91 ? 513 ASP A OD2 1 
ATOM   1305 N N   . PRO A 1 170 ? 4.577   -3.011  23.413  1.00 17.59 ? 514 PRO A N   1 
ATOM   1306 C CA  . PRO A 1 170 ? 3.292   -2.294  23.405  1.00 17.31 ? 514 PRO A CA  1 
ATOM   1307 C C   . PRO A 1 170 ? 3.386   -0.765  23.475  1.00 17.25 ? 514 PRO A C   1 
ATOM   1308 O O   . PRO A 1 170 ? 2.540   -0.083  22.892  1.00 17.05 ? 514 PRO A O   1 
ATOM   1309 C CB  . PRO A 1 170 ? 2.560   -2.849  24.639  1.00 17.32 ? 514 PRO A CB  1 
ATOM   1310 C CG  . PRO A 1 170 ? 3.596   -3.557  25.442  1.00 17.37 ? 514 PRO A CG  1 
ATOM   1311 C CD  . PRO A 1 170 ? 4.590   -4.065  24.442  1.00 17.53 ? 514 PRO A CD  1 
ATOM   1312 N N   . VAL A 1 171 ? 4.394   -0.233  24.167  1.00 17.08 ? 515 VAL A N   1 
ATOM   1313 C CA  . VAL A 1 171 ? 4.589   1.225   24.218  1.00 16.95 ? 515 VAL A CA  1 
ATOM   1314 C C   . VAL A 1 171 ? 4.886   1.758   22.815  1.00 16.90 ? 515 VAL A C   1 
ATOM   1315 O O   . VAL A 1 171 ? 4.192   2.649   22.322  1.00 16.95 ? 515 VAL A O   1 
ATOM   1316 C CB  . VAL A 1 171 ? 5.693   1.647   25.222  1.00 17.04 ? 515 VAL A CB  1 
ATOM   1317 C CG1 . VAL A 1 171 ? 6.044   3.123   25.062  1.00 17.00 ? 515 VAL A CG1 1 
ATOM   1318 C CG2 . VAL A 1 171 ? 5.254   1.365   26.653  1.00 17.00 ? 515 VAL A CG2 1 
ATOM   1319 N N   . THR A 1 172 ? 5.901   1.181   22.176  1.00 16.94 ? 516 THR A N   1 
ATOM   1320 C CA  . THR A 1 172 ? 6.292   1.534   20.812  1.00 16.82 ? 516 THR A CA  1 
ATOM   1321 C C   . THR A 1 172 ? 5.153   1.288   19.817  1.00 16.58 ? 516 THR A C   1 
ATOM   1322 O O   . THR A 1 172 ? 4.891   2.126   18.952  1.00 16.02 ? 516 THR A O   1 
ATOM   1323 C CB  . THR A 1 172 ? 7.554   0.756   20.388  1.00 17.07 ? 516 THR A CB  1 
ATOM   1324 O OG1 . THR A 1 172 ? 8.596   0.995   21.342  1.00 17.16 ? 516 THR A OG1 1 
ATOM   1325 C CG2 . THR A 1 172 ? 8.034   1.183   19.001  1.00 17.29 ? 516 THR A CG2 1 
ATOM   1326 N N   . MET A 1 173 ? 4.475   0.151   19.962  1.00 16.46 ? 517 MET A N   1 
ATOM   1327 C CA  . MET A 1 173 ? 3.370   -0.219  19.077  1.00 16.66 ? 517 MET A CA  1 
ATOM   1328 C C   . MET A 1 173 ? 2.313   0.889   18.985  1.00 16.49 ? 517 MET A C   1 
ATOM   1329 O O   . MET A 1 173 ? 1.933   1.297   17.882  1.00 16.24 ? 517 MET A O   1 
ATOM   1330 C CB  . MET A 1 173 ? 2.738   -1.539  19.533  1.00 16.93 ? 517 MET A CB  1 
ATOM   1331 C CG  . MET A 1 173 ? 1.728   -2.128  18.554  1.00 17.07 ? 517 MET A CG  1 
ATOM   1332 S SD  . MET A 1 173 ? 0.960   -3.640  19.164  1.00 17.50 ? 517 MET A SD  1 
ATOM   1333 C CE  . MET A 1 173 ? 0.048   -3.014  20.577  1.00 17.26 ? 517 MET A CE  1 
ATOM   1334 N N   . LEU A 1 174 ? 1.857   1.383   20.136  1.00 16.40 ? 518 LEU A N   1 
ATOM   1335 C CA  . LEU A 1 174 ? 0.803   2.400   20.160  1.00 16.80 ? 518 LEU A CA  1 
ATOM   1336 C C   . LEU A 1 174 ? 1.322   3.790   19.781  1.00 17.00 ? 518 LEU A C   1 
ATOM   1337 O O   . LEU A 1 174 ? 0.580   4.592   19.214  1.00 17.08 ? 518 LEU A O   1 
ATOM   1338 C CB  . LEU A 1 174 ? 0.061   2.420   21.507  1.00 16.93 ? 518 LEU A CB  1 
ATOM   1339 C CG  . LEU A 1 174 ? -0.796  1.207   21.910  1.00 16.86 ? 518 LEU A CG  1 
ATOM   1340 C CD1 . LEU A 1 174 ? -1.571  1.511   23.182  1.00 16.94 ? 518 LEU A CD1 1 
ATOM   1341 C CD2 . LEU A 1 174 ? -1.763  0.777   20.812  1.00 16.82 ? 518 LEU A CD2 1 
ATOM   1342 N N   . GLN A 1 175 ? 2.594   4.064   20.073  1.00 17.45 ? 519 GLN A N   1 
ATOM   1343 C CA  . GLN A 1 175 ? 3.233   5.303   19.612  1.00 17.91 ? 519 GLN A CA  1 
ATOM   1344 C C   . GLN A 1 175 ? 3.312   5.327   18.085  1.00 17.60 ? 519 GLN A C   1 
ATOM   1345 O O   . GLN A 1 175 ? 3.001   6.347   17.456  1.00 17.63 ? 519 GLN A O   1 
ATOM   1346 C CB  . GLN A 1 175 ? 4.634   5.470   20.215  1.00 18.81 ? 519 GLN A CB  1 
ATOM   1347 C CG  . GLN A 1 175 ? 4.648   5.891   21.679  1.00 20.18 ? 519 GLN A CG  1 
ATOM   1348 C CD  . GLN A 1 175 ? 6.040   5.884   22.297  1.00 21.40 ? 519 GLN A CD  1 
ATOM   1349 O OE1 . GLN A 1 175 ? 6.922   5.134   21.876  1.00 22.51 ? 519 GLN A OE1 1 
ATOM   1350 N NE2 . GLN A 1 175 ? 6.238   6.721   23.311  1.00 21.97 ? 519 GLN A NE2 1 
ATOM   1351 N N   . ASP A 1 176 ? 3.705   4.195   17.502  1.00 17.00 ? 520 ASP A N   1 
ATOM   1352 C CA  . ASP A 1 176 ? 3.855   4.065   16.050  1.00 16.73 ? 520 ASP A CA  1 
ATOM   1353 C C   . ASP A 1 176 ? 2.565   4.345   15.282  1.00 16.45 ? 520 ASP A C   1 
ATOM   1354 O O   . ASP A 1 176 ? 2.583   5.079   14.299  1.00 16.28 ? 520 ASP A O   1 
ATOM   1355 C CB  . ASP A 1 176 ? 4.368   2.675   15.668  1.00 16.47 ? 520 ASP A CB  1 
ATOM   1356 C CG  . ASP A 1 176 ? 5.856   2.492   15.927  1.00 16.55 ? 520 ASP A CG  1 
ATOM   1357 O OD1 . ASP A 1 176 ? 6.570   3.483   16.199  1.00 16.40 ? 520 ASP A OD1 1 
ATOM   1358 O OD2 . ASP A 1 176 ? 6.312   1.336   15.852  1.00 16.47 ? 520 ASP A OD2 1 
ATOM   1359 N N   . ILE A 1 177 ? 1.452   3.763   15.724  1.00 16.34 ? 521 ILE A N   1 
ATOM   1360 C CA  . ILE A 1 177 ? 0.201   3.877   14.958  1.00 16.23 ? 521 ILE A CA  1 
ATOM   1361 C C   . ILE A 1 177 ? -0.334  5.315   14.910  1.00 15.96 ? 521 ILE A C   1 
ATOM   1362 O O   . ILE A 1 177 ? -1.057  5.680   13.980  1.00 15.65 ? 521 ILE A O   1 
ATOM   1363 C CB  . ILE A 1 177 ? -0.882  2.862   15.401  1.00 16.52 ? 521 ILE A CB  1 
ATOM   1364 C CG1 . ILE A 1 177 ? -1.284  3.081   16.863  1.00 16.92 ? 521 ILE A CG1 1 
ATOM   1365 C CG2 . ILE A 1 177 ? -0.399  1.430   15.158  1.00 16.56 ? 521 ILE A CG2 1 
ATOM   1366 C CD1 . ILE A 1 177 ? -2.498  2.287   17.297  1.00 17.20 ? 521 ILE A CD1 1 
ATOM   1367 N N   . LYS A 1 178 ? 0.044   6.126   15.897  1.00 15.76 ? 522 LYS A N   1 
ATOM   1368 C CA  . LYS A 1 178 ? -0.251  7.562   15.874  1.00 15.95 ? 522 LYS A CA  1 
ATOM   1369 C C   . LYS A 1 178 ? 0.509   8.273   14.755  1.00 15.51 ? 522 LYS A C   1 
ATOM   1370 O O   . LYS A 1 178 ? 0.042   9.285   14.232  1.00 15.18 ? 522 LYS A O   1 
ATOM   1371 C CB  . LYS A 1 178 ? 0.096   8.221   17.213  1.00 16.48 ? 522 LYS A CB  1 
ATOM   1372 C CG  . LYS A 1 178 ? -0.842  7.889   18.366  1.00 17.30 ? 522 LYS A CG  1 
ATOM   1373 C CD  . LYS A 1 178 ? -0.510  8.746   19.581  1.00 17.88 ? 522 LYS A CD  1 
ATOM   1374 C CE  . LYS A 1 178 ? -1.493  8.548   20.721  1.00 18.48 ? 522 LYS A CE  1 
ATOM   1375 N NZ  . LYS A 1 178 ? -1.262  7.273   21.459  1.00 19.32 ? 522 LYS A NZ  1 
ATOM   1376 N N   . ARG A 1 179 ? 1.675   7.736   14.394  1.00 14.84 ? 523 ARG A N   1 
ATOM   1377 C CA  . ARG A 1 179 ? 2.591   8.406   13.469  1.00 14.60 ? 523 ARG A CA  1 
ATOM   1378 C C   . ARG A 1 179 ? 2.452   7.955   12.014  1.00 14.39 ? 523 ARG A C   1 
ATOM   1379 O O   . ARG A 1 179 ? 2.937   8.629   11.109  1.00 14.34 ? 523 ARG A O   1 
ATOM   1380 C CB  . ARG A 1 179 ? 4.038   8.208   13.927  1.00 14.72 ? 523 ARG A CB  1 
ATOM   1381 C CG  . ARG A 1 179 ? 4.305   8.656   15.357  1.00 14.94 ? 523 ARG A CG  1 
ATOM   1382 C CD  . ARG A 1 179 ? 5.705   8.265   15.797  1.00 15.13 ? 523 ARG A CD  1 
ATOM   1383 N NE  . ARG A 1 179 ? 6.730   9.115   15.192  1.00 15.24 ? 523 ARG A NE  1 
ATOM   1384 C CZ  . ARG A 1 179 ? 8.040   8.892   15.278  1.00 15.55 ? 523 ARG A CZ  1 
ATOM   1385 N NH1 . ARG A 1 179 ? 8.504   7.836   15.937  1.00 15.53 ? 523 ARG A NH1 1 
ATOM   1386 N NH2 . ARG A 1 179 ? 8.890   9.723   14.692  1.00 15.52 ? 523 ARG A NH2 1 
ATOM   1387 N N   . GLN A 1 180 ? 1.799   6.817   11.795  1.00 14.12 ? 524 GLN A N   1 
ATOM   1388 C CA  . GLN A 1 180 ? 1.691   6.235   10.451  1.00 14.20 ? 524 GLN A CA  1 
ATOM   1389 C C   . GLN A 1 180 ? 0.846   7.044   9.447   1.00 14.16 ? 524 GLN A C   1 
ATOM   1390 O O   . GLN A 1 180 ? 1.279   7.224   8.309   1.00 13.95 ? 524 GLN A O   1 
ATOM   1391 C CB  . GLN A 1 180 ? 1.189   4.789   10.514  1.00 14.11 ? 524 GLN A CB  1 
ATOM   1392 C CG  . GLN A 1 180 ? 2.146   3.816   11.190  1.00 14.04 ? 524 GLN A CG  1 
ATOM   1393 C CD  . GLN A 1 180 ? 1.462   2.535   11.642  1.00 13.92 ? 524 GLN A CD  1 
ATOM   1394 O OE1 . GLN A 1 180 ? 0.235   2.436   11.647  1.00 13.76 ? 524 GLN A OE1 1 
ATOM   1395 N NE2 . GLN A 1 180 ? 2.261   1.547   12.037  1.00 13.97 ? 524 GLN A NE2 1 
ATOM   1396 N N   . PRO A 1 181 ? -0.357  7.517   9.853   1.00 14.28 ? 525 PRO A N   1 
ATOM   1397 C CA  . PRO A 1 181 ? -1.240  8.164   8.872   1.00 14.60 ? 525 PRO A CA  1 
ATOM   1398 C C   . PRO A 1 181 ? -0.626  9.358   8.142   1.00 15.10 ? 525 PRO A C   1 
ATOM   1399 O O   . PRO A 1 181 ? -0.817  9.488   6.935   1.00 15.16 ? 525 PRO A O   1 
ATOM   1400 C CB  . PRO A 1 181 ? -2.442  8.604   9.718   1.00 14.34 ? 525 PRO A CB  1 
ATOM   1401 C CG  . PRO A 1 181 ? -2.465  7.624   10.845  1.00 14.24 ? 525 PRO A CG  1 
ATOM   1402 C CD  . PRO A 1 181 ? -1.013  7.420   11.172  1.00 14.11 ? 525 PRO A CD  1 
ATOM   1403 N N   . LYS A 1 182 ? 0.115   10.205  8.857   1.00 15.57 ? 526 LYS A N   1 
ATOM   1404 C CA  . LYS A 1 182 ? 0.741   11.384  8.250   1.00 16.28 ? 526 LYS A CA  1 
ATOM   1405 C C   . LYS A 1 182 ? 1.753   11.015  7.160   1.00 15.85 ? 526 LYS A C   1 
ATOM   1406 O O   . LYS A 1 182 ? 1.929   11.765  6.203   1.00 15.54 ? 526 LYS A O   1 
ATOM   1407 C CB  . LYS A 1 182 ? 1.405   12.266  9.316   1.00 17.49 ? 526 LYS A CB  1 
ATOM   1408 C CG  . LYS A 1 182 ? 1.772   13.675  8.853   1.00 18.59 ? 526 LYS A CG  1 
ATOM   1409 C CD  . LYS A 1 182 ? 0.553   14.580  8.758   1.00 19.73 ? 526 LYS A CD  1 
ATOM   1410 C CE  . LYS A 1 182 ? 0.953   16.018  8.467   1.00 21.06 ? 526 LYS A CE  1 
ATOM   1411 N NZ  . LYS A 1 182 ? -0.231  16.904  8.278   1.00 21.88 ? 526 LYS A NZ  1 
ATOM   1412 N N   . VAL A 1 183 ? 2.411   9.865   7.309   1.00 15.44 ? 527 VAL A N   1 
ATOM   1413 C CA  . VAL A 1 183 ? 3.326   9.371   6.277   1.00 15.43 ? 527 VAL A CA  1 
ATOM   1414 C C   . VAL A 1 183 ? 2.555   9.107   4.981   1.00 15.58 ? 527 VAL A C   1 
ATOM   1415 O O   . VAL A 1 183 ? 2.956   9.566   3.909   1.00 15.40 ? 527 VAL A O   1 
ATOM   1416 C CB  . VAL A 1 183 ? 4.081   8.095   6.720   1.00 15.23 ? 527 VAL A CB  1 
ATOM   1417 C CG1 . VAL A 1 183 ? 4.989   7.586   5.608   1.00 15.33 ? 527 VAL A CG1 1 
ATOM   1418 C CG2 . VAL A 1 183 ? 4.898   8.363   7.975   1.00 15.39 ? 527 VAL A CG2 1 
ATOM   1419 N N   . VAL A 1 184 ? 1.444   8.382   5.101   1.00 15.79 ? 528 VAL A N   1 
ATOM   1420 C CA  . VAL A 1 184 ? 0.615   8.021   3.946   1.00 16.06 ? 528 VAL A CA  1 
ATOM   1421 C C   . VAL A 1 184 ? -0.031  9.273   3.345   1.00 16.57 ? 528 VAL A C   1 
ATOM   1422 O O   . VAL A 1 184 ? -0.082  9.431   2.124   1.00 16.78 ? 528 VAL A O   1 
ATOM   1423 C CB  . VAL A 1 184 ? -0.456  6.975   4.322   1.00 15.85 ? 528 VAL A CB  1 
ATOM   1424 C CG1 . VAL A 1 184 ? -1.278  6.576   3.105   1.00 15.94 ? 528 VAL A CG1 1 
ATOM   1425 C CG2 . VAL A 1 184 ? 0.192   5.745   4.948   1.00 15.82 ? 528 VAL A CG2 1 
ATOM   1426 N N   . GLU A 1 185 ? -0.502  10.160  4.217   1.00 17.25 ? 529 GLU A N   1 
ATOM   1427 C CA  . GLU A 1 185 ? -1.055  11.453  3.820   1.00 18.11 ? 529 GLU A CA  1 
ATOM   1428 C C   . GLU A 1 185 ? -0.077  12.251  2.943   1.00 17.93 ? 529 GLU A C   1 
ATOM   1429 O O   . GLU A 1 185 ? -0.477  12.810  1.921   1.00 17.54 ? 529 GLU A O   1 
ATOM   1430 C CB  . GLU A 1 185 ? -1.424  12.253  5.071   1.00 19.23 ? 529 GLU A CB  1 
ATOM   1431 C CG  . GLU A 1 185 ? -2.802  12.896  5.038   1.00 21.04 ? 529 GLU A CG  1 
ATOM   1432 C CD  . GLU A 1 185 ? -3.191  13.498  6.380   1.00 21.93 ? 529 GLU A CD  1 
ATOM   1433 O OE1 . GLU A 1 185 ? -4.170  13.022  6.991   1.00 23.24 ? 529 GLU A OE1 1 
ATOM   1434 O OE2 . GLU A 1 185 ? -2.506  14.432  6.837   1.00 22.87 ? 529 GLU A OE2 1 
ATOM   1435 N N   . ARG A 1 186 ? 1.197   12.295  3.342   1.00 17.88 ? 530 ARG A N   1 
ATOM   1436 C CA  . ARG A 1 186 ? 2.235   12.998  2.574   1.00 18.25 ? 530 ARG A CA  1 
ATOM   1437 C C   . ARG A 1 186 ? 2.494   12.313  1.236   1.00 17.82 ? 530 ARG A C   1 
ATOM   1438 O O   . ARG A 1 186 ? 2.592   12.977  0.202   1.00 17.55 ? 530 ARG A O   1 
ATOM   1439 C CB  . ARG A 1 186 ? 3.550   13.090  3.360   1.00 18.85 ? 530 ARG A CB  1 
ATOM   1440 C CG  . ARG A 1 186 ? 3.504   13.960  4.606   1.00 19.90 ? 530 ARG A CG  1 
ATOM   1441 C CD  . ARG A 1 186 ? 3.709   15.430  4.292   1.00 20.68 ? 530 ARG A CD  1 
ATOM   1442 N NE  . ARG A 1 186 ? 3.872   16.226  5.509   1.00 21.21 ? 530 ARG A NE  1 
ATOM   1443 C CZ  . ARG A 1 186 ? 3.726   17.546  5.563   1.00 21.65 ? 530 ARG A CZ  1 
ATOM   1444 N NH1 . ARG A 1 186 ? 3.408   18.227  4.470   1.00 22.15 ? 530 ARG A NH1 1 
ATOM   1445 N NH2 . ARG A 1 186 ? 3.898   18.187  6.713   1.00 21.75 ? 530 ARG A NH2 1 
ATOM   1446 N N   . LEU A 1 187 ? 2.596   10.984  1.267   1.00 17.31 ? 531 LEU A N   1 
ATOM   1447 C CA  . LEU A 1 187 ? 2.867   10.193  0.064   1.00 17.29 ? 531 LEU A CA  1 
ATOM   1448 C C   . LEU A 1 187 ? 1.766   10.359  -0.979  1.00 17.29 ? 531 LEU A C   1 
ATOM   1449 O O   . LEU A 1 187 ? 2.049   10.543  -2.162  1.00 17.16 ? 531 LEU A O   1 
ATOM   1450 C CB  . LEU A 1 187 ? 3.043   8.714   0.413   1.00 17.50 ? 531 LEU A CB  1 
ATOM   1451 C CG  . LEU A 1 187 ? 4.338   8.296   1.115   1.00 17.66 ? 531 LEU A CG  1 
ATOM   1452 C CD1 . LEU A 1 187 ? 4.175   6.930   1.758   1.00 17.70 ? 531 LEU A CD1 1 
ATOM   1453 C CD2 . LEU A 1 187 ? 5.524   8.310   0.159   1.00 17.97 ? 531 LEU A CD2 1 
ATOM   1454 N N   . LEU A 1 188 ? 0.516   10.300  -0.526  1.00 17.15 ? 532 LEU A N   1 
ATOM   1455 C CA  . LEU A 1 188 ? -0.642  10.506  -1.396  1.00 17.36 ? 532 LEU A CA  1 
ATOM   1456 C C   . LEU A 1 188 ? -0.709  11.937  -1.928  1.00 17.84 ? 532 LEU A C   1 
ATOM   1457 O O   . LEU A 1 188 ? -1.260  12.183  -3.009  1.00 17.61 ? 532 LEU A O   1 
ATOM   1458 C CB  . LEU A 1 188 ? -1.937  10.153  -0.657  1.00 17.10 ? 532 LEU A CB  1 
ATOM   1459 C CG  . LEU A 1 188 ? -2.222  8.660   -0.451  1.00 16.91 ? 532 LEU A CG  1 
ATOM   1460 C CD1 . LEU A 1 188 ? -3.298  8.454   0.608   1.00 16.69 ? 532 LEU A CD1 1 
ATOM   1461 C CD2 . LEU A 1 188 ? -2.628  8.004   -1.763  1.00 16.58 ? 532 LEU A CD2 1 
ATOM   1462 N N   . SER A 1 189 ? -0.135  12.868  -1.171  1.00 18.31 ? 533 SER A N   1 
ATOM   1463 C CA  . SER A 1 189 ? -0.114  14.282  -1.545  1.00 18.81 ? 533 SER A CA  1 
ATOM   1464 C C   . SER A 1 189 ? 0.960   14.629  -2.573  1.00 18.78 ? 533 SER A C   1 
ATOM   1465 O O   . SER A 1 189 ? 0.914   15.705  -3.169  1.00 19.01 ? 533 SER A O   1 
ATOM   1466 C CB  . SER A 1 189 ? 0.022   15.166  -0.303  1.00 19.22 ? 533 SER A CB  1 
ATOM   1467 O OG  . SER A 1 189 ? -1.118  15.020  0.525   1.00 20.80 ? 533 SER A OG  1 
ATOM   1468 N N   . LEU A 1 190 ? 1.923   13.731  -2.777  1.00 18.94 ? 534 LEU A N   1 
ATOM   1469 C CA  . LEU A 1 190 ? 2.882   13.881  -3.871  1.00 19.20 ? 534 LEU A CA  1 
ATOM   1470 C C   . LEU A 1 190 ? 2.150   13.618  -5.189  1.00 19.41 ? 534 LEU A C   1 
ATOM   1471 O O   . LEU A 1 190 ? 1.485   12.583  -5.331  1.00 19.49 ? 534 LEU A O   1 
ATOM   1472 C CB  . LEU A 1 190 ? 4.085   12.941  -3.705  1.00 19.27 ? 534 LEU A CB  1 
ATOM   1473 C CG  . LEU A 1 190 ? 4.885   12.997  -2.393  1.00 19.21 ? 534 LEU A CG  1 
ATOM   1474 C CD1 . LEU A 1 190 ? 5.938   11.899  -2.344  1.00 19.27 ? 534 LEU A CD1 1 
ATOM   1475 C CD2 . LEU A 1 190 ? 5.529   14.359  -2.169  1.00 19.22 ? 534 LEU A CD2 1 
ATOM   1476 N N   . PRO A 1 191 ? 2.258   14.556  -6.151  1.00 19.35 ? 535 PRO A N   1 
ATOM   1477 C CA  . PRO A 1 191 ? 1.396   14.551  -7.337  1.00 19.40 ? 535 PRO A CA  1 
ATOM   1478 C C   . PRO A 1 191 ? 1.566   13.330  -8.240  1.00 19.17 ? 535 PRO A C   1 
ATOM   1479 O O   . PRO A 1 191 ? 2.609   12.665  -8.207  1.00 18.95 ? 535 PRO A O   1 
ATOM   1480 C CB  . PRO A 1 191 ? 1.811   15.830  -8.081  1.00 19.53 ? 535 PRO A CB  1 
ATOM   1481 C CG  . PRO A 1 191 ? 3.199   16.102  -7.628  1.00 19.58 ? 535 PRO A CG  1 
ATOM   1482 C CD  . PRO A 1 191 ? 3.237   15.660  -6.192  1.00 19.78 ? 535 PRO A CD  1 
ATOM   1483 N N   . LEU A 1 192 ? 0.535   13.058  -9.039  1.00 18.93 ? 536 LEU A N   1 
ATOM   1484 C CA  . LEU A 1 192 ? 0.535   11.955  -9.999  1.00 18.83 ? 536 LEU A CA  1 
ATOM   1485 C C   . LEU A 1 192 ? 1.815   11.917  -10.833 1.00 18.85 ? 536 LEU A C   1 
ATOM   1486 O O   . LEU A 1 192 ? 2.411   10.855  -11.009 1.00 18.48 ? 536 LEU A O   1 
ATOM   1487 C CB  . LEU A 1 192 ? -0.705  12.032  -10.909 1.00 18.73 ? 536 LEU A CB  1 
ATOM   1488 C CG  . LEU A 1 192 ? -0.750  11.173  -12.183 1.00 18.46 ? 536 LEU A CG  1 
ATOM   1489 C CD1 . LEU A 1 192 ? -0.777  9.684   -11.858 1.00 18.30 ? 536 LEU A CD1 1 
ATOM   1490 C CD2 . LEU A 1 192 ? -1.942  11.550  -13.054 1.00 18.17 ? 536 LEU A CD2 1 
ATOM   1491 N N   . GLU A 1 193 ? 2.227   13.083  -11.326 1.00 19.28 ? 537 GLU A N   1 
ATOM   1492 C CA  . GLU A 1 193 ? 3.415   13.229  -12.169 1.00 19.84 ? 537 GLU A CA  1 
ATOM   1493 C C   . GLU A 1 193 ? 4.706   12.756  -11.498 1.00 19.31 ? 537 GLU A C   1 
ATOM   1494 O O   . GLU A 1 193 ? 5.608   12.258  -12.173 1.00 19.37 ? 537 GLU A O   1 
ATOM   1495 C CB  . GLU A 1 193 ? 3.558   14.676  -12.666 1.00 21.37 ? 537 GLU A CB  1 
ATOM   1496 C CG  . GLU A 1 193 ? 2.702   15.701  -11.925 1.00 23.17 ? 537 GLU A CG  1 
ATOM   1497 C CD  . GLU A 1 193 ? 1.205   15.529  -12.174 1.00 23.56 ? 537 GLU A CD  1 
ATOM   1498 O OE1 . GLU A 1 193 ? 0.426   15.681  -11.214 1.00 23.51 ? 537 GLU A OE1 1 
ATOM   1499 O OE2 . GLU A 1 193 ? 0.801   15.225  -13.321 1.00 25.60 ? 537 GLU A OE2 1 
ATOM   1500 N N   . TYR A 1 194 ? 4.789   12.903  -10.176 1.00 18.61 ? 538 TYR A N   1 
ATOM   1501 C CA  . TYR A 1 194 ? 5.924   12.356  -9.431  1.00 18.05 ? 538 TYR A CA  1 
ATOM   1502 C C   . TYR A 1 194 ? 5.920   10.825  -9.449  1.00 17.49 ? 538 TYR A C   1 
ATOM   1503 O O   . TYR A 1 194 ? 6.930   10.208  -9.784  1.00 17.16 ? 538 TYR A O   1 
ATOM   1504 C CB  . TYR A 1 194 ? 5.966   12.879  -7.989  1.00 18.30 ? 538 TYR A CB  1 
ATOM   1505 C CG  . TYR A 1 194 ? 7.011   12.189  -7.137  1.00 18.55 ? 538 TYR A CG  1 
ATOM   1506 C CD1 . TYR A 1 194 ? 8.370   12.456  -7.314  1.00 18.76 ? 538 TYR A CD1 1 
ATOM   1507 C CD2 . TYR A 1 194 ? 6.644   11.257  -6.166  1.00 18.59 ? 538 TYR A CD2 1 
ATOM   1508 C CE1 . TYR A 1 194 ? 9.332   11.815  -6.550  1.00 18.75 ? 538 TYR A CE1 1 
ATOM   1509 C CE2 . TYR A 1 194 ? 7.600   10.615  -5.393  1.00 18.67 ? 538 TYR A CE2 1 
ATOM   1510 C CZ  . TYR A 1 194 ? 8.939   10.898  -5.588  1.00 18.77 ? 538 TYR A CZ  1 
ATOM   1511 O OH  . TYR A 1 194 ? 9.888   10.268  -4.820  1.00 18.91 ? 538 TYR A OH  1 
ATOM   1512 N N   . TRP A 1 195 ? 4.785   10.222  -9.100  1.00 16.87 ? 539 TRP A N   1 
ATOM   1513 C CA  . TRP A 1 195 ? 4.677   8.760   -9.023  1.00 16.76 ? 539 TRP A CA  1 
ATOM   1514 C C   . TRP A 1 195 ? 4.747   8.111   -10.372 1.00 16.98 ? 539 TRP A C   1 
ATOM   1515 O O   . TRP A 1 195 ? 5.335   7.038   -10.523 1.00 17.13 ? 539 TRP A O   1 
ATOM   1516 C CB  . TRP A 1 195 ? 3.395   8.343   -8.307  1.00 16.09 ? 539 TRP A CB  1 
ATOM   1517 C CG  . TRP A 1 195 ? 3.381   8.703   -6.844  1.00 15.98 ? 539 TRP A CG  1 
ATOM   1518 C CD1 . TRP A 1 195 ? 2.475   9.522   -6.178  1.00 15.69 ? 539 TRP A CD1 1 
ATOM   1519 C CD2 . TRP A 1 195 ? 4.341   8.282   -5.815  1.00 15.76 ? 539 TRP A CD2 1 
ATOM   1520 N NE1 . TRP A 1 195 ? 2.792   9.625   -4.850  1.00 15.64 ? 539 TRP A NE1 1 
ATOM   1521 C CE2 . TRP A 1 195 ? 3.900   8.907   -4.564  1.00 15.70 ? 539 TRP A CE2 1 
ATOM   1522 C CE3 . TRP A 1 195 ? 5.478   7.481   -5.804  1.00 15.73 ? 539 TRP A CE3 1 
ATOM   1523 C CZ2 . TRP A 1 195 ? 4.580   8.720   -3.371  1.00 15.66 ? 539 TRP A CZ2 1 
ATOM   1524 C CZ3 . TRP A 1 195 ? 6.155   7.299   -4.592  1.00 15.54 ? 539 TRP A CZ3 1 
ATOM   1525 C CH2 . TRP A 1 195 ? 5.716   7.906   -3.408  1.00 15.60 ? 539 TRP A CH2 1 
ATOM   1526 N N   . SER A 1 196 ? 4.155   8.772   -11.364 1.00 17.31 ? 540 SER A N   1 
ATOM   1527 C CA  . SER A 1 196 ? 4.078   8.259   -12.729 1.00 17.66 ? 540 SER A CA  1 
ATOM   1528 C C   . SER A 1 196 ? 5.451   8.029   -13.360 1.00 17.81 ? 540 SER A C   1 
ATOM   1529 O O   . SER A 1 196 ? 5.611   7.130   -14.187 1.00 17.60 ? 540 SER A O   1 
ATOM   1530 C CB  . SER A 1 196 ? 3.247   9.212   -13.593 1.00 18.06 ? 540 SER A CB  1 
ATOM   1531 O OG  . SER A 1 196 ? 3.047   8.692   -14.891 1.00 18.88 ? 540 SER A OG  1 
ATOM   1532 N N   . GLN A 1 197 ? 6.441   8.826   -12.957 1.00 17.96 ? 541 GLN A N   1 
ATOM   1533 C CA  . GLN A 1 197 ? 7.784   8.742   -13.539 1.00 18.34 ? 541 GLN A CA  1 
ATOM   1534 C C   . GLN A 1 197 ? 8.473   7.396   -13.281 1.00 18.47 ? 541 GLN A C   1 
ATOM   1535 O O   . GLN A 1 197 ? 9.375   7.008   -14.026 1.00 18.58 ? 541 GLN A O   1 
ATOM   1536 C CB  . GLN A 1 197 ? 8.664   9.908   -13.062 1.00 18.89 ? 541 GLN A CB  1 
ATOM   1537 C CG  . GLN A 1 197 ? 9.370   9.671   -11.734 1.00 19.12 ? 541 GLN A CG  1 
ATOM   1538 C CD  . GLN A 1 197 ? 10.082  10.905  -11.228 1.00 19.39 ? 541 GLN A CD  1 
ATOM   1539 O OE1 . GLN A 1 197 ? 11.033  11.387  -11.843 1.00 19.35 ? 541 GLN A OE1 1 
ATOM   1540 N NE2 . GLN A 1 197 ? 9.623   11.424  -10.100 1.00 19.27 ? 541 GLN A NE2 1 
ATOM   1541 N N   . PHE A 1 198 ? 8.040   6.690   -12.234 1.00 18.16 ? 542 PHE A N   1 
ATOM   1542 C CA  . PHE A 1 198 ? 8.623   5.393   -11.874 1.00 18.28 ? 542 PHE A CA  1 
ATOM   1543 C C   . PHE A 1 198 ? 8.010   4.224   -12.654 1.00 18.52 ? 542 PHE A C   1 
ATOM   1544 O O   . PHE A 1 198 ? 8.470   3.086   -12.548 1.00 18.39 ? 542 PHE A O   1 
ATOM   1545 C CB  . PHE A 1 198 ? 8.537   5.163   -10.360 1.00 18.35 ? 542 PHE A CB  1 
ATOM   1546 C CG  . PHE A 1 198 ? 9.167   6.258   -9.548  1.00 18.34 ? 542 PHE A CG  1 
ATOM   1547 C CD1 . PHE A 1 198 ? 10.539  6.494   -9.618  1.00 18.59 ? 542 PHE A CD1 1 
ATOM   1548 C CD2 . PHE A 1 198 ? 8.394   7.059   -8.715  1.00 18.35 ? 542 PHE A CD2 1 
ATOM   1549 C CE1 . PHE A 1 198 ? 11.125  7.506   -8.874  1.00 18.61 ? 542 PHE A CE1 1 
ATOM   1550 C CE2 . PHE A 1 198 ? 8.975   8.070   -7.965  1.00 18.47 ? 542 PHE A CE2 1 
ATOM   1551 C CZ  . PHE A 1 198 ? 10.342  8.294   -8.044  1.00 18.49 ? 542 PHE A CZ  1 
ATOM   1552 N N   . MET A 1 199 ? 6.971   4.512   -13.434 1.00 18.56 ? 543 MET A N   1 
ATOM   1553 C CA  . MET A 1 199 ? 6.393   3.527   -14.342 1.00 19.05 ? 543 MET A CA  1 
ATOM   1554 C C   . MET A 1 199 ? 7.254   3.443   -15.609 1.00 19.94 ? 543 MET A C   1 
ATOM   1555 O O   . MET A 1 199 ? 6.999   4.134   -16.599 1.00 19.77 ? 543 MET A O   1 
ATOM   1556 C CB  . MET A 1 199 ? 4.932   3.876   -14.659 1.00 18.66 ? 543 MET A CB  1 
ATOM   1557 C CG  . MET A 1 199 ? 4.005   3.957   -13.444 1.00 18.63 ? 543 MET A CG  1 
ATOM   1558 S SD  . MET A 1 199 ? 3.837   2.420   -12.507 1.00 18.49 ? 543 MET A SD  1 
ATOM   1559 C CE  . MET A 1 199 ? 5.030   2.650   -11.187 1.00 18.54 ? 543 MET A CE  1 
ATOM   1560 N N   . MET A 1 200 ? 8.286   2.598   -15.549 1.00 20.76 ? 544 MET A N   1 
ATOM   1561 C CA  . MET A 1 200 ? 9.314   2.497   -16.591 1.00 22.04 ? 544 MET A CA  1 
ATOM   1562 C C   . MET A 1 200 ? 9.725   1.047   -16.833 1.00 22.40 ? 544 MET A C   1 
ATOM   1563 O O   . MET A 1 200 ? 9.672   0.230   -15.916 1.00 21.96 ? 544 MET A O   1 
ATOM   1564 C CB  . MET A 1 200 ? 10.563  3.266   -16.163 1.00 23.11 ? 544 MET A CB  1 
ATOM   1565 C CG  . MET A 1 200 ? 10.466  4.778   -16.227 1.00 24.38 ? 544 MET A CG  1 
ATOM   1566 S SD  . MET A 1 200 ? 12.051  5.527   -15.794 1.00 27.47 ? 544 MET A SD  1 
ATOM   1567 C CE  . MET A 1 200 ? 13.089  4.933   -17.125 1.00 26.11 ? 544 MET A CE  1 
ATOM   1568 N N   . VAL A 1 201 ? 10.155  0.736   -18.057 1.00 23.13 ? 545 VAL A N   1 
ATOM   1569 C CA  . VAL A 1 201 ? 10.657  -0.608  -18.382 1.00 24.29 ? 545 VAL A CA  1 
ATOM   1570 C C   . VAL A 1 201 ? 12.119  -0.776  -17.942 1.00 25.29 ? 545 VAL A C   1 
ATOM   1571 O O   . VAL A 1 201 ? 12.809  0.214   -17.690 1.00 25.29 ? 545 VAL A O   1 
ATOM   1572 C CB  . VAL A 1 201 ? 10.506  -0.953  -19.886 1.00 24.42 ? 545 VAL A CB  1 
ATOM   1573 C CG1 . VAL A 1 201 ? 9.045   -0.931  -20.311 1.00 24.56 ? 545 VAL A CG1 1 
ATOM   1574 C CG2 . VAL A 1 201 ? 11.334  -0.016  -20.753 1.00 24.30 ? 545 VAL A CG2 1 
ATOM   1575 N N   . GLU A 1 202 ? 12.579  -2.026  -17.850 1.00 27.05 ? 546 GLU A N   1 
ATOM   1576 C CA  . GLU A 1 202 ? 13.966  -2.334  -17.466 1.00 28.74 ? 546 GLU A CA  1 
ATOM   1577 C C   . GLU A 1 202 ? 14.899  -2.237  -18.659 1.00 29.01 ? 546 GLU A C   1 
ATOM   1578 O O   . GLU A 1 202 ? 14.501  -2.503  -19.792 1.00 29.14 ? 546 GLU A O   1 
ATOM   1579 C CB  . GLU A 1 202 ? 14.097  -3.751  -16.899 1.00 29.59 ? 546 GLU A CB  1 
ATOM   1580 C CG  . GLU A 1 202 ? 12.794  -4.511  -16.758 1.00 30.35 ? 546 GLU A CG  1 
ATOM   1581 C CD  . GLU A 1 202 ? 12.309  -5.132  -18.054 1.00 31.46 ? 546 GLU A CD  1 
ATOM   1582 O OE1 . GLU A 1 202 ? 13.016  -6.007  -18.599 1.00 32.22 ? 546 GLU A OE1 1 
ATOM   1583 O OE2 . GLU A 1 202 ? 11.208  -4.755  -18.513 1.00 32.33 ? 546 GLU A OE2 1 
ATOM   1584 O OXT . GLU A 1 202 ? 16.078  -1.924  -18.507 1.00 30.27 ? 546 GLU A OXT 1 
HETATM 1585 O O   . HOH B 2 .   ? -1.910  4.110   11.917  1.00 14.52 ? 601 HOH A O   1 
HETATM 1586 O O   . HOH B 2 .   ? 8.219   1.551   7.349   1.00 16.53 ? 602 HOH A O   1 
HETATM 1587 O O   . HOH B 2 .   ? 0.980   -1.126  12.402  1.00 12.03 ? 603 HOH A O   1 
HETATM 1588 O O   . HOH B 2 .   ? 14.831  -2.816  5.839   1.00 22.63 ? 604 HOH A O   1 
HETATM 1589 O O   . HOH B 2 .   ? 2.626   4.327   23.651  1.00 18.82 ? 605 HOH A O   1 
HETATM 1590 O O   . HOH B 2 .   ? -4.673  8.772   -12.446 1.00 20.39 ? 606 HOH A O   1 
HETATM 1591 O O   . HOH B 2 .   ? 0.977   0.433   25.202  1.00 16.78 ? 607 HOH A O   1 
HETATM 1592 O O   . HOH B 2 .   ? -6.658  2.547   -10.023 1.00 15.78 ? 608 HOH A O   1 
HETATM 1593 O O   . HOH B 2 .   ? 2.269   -5.336  16.307  1.00 24.22 ? 609 HOH A O   1 
HETATM 1594 O O   . HOH B 2 .   ? -15.394 1.356   -10.726 1.00 23.64 ? 610 HOH A O   1 
HETATM 1595 O O   . HOH B 2 .   ? -11.049 -3.969  2.806   1.00 21.82 ? 611 HOH A O   1 
HETATM 1596 O O   . HOH B 2 .   ? 3.523   -3.246  3.502   1.00 15.98 ? 612 HOH A O   1 
HETATM 1597 O O   . HOH B 2 .   ? 9.945   13.928  14.274  1.00 20.60 ? 613 HOH A O   1 
HETATM 1598 O O   . HOH B 2 .   ? -1.936  2.144   -10.342 1.00 16.17 ? 614 HOH A O   1 
HETATM 1599 O O   . HOH B 2 .   ? 6.255   -3.984  11.341  1.00 19.58 ? 615 HOH A O   1 
HETATM 1600 O O   . HOH B 2 .   ? 10.576  15.458  12.059  1.00 19.22 ? 616 HOH A O   1 
HETATM 1601 O O   . HOH B 2 .   ? 13.545  2.726   10.937  1.00 18.73 ? 617 HOH A O   1 
HETATM 1602 O O   . HOH B 2 .   ? 3.747   -6.592  -12.884 1.00 20.63 ? 618 HOH A O   1 
HETATM 1603 O O   . HOH B 2 .   ? 10.959  -5.149  1.058   1.00 19.79 ? 619 HOH A O   1 
HETATM 1604 O O   . HOH B 2 .   ? -12.012 5.541   -13.376 1.00 29.44 ? 620 HOH A O   1 
HETATM 1605 O O   . HOH B 2 .   ? 8.792   0.223   15.635  1.00 17.97 ? 621 HOH A O   1 
HETATM 1606 O O   . HOH B 2 .   ? 3.963   -6.619  18.478  1.00 19.60 ? 622 HOH A O   1 
HETATM 1607 O O   . HOH B 2 .   ? 13.577  11.722  7.215   1.00 18.47 ? 623 HOH A O   1 
HETATM 1608 O O   . HOH B 2 .   ? 9.256   -15.825 0.043   1.00 21.64 ? 624 HOH A O   1 
HETATM 1609 O O   . HOH B 2 .   ? -13.118 -2.306  0.892   1.00 23.17 ? 625 HOH A O   1 
HETATM 1610 O O   . HOH B 2 .   ? 12.050  -7.056  -0.671  1.00 19.30 ? 626 HOH A O   1 
HETATM 1611 O O   . HOH B 2 .   ? 6.398   -1.628  26.062  1.00 21.16 ? 627 HOH A O   1 
HETATM 1612 O O   . HOH B 2 .   ? 8.800   -6.863  1.955   1.00 17.71 ? 628 HOH A O   1 
HETATM 1613 O O   . HOH B 2 .   ? 4.880   -5.965  6.701   1.00 18.42 ? 629 HOH A O   1 
HETATM 1614 O O   . HOH B 2 .   ? 3.101   -5.064  21.558  1.00 18.37 ? 630 HOH A O   1 
HETATM 1615 O O   . HOH B 2 .   ? 1.065   6.317   22.325  1.00 24.45 ? 631 HOH A O   1 
HETATM 1616 O O   . HOH B 2 .   ? 7.142   5.818   17.483  1.00 21.14 ? 632 HOH A O   1 
HETATM 1617 O O   . HOH B 2 .   ? -3.623  9.103   -9.676  1.00 19.42 ? 633 HOH A O   1 
HETATM 1618 O O   . HOH B 2 .   ? 14.504  11.900  4.435   1.00 19.15 ? 634 HOH A O   1 
HETATM 1619 O O   . HOH B 2 .   ? 0.024   10.603  11.791  1.00 18.12 ? 635 HOH A O   1 
HETATM 1620 O O   . HOH B 2 .   ? 0.991   3.187   25.637  1.00 17.74 ? 636 HOH A O   1 
HETATM 1621 O O   . HOH B 2 .   ? 8.545   -7.732  -11.755 1.00 27.12 ? 637 HOH A O   1 
HETATM 1622 O O   . HOH B 2 .   ? 14.617  5.107   9.420   1.00 22.27 ? 638 HOH A O   1 
HETATM 1623 O O   . HOH B 2 .   ? -6.193  -7.777  -14.269 1.00 25.03 ? 639 HOH A O   1 
HETATM 1624 O O   . HOH B 2 .   ? 3.331   -6.353  13.716  1.00 28.59 ? 640 HOH A O   1 
HETATM 1625 O O   . HOH B 2 .   ? 14.109  -4.314  -5.242  1.00 19.04 ? 641 HOH A O   1 
HETATM 1626 O O   . HOH B 2 .   ? -4.095  6.075   18.439  1.00 31.91 ? 642 HOH A O   1 
HETATM 1627 O O   . HOH B 2 .   ? -23.122 0.097   -2.479  1.00 27.13 ? 643 HOH A O   1 
HETATM 1628 O O   . HOH B 2 .   ? 3.399   8.882   18.857  1.00 23.86 ? 644 HOH A O   1 
HETATM 1629 O O   . HOH B 2 .   ? 2.039   -11.860 -7.553  1.00 20.35 ? 645 HOH A O   1 
HETATM 1630 O O   . HOH B 2 .   ? 5.489   9.660   -16.128 1.00 25.22 ? 646 HOH A O   1 
HETATM 1631 O O   . HOH B 2 .   ? -9.212  -2.258  -14.842 1.00 21.34 ? 647 HOH A O   1 
HETATM 1632 O O   . HOH B 2 .   ? -9.817  -5.915  5.604   1.00 25.62 ? 648 HOH A O   1 
HETATM 1633 O O   . HOH B 2 .   ? 4.414   -11.053 -9.791  1.00 24.63 ? 649 HOH A O   1 
HETATM 1634 O O   . HOH B 2 .   ? -18.899 -5.753  -4.674  1.00 29.86 ? 650 HOH A O   1 
HETATM 1635 O O   . HOH B 2 .   ? -9.126  7.726   -16.482 1.00 36.18 ? 651 HOH A O   1 
HETATM 1636 O O   . HOH B 2 .   ? -1.505  -1.729  13.504  1.00 15.17 ? 652 HOH A O   1 
HETATM 1637 O O   . HOH B 2 .   ? -1.436  -6.928  10.478  1.00 25.87 ? 653 HOH A O   1 
HETATM 1638 O O   . HOH B 2 .   ? -7.985  14.516  3.017   1.00 20.36 ? 654 HOH A O   1 
HETATM 1639 O O   . HOH B 2 .   ? -9.656  -4.889  -15.722 1.00 31.04 ? 655 HOH A O   1 
HETATM 1640 O O   . HOH B 2 .   ? -1.819  -14.778 -12.488 1.00 40.47 ? 656 HOH A O   1 
HETATM 1641 O O   . HOH B 2 .   ? 16.951  -1.829  -5.517  1.00 26.77 ? 657 HOH A O   1 
HETATM 1642 O O   . HOH B 2 .   ? 11.408  7.322   17.239  1.00 25.93 ? 658 HOH A O   1 
HETATM 1643 O O   . HOH B 2 .   ? -3.460  13.700  -4.016  1.00 27.74 ? 659 HOH A O   1 
HETATM 1644 O O   . HOH B 2 .   ? 17.523  9.190   -1.822  1.00 29.72 ? 660 HOH A O   1 
HETATM 1645 O O   . HOH B 2 .   ? 14.050  -7.756  -8.958  1.00 30.59 ? 661 HOH A O   1 
HETATM 1646 O O   . HOH B 2 .   ? 3.866   -9.699  8.671   1.00 42.03 ? 662 HOH A O   1 
HETATM 1647 O O   . HOH B 2 .   ? 15.265  0.319   2.773   1.00 23.17 ? 663 HOH A O   1 
HETATM 1648 O O   . HOH B 2 .   ? 16.354  -3.703  8.190   1.00 27.32 ? 664 HOH A O   1 
HETATM 1649 O O   . HOH B 2 .   ? -2.336  12.031  11.313  1.00 29.87 ? 665 HOH A O   1 
HETATM 1650 O O   . HOH B 2 .   ? 5.459   -4.818  -14.741 1.00 29.34 ? 666 HOH A O   1 
HETATM 1651 O O   . HOH B 2 .   ? -6.738  -6.642  5.094   1.00 26.88 ? 667 HOH A O   1 
HETATM 1652 O O   . HOH B 2 .   ? -10.438 9.384   -14.381 1.00 39.25 ? 668 HOH A O   1 
HETATM 1653 O O   . HOH B 2 .   ? -21.975 2.672   -2.900  1.00 26.96 ? 669 HOH A O   1 
HETATM 1654 O O   . HOH B 2 .   ? 5.558   -5.859  9.414   1.00 21.71 ? 670 HOH A O   1 
HETATM 1655 O O   . HOH B 2 .   ? 4.221   11.033  11.055  1.00 23.88 ? 671 HOH A O   1 
HETATM 1656 O O   . HOH B 2 .   ? 3.596   6.307   25.464  1.00 29.92 ? 672 HOH A O   1 
HETATM 1657 O O   . HOH B 2 .   ? 9.461   1.324   24.718  1.00 27.54 ? 673 HOH A O   1 
HETATM 1658 O O   . HOH B 2 .   ? 11.451  9.510   15.439  1.00 23.60 ? 674 HOH A O   1 
HETATM 1659 O O   . HOH B 2 .   ? 14.331  -8.760  -0.495  1.00 17.16 ? 675 HOH A O   1 
HETATM 1660 O O   . HOH B 2 .   ? -4.307  3.426   -10.954 1.00 14.57 ? 676 HOH A O   1 
HETATM 1661 O O   . HOH B 2 .   ? 2.752   8.623   21.506  1.00 27.52 ? 677 HOH A O   1 
HETATM 1662 O O   . HOH B 2 .   ? 2.105   12.628  12.643  1.00 23.52 ? 678 HOH A O   1 
HETATM 1663 O O   . HOH B 2 .   ? -4.662  3.805   11.749  1.00 17.53 ? 679 HOH A O   1 
HETATM 1664 O O   . HOH B 2 .   ? 0.528   -2.730  15.388  1.00 18.18 ? 680 HOH A O   1 
HETATM 1665 O O   . HOH B 2 .   ? 1.201   -3.239  10.611  1.00 16.77 ? 681 HOH A O   1 
HETATM 1666 O O   . HOH B 2 .   ? -2.173  4.752   19.764  1.00 18.16 ? 682 HOH A O   1 
HETATM 1667 O O   . HOH B 2 .   ? -1.913  14.534  -8.710  1.00 25.13 ? 683 HOH A O   1 
HETATM 1668 O O   . HOH B 2 .   ? 5.844   -13.076 6.008   1.00 42.01 ? 684 HOH A O   1 
HETATM 1669 O O   . HOH B 2 .   ? 9.071   3.764   23.155  1.00 31.94 ? 685 HOH A O   1 
HETATM 1670 O O   . HOH B 2 .   ? 12.172  3.246   -9.186  1.00 32.00 ? 686 HOH A O   1 
HETATM 1671 O O   . HOH B 2 .   ? 14.264  18.458  4.364   1.00 26.49 ? 687 HOH A O   1 
HETATM 1672 O O   . HOH B 2 .   ? 9.988   -2.411  19.783  1.00 24.74 ? 688 HOH A O   1 
HETATM 1673 O O   . HOH B 2 .   ? 19.837  5.619   2.483   1.00 33.29 ? 689 HOH A O   1 
HETATM 1674 O O   . HOH B 2 .   ? -0.660  17.143  -5.128  1.00 31.57 ? 690 HOH A O   1 
HETATM 1675 O O   . HOH B 2 .   ? -8.882  13.594  -0.890  1.00 23.65 ? 691 HOH A O   1 
HETATM 1676 O O   . HOH B 2 .   ? 13.078  -4.950  -2.210  1.00 20.71 ? 692 HOH A O   1 
HETATM 1677 O O   . HOH B 2 .   ? 3.373   12.291  15.129  1.00 40.99 ? 693 HOH A O   1 
HETATM 1678 O O   . HOH B 2 .   ? 15.656  -4.900  -14.067 1.00 28.94 ? 694 HOH A O   1 
HETATM 1679 O O   . HOH B 2 .   ? -20.129 -0.618  -0.028  1.00 33.23 ? 695 HOH A O   1 
HETATM 1680 O O   . HOH B 2 .   ? 4.569   17.228  13.637  1.00 28.98 ? 696 HOH A O   1 
HETATM 1681 O O   . HOH B 2 .   ? 17.059  2.467   -5.685  1.00 29.15 ? 697 HOH A O   1 
HETATM 1682 O O   . HOH B 2 .   ? -6.075  12.363  -4.500  1.00 25.28 ? 698 HOH A O   1 
HETATM 1683 O O   . HOH B 2 .   ? 11.926  12.742  15.994  1.00 32.06 ? 699 HOH A O   1 
HETATM 1684 O O   . HOH B 2 .   ? -16.472 10.301  -2.486  1.00 28.81 ? 700 HOH A O   1 
HETATM 1685 O O   . HOH B 2 .   ? 13.870  -6.514  6.418   1.00 29.93 ? 701 HOH A O   1 
HETATM 1686 O O   . HOH B 2 .   ? 10.311  -9.504  9.839   1.00 27.28 ? 702 HOH A O   1 
HETATM 1687 O O   . HOH B 2 .   ? -4.565  -3.329  6.660   1.00 29.55 ? 703 HOH A O   1 
HETATM 1688 O O   . HOH B 2 .   ? -5.317  10.789  8.499   1.00 30.24 ? 704 HOH A O   1 
HETATM 1689 O O   . HOH B 2 .   ? -4.966  10.688  11.345  1.00 41.53 ? 705 HOH A O   1 
HETATM 1690 O O   . HOH B 2 .   ? -0.616  16.680  2.844   1.00 44.84 ? 706 HOH A O   1 
HETATM 1691 O O   . HOH B 2 .   ? 1.227   -7.738  10.333  1.00 29.06 ? 707 HOH A O   1 
HETATM 1692 O O   . HOH B 2 .   ? 15.002  -2.078  -13.488 1.00 31.34 ? 708 HOH A O   1 
HETATM 1693 O O   . HOH B 2 .   ? 0.517   -20.103 -12.878 1.00 44.04 ? 709 HOH A O   1 
HETATM 1694 O O   . HOH B 2 .   ? 0.756   -13.059 7.917   1.00 43.66 ? 710 HOH A O   1 
HETATM 1695 O O   . HOH B 2 .   ? 13.424  -13.035 -4.902  1.00 26.02 ? 711 HOH A O   1 
HETATM 1696 O O   . HOH B 2 .   ? 10.492  1.205   -12.798 1.00 25.53 ? 712 HOH A O   1 
HETATM 1697 O O   . HOH B 2 .   ? 15.751  8.992   10.989  1.00 23.89 ? 713 HOH A O   1 
HETATM 1698 O O   . HOH B 2 .   ? 12.001  2.285   18.036  1.00 34.36 ? 714 HOH A O   1 
HETATM 1699 O O   . HOH B 2 .   ? 12.434  10.651  -5.003  1.00 30.34 ? 715 HOH A O   1 
HETATM 1700 O O   . HOH B 2 .   ? 8.419   -4.594  -20.071 1.00 36.11 ? 716 HOH A O   1 
HETATM 1701 O O   . HOH B 2 .   ? 10.134  20.615  -1.581  1.00 28.14 ? 717 HOH A O   1 
HETATM 1702 O O   . HOH B 2 .   ? -0.100  15.389  5.436   1.00 43.33 ? 718 HOH A O   1 
HETATM 1703 O O   . HOH B 2 .   ? 4.743   25.135  5.343   1.00 23.65 ? 719 HOH A O   1 
HETATM 1704 O O   . HOH B 2 .   ? 15.823  16.145  3.233   1.00 38.02 ? 720 HOH A O   1 
HETATM 1705 O O   . HOH B 2 .   ? -17.450 -12.625 -2.707  1.00 31.24 ? 721 HOH A O   1 
HETATM 1706 O O   . HOH B 2 .   ? 8.664   5.516   19.839  1.00 35.91 ? 722 HOH A O   1 
HETATM 1707 O O   . HOH B 2 .   ? -20.266 11.688  -2.359  1.00 35.63 ? 723 HOH A O   1 
HETATM 1708 O O   . HOH B 2 .   ? -4.502  -18.968 -10.687 1.00 50.15 ? 724 HOH A O   1 
HETATM 1709 O O   . HOH B 2 .   ? 13.927  8.932   -6.674  1.00 28.40 ? 725 HOH A O   1 
HETATM 1710 O O   . HOH B 2 .   ? 13.777  -8.954  8.363   1.00 46.69 ? 726 HOH A O   1 
HETATM 1711 O O   . HOH B 2 .   ? -12.038 8.099   8.395   1.00 38.63 ? 727 HOH A O   1 
HETATM 1712 O O   . HOH B 2 .   ? 2.683   -5.555  9.650   1.00 24.69 ? 728 HOH A O   1 
HETATM 1713 O O   . HOH B 2 .   ? -16.428 -10.760 1.046   1.00 36.23 ? 729 HOH A O   1 
HETATM 1714 O O   . HOH B 2 .   ? 10.599  2.512   20.676  1.00 29.76 ? 730 HOH A O   1 
HETATM 1715 O O   . HOH B 2 .   ? -11.508 2.539   -15.689 1.00 28.50 ? 731 HOH A O   1 
HETATM 1716 O O   . HOH B 2 .   ? 17.860  2.036   9.007   1.00 30.89 ? 732 HOH A O   1 
HETATM 1717 O O   . HOH B 2 .   ? 9.131   -13.339 -9.962  1.00 34.51 ? 733 HOH A O   1 
# 
loop_
_pdbx_poly_seq_scheme.asym_id 
_pdbx_poly_seq_scheme.entity_id 
_pdbx_poly_seq_scheme.seq_id 
_pdbx_poly_seq_scheme.mon_id 
_pdbx_poly_seq_scheme.ndb_seq_num 
_pdbx_poly_seq_scheme.pdb_seq_num 
_pdbx_poly_seq_scheme.auth_seq_num 
_pdbx_poly_seq_scheme.pdb_mon_id 
_pdbx_poly_seq_scheme.auth_mon_id 
_pdbx_poly_seq_scheme.pdb_strand_id 
_pdbx_poly_seq_scheme.pdb_ins_code 
_pdbx_poly_seq_scheme.hetero 
A 1 1   GLY 1   345 ?   ?   ?   A . n 
A 1 2   ALA 2   346 ?   ?   ?   A . n 
A 1 3   MET 3   347 347 MET MET A . n 
A 1 4   GLU 4   348 348 GLU GLU A . n 
A 1 5   GLY 5   349 349 GLY GLY A . n 
A 1 6   MET 6   350 350 MET MET A . n 
A 1 7   LEU 7   351 351 LEU LEU A . n 
A 1 8   ALA 8   352 352 ALA ALA A . n 
A 1 9   ASP 9   353 353 ASP ASP A . n 
A 1 10  PHE 10  354 354 PHE PHE A . n 
A 1 11  VAL 11  355 355 VAL VAL A . n 
A 1 12  SER 12  356 356 SER SER A . n 
A 1 13  GLN 13  357 357 GLN GLN A . n 
A 1 14  THR 14  358 358 THR THR A . n 
A 1 15  SER 15  359 359 SER SER A . n 
A 1 16  PRO 16  360 360 PRO PRO A . n 
A 1 17  MET 17  361 361 MET MET A . n 
A 1 18  ILE 18  362 362 ILE ILE A . n 
A 1 19  PRO 19  363 363 PRO PRO A . n 
A 1 20  SER 20  364 364 SER SER A . n 
A 1 21  ILE 21  365 365 ILE ILE A . n 
A 1 22  VAL 22  366 366 VAL VAL A . n 
A 1 23  VAL 23  367 367 VAL VAL A . n 
A 1 24  HIS 24  368 368 HIS HIS A . n 
A 1 25  CYS 25  369 369 CYS CYS A . n 
A 1 26  VAL 26  370 370 VAL VAL A . n 
A 1 27  ASN 27  371 371 ASN ASN A . n 
A 1 28  GLU 28  372 372 GLU GLU A . n 
A 1 29  ILE 29  373 373 ILE ILE A . n 
A 1 30  GLU 30  374 374 GLU GLU A . n 
A 1 31  GLN 31  375 375 GLN GLN A . n 
A 1 32  ARG 32  376 376 ARG ARG A . n 
A 1 33  GLY 33  377 377 GLY GLY A . n 
A 1 34  LEU 34  378 378 LEU LEU A . n 
A 1 35  THR 35  379 379 THR THR A . n 
A 1 36  GLU 36  380 380 GLU GLU A . n 
A 1 37  THR 37  381 381 THR THR A . n 
A 1 38  GLY 38  382 382 GLY GLY A . n 
A 1 39  LEU 39  383 383 LEU LEU A . n 
A 1 40  TYR 40  384 384 TYR TYR A . n 
A 1 41  ARG 41  385 385 ARG ARG A . n 
A 1 42  ILE 42  386 386 ILE ILE A . n 
A 1 43  SER 43  387 387 SER SER A . n 
A 1 44  GLY 44  388 388 GLY GLY A . n 
A 1 45  CYS 45  389 389 CYS CYS A . n 
A 1 46  ASP 46  390 390 ASP ASP A . n 
A 1 47  ARG 47  391 391 ARG ARG A . n 
A 1 48  THR 48  392 392 THR THR A . n 
A 1 49  VAL 49  393 393 VAL VAL A . n 
A 1 50  LYS 50  394 394 LYS LYS A . n 
A 1 51  GLU 51  395 395 GLU GLU A . n 
A 1 52  LEU 52  396 396 LEU LEU A . n 
A 1 53  LYS 53  397 397 LYS LYS A . n 
A 1 54  GLU 54  398 398 GLU GLU A . n 
A 1 55  LYS 55  399 399 LYS LYS A . n 
A 1 56  PHE 56  400 400 PHE PHE A . n 
A 1 57  LEU 57  401 401 LEU LEU A . n 
A 1 58  ARG 58  402 402 ARG ARG A . n 
A 1 59  VAL 59  403 403 VAL VAL A . n 
A 1 60  LYS 60  404 404 LYS LYS A . n 
A 1 61  THR 61  405 405 THR THR A . n 
A 1 62  VAL 62  406 406 VAL VAL A . n 
A 1 63  PRO 63  407 407 PRO PRO A . n 
A 1 64  LEU 64  408 408 LEU LEU A . n 
A 1 65  LEU 65  409 409 LEU LEU A . n 
A 1 66  SER 66  410 410 SER SER A . n 
A 1 67  LYS 67  411 411 LYS LYS A . n 
A 1 68  VAL 68  412 412 VAL VAL A . n 
A 1 69  ASP 69  413 413 ASP ASP A . n 
A 1 70  ASP 70  414 414 ASP ASP A . n 
A 1 71  ILE 71  415 415 ILE ILE A . n 
A 1 72  HIS 72  416 416 HIS HIS A . n 
A 1 73  ALA 73  417 417 ALA ALA A . n 
A 1 74  ILE 74  418 418 ILE ILE A . n 
A 1 75  CYS 75  419 419 CYS CYS A . n 
A 1 76  SER 76  420 420 SER SER A . n 
A 1 77  LEU 77  421 421 LEU LEU A . n 
A 1 78  LEU 78  422 422 LEU LEU A . n 
A 1 79  LYS 79  423 423 LYS LYS A . n 
A 1 80  ASP 80  424 424 ASP ASP A . n 
A 1 81  PHE 81  425 425 PHE PHE A . n 
A 1 82  LEU 82  426 426 LEU LEU A . n 
A 1 83  ARG 83  427 427 ARG ARG A . n 
A 1 84  ASN 84  428 428 ASN ASN A . n 
A 1 85  LEU 85  429 429 LEU LEU A . n 
A 1 86  LYS 86  430 430 LYS LYS A . n 
A 1 87  GLU 87  431 431 GLU GLU A . n 
A 1 88  PRO 88  432 432 PRO PRO A . n 
A 1 89  LEU 89  433 433 LEU LEU A . n 
A 1 90  LEU 90  434 434 LEU LEU A . n 
A 1 91  THR 91  435 435 THR THR A . n 
A 1 92  PHE 92  436 436 PHE PHE A . n 
A 1 93  ARG 93  437 437 ARG ARG A . n 
A 1 94  LEU 94  438 438 LEU LEU A . n 
A 1 95  ASN 95  439 439 ASN ASN A . n 
A 1 96  ARG 96  440 440 ARG ARG A . n 
A 1 97  ALA 97  441 441 ALA ALA A . n 
A 1 98  PHE 98  442 442 PHE PHE A . n 
A 1 99  MET 99  443 443 MET MET A . n 
A 1 100 GLU 100 444 444 GLU GLU A . n 
A 1 101 ALA 101 445 445 ALA ALA A . n 
A 1 102 ALA 102 446 446 ALA ALA A . n 
A 1 103 GLU 103 447 447 GLU GLU A . n 
A 1 104 ILE 104 448 448 ILE ILE A . n 
A 1 105 THR 105 449 449 THR THR A . n 
A 1 106 ASP 106 450 450 ASP ASP A . n 
A 1 107 GLU 107 451 451 GLU GLU A . n 
A 1 108 ASP 108 452 452 ASP ASP A . n 
A 1 109 ASN 109 453 453 ASN ASN A . n 
A 1 110 SER 110 454 454 SER SER A . n 
A 1 111 ILE 111 455 455 ILE ILE A . n 
A 1 112 ALA 112 456 456 ALA ALA A . n 
A 1 113 ALA 113 457 457 ALA ALA A . n 
A 1 114 MET 114 458 458 MET MET A . n 
A 1 115 TYR 115 459 459 TYR TYR A . n 
A 1 116 GLN 116 460 460 GLN GLN A . n 
A 1 117 ALA 117 461 461 ALA ALA A . n 
A 1 118 VAL 118 462 462 VAL VAL A . n 
A 1 119 GLY 119 463 463 GLY GLY A . n 
A 1 120 GLU 120 464 464 GLU GLU A . n 
A 1 121 LEU 121 465 465 LEU LEU A . n 
A 1 122 PRO 122 466 466 PRO PRO A . n 
A 1 123 GLN 123 467 467 GLN GLN A . n 
A 1 124 ALA 124 468 468 ALA ALA A . n 
A 1 125 ASN 125 469 469 ASN ASN A . n 
A 1 126 ARG 126 470 470 ARG ARG A . n 
A 1 127 ASP 127 471 471 ASP ASP A . n 
A 1 128 THR 128 472 472 THR THR A . n 
A 1 129 LEU 129 473 473 LEU LEU A . n 
A 1 130 ALA 130 474 474 ALA ALA A . n 
A 1 131 PHE 131 475 475 PHE PHE A . n 
A 1 132 LEU 132 476 476 LEU LEU A . n 
A 1 133 MET 133 477 477 MET MET A . n 
A 1 134 ILE 134 478 478 ILE ILE A . n 
A 1 135 HIS 135 479 479 HIS HIS A . n 
A 1 136 LEU 136 480 480 LEU LEU A . n 
A 1 137 GLN 137 481 481 GLN GLN A . n 
A 1 138 ARG 138 482 482 ARG ARG A . n 
A 1 139 VAL 139 483 483 VAL VAL A . n 
A 1 140 ALA 140 484 484 ALA ALA A . n 
A 1 141 GLN 141 485 485 GLN GLN A . n 
A 1 142 SER 142 486 486 SER SER A . n 
A 1 143 PRO 143 487 487 PRO PRO A . n 
A 1 144 HIS 144 488 488 HIS HIS A . n 
A 1 145 THR 145 489 489 THR THR A . n 
A 1 146 LYS 146 490 490 LYS LYS A . n 
A 1 147 MET 147 491 491 MET MET A . n 
A 1 148 ASP 148 492 492 ASP ASP A . n 
A 1 149 VAL 149 493 493 VAL VAL A . n 
A 1 150 ALA 150 494 494 ALA ALA A . n 
A 1 151 ASN 151 495 495 ASN ASN A . n 
A 1 152 LEU 152 496 496 LEU LEU A . n 
A 1 153 ALA 153 497 497 ALA ALA A . n 
A 1 154 LYS 154 498 498 LYS LYS A . n 
A 1 155 VAL 155 499 499 VAL VAL A . n 
A 1 156 PHE 156 500 500 PHE PHE A . n 
A 1 157 GLY 157 501 501 GLY GLY A . n 
A 1 158 PRO 158 502 502 PRO PRO A . n 
A 1 159 THR 159 503 503 THR THR A . n 
A 1 160 ILE 160 504 504 ILE ILE A . n 
A 1 161 VAL 161 505 505 VAL VAL A . n 
A 1 162 ALA 162 506 506 ALA ALA A . n 
A 1 163 HIS 163 507 507 HIS HIS A . n 
A 1 164 ALA 164 508 508 ALA ALA A . n 
A 1 165 VAL 165 509 509 VAL VAL A . n 
A 1 166 PRO 166 510 510 PRO PRO A . n 
A 1 167 ASN 167 511 511 ASN ASN A . n 
A 1 168 PRO 168 512 512 PRO PRO A . n 
A 1 169 ASP 169 513 513 ASP ASP A . n 
A 1 170 PRO 170 514 514 PRO PRO A . n 
A 1 171 VAL 171 515 515 VAL VAL A . n 
A 1 172 THR 172 516 516 THR THR A . n 
A 1 173 MET 173 517 517 MET MET A . n 
A 1 174 LEU 174 518 518 LEU LEU A . n 
A 1 175 GLN 175 519 519 GLN GLN A . n 
A 1 176 ASP 176 520 520 ASP ASP A . n 
A 1 177 ILE 177 521 521 ILE ILE A . n 
A 1 178 LYS 178 522 522 LYS LYS A . n 
A 1 179 ARG 179 523 523 ARG ARG A . n 
A 1 180 GLN 180 524 524 GLN GLN A . n 
A 1 181 PRO 181 525 525 PRO PRO A . n 
A 1 182 LYS 182 526 526 LYS LYS A . n 
A 1 183 VAL 183 527 527 VAL VAL A . n 
A 1 184 VAL 184 528 528 VAL VAL A . n 
A 1 185 GLU 185 529 529 GLU GLU A . n 
A 1 186 ARG 186 530 530 ARG ARG A . n 
A 1 187 LEU 187 531 531 LEU LEU A . n 
A 1 188 LEU 188 532 532 LEU LEU A . n 
A 1 189 SER 189 533 533 SER SER A . n 
A 1 190 LEU 190 534 534 LEU LEU A . n 
A 1 191 PRO 191 535 535 PRO PRO A . n 
A 1 192 LEU 192 536 536 LEU LEU A . n 
A 1 193 GLU 193 537 537 GLU GLU A . n 
A 1 194 TYR 194 538 538 TYR TYR A . n 
A 1 195 TRP 195 539 539 TRP TRP A . n 
A 1 196 SER 196 540 540 SER SER A . n 
A 1 197 GLN 197 541 541 GLN GLN A . n 
A 1 198 PHE 198 542 542 PHE PHE A . n 
A 1 199 MET 199 543 543 MET MET A . n 
A 1 200 MET 200 544 544 MET MET A . n 
A 1 201 VAL 201 545 545 VAL VAL A . n 
A 1 202 GLU 202 546 546 GLU GLU A . n 
# 
loop_
_pdbx_nonpoly_scheme.asym_id 
_pdbx_nonpoly_scheme.entity_id 
_pdbx_nonpoly_scheme.mon_id 
_pdbx_nonpoly_scheme.ndb_seq_num 
_pdbx_nonpoly_scheme.pdb_seq_num 
_pdbx_nonpoly_scheme.auth_seq_num 
_pdbx_nonpoly_scheme.pdb_mon_id 
_pdbx_nonpoly_scheme.auth_mon_id 
_pdbx_nonpoly_scheme.pdb_strand_id 
_pdbx_nonpoly_scheme.pdb_ins_code 
B 2 HOH 1   601 1   HOH HOH A . 
B 2 HOH 2   602 2   HOH HOH A . 
B 2 HOH 3   603 3   HOH HOH A . 
B 2 HOH 4   604 4   HOH HOH A . 
B 2 HOH 5   605 5   HOH HOH A . 
B 2 HOH 6   606 6   HOH HOH A . 
B 2 HOH 7   607 7   HOH HOH A . 
B 2 HOH 8   608 8   HOH HOH A . 
B 2 HOH 9   609 9   HOH HOH A . 
B 2 HOH 10  610 10  HOH HOH A . 
B 2 HOH 11  611 11  HOH HOH A . 
B 2 HOH 12  612 12  HOH HOH A . 
B 2 HOH 13  613 13  HOH HOH A . 
B 2 HOH 14  614 14  HOH HOH A . 
B 2 HOH 15  615 15  HOH HOH A . 
B 2 HOH 16  616 16  HOH HOH A . 
B 2 HOH 17  617 17  HOH HOH A . 
B 2 HOH 18  618 18  HOH HOH A . 
B 2 HOH 19  619 19  HOH HOH A . 
B 2 HOH 20  620 20  HOH HOH A . 
B 2 HOH 21  621 21  HOH HOH A . 
B 2 HOH 22  622 22  HOH HOH A . 
B 2 HOH 23  623 23  HOH HOH A . 
B 2 HOH 24  624 24  HOH HOH A . 
B 2 HOH 25  625 25  HOH HOH A . 
B 2 HOH 26  626 26  HOH HOH A . 
B 2 HOH 27  627 27  HOH HOH A . 
B 2 HOH 28  628 28  HOH HOH A . 
B 2 HOH 29  629 29  HOH HOH A . 
B 2 HOH 30  630 30  HOH HOH A . 
B 2 HOH 31  631 31  HOH HOH A . 
B 2 HOH 32  632 32  HOH HOH A . 
B 2 HOH 33  633 33  HOH HOH A . 
B 2 HOH 34  634 34  HOH HOH A . 
B 2 HOH 35  635 35  HOH HOH A . 
B 2 HOH 36  636 36  HOH HOH A . 
B 2 HOH 37  637 37  HOH HOH A . 
B 2 HOH 38  638 38  HOH HOH A . 
B 2 HOH 39  639 39  HOH HOH A . 
B 2 HOH 40  640 40  HOH HOH A . 
B 2 HOH 41  641 41  HOH HOH A . 
B 2 HOH 42  642 42  HOH HOH A . 
B 2 HOH 43  643 43  HOH HOH A . 
B 2 HOH 44  644 44  HOH HOH A . 
B 2 HOH 45  645 45  HOH HOH A . 
B 2 HOH 46  646 46  HOH HOH A . 
B 2 HOH 47  647 47  HOH HOH A . 
B 2 HOH 48  648 48  HOH HOH A . 
B 2 HOH 49  649 49  HOH HOH A . 
B 2 HOH 50  650 50  HOH HOH A . 
B 2 HOH 51  651 51  HOH HOH A . 
B 2 HOH 52  652 52  HOH HOH A . 
B 2 HOH 53  653 53  HOH HOH A . 
B 2 HOH 54  654 54  HOH HOH A . 
B 2 HOH 55  655 55  HOH HOH A . 
B 2 HOH 56  656 56  HOH HOH A . 
B 2 HOH 57  657 57  HOH HOH A . 
B 2 HOH 58  658 58  HOH HOH A . 
B 2 HOH 59  659 59  HOH HOH A . 
B 2 HOH 60  660 60  HOH HOH A . 
B 2 HOH 61  661 61  HOH HOH A . 
B 2 HOH 62  662 62  HOH HOH A . 
B 2 HOH 63  663 63  HOH HOH A . 
B 2 HOH 64  664 64  HOH HOH A . 
B 2 HOH 65  665 65  HOH HOH A . 
B 2 HOH 66  666 66  HOH HOH A . 
B 2 HOH 67  667 67  HOH HOH A . 
B 2 HOH 68  668 68  HOH HOH A . 
B 2 HOH 69  669 69  HOH HOH A . 
B 2 HOH 70  670 70  HOH HOH A . 
B 2 HOH 71  671 71  HOH HOH A . 
B 2 HOH 72  672 72  HOH HOH A . 
B 2 HOH 73  673 73  HOH HOH A . 
B 2 HOH 74  674 74  HOH HOH A . 
B 2 HOH 75  675 75  HOH HOH A . 
B 2 HOH 76  676 76  HOH HOH A . 
B 2 HOH 77  677 77  HOH HOH A . 
B 2 HOH 78  678 78  HOH HOH A . 
B 2 HOH 79  679 79  HOH HOH A . 
B 2 HOH 80  680 80  HOH HOH A . 
B 2 HOH 81  681 81  HOH HOH A . 
B 2 HOH 82  682 82  HOH HOH A . 
B 2 HOH 83  683 83  HOH HOH A . 
B 2 HOH 84  684 84  HOH HOH A . 
B 2 HOH 85  685 85  HOH HOH A . 
B 2 HOH 86  686 86  HOH HOH A . 
B 2 HOH 87  687 87  HOH HOH A . 
B 2 HOH 88  688 88  HOH HOH A . 
B 2 HOH 89  689 89  HOH HOH A . 
B 2 HOH 90  690 90  HOH HOH A . 
B 2 HOH 91  691 91  HOH HOH A . 
B 2 HOH 92  692 92  HOH HOH A . 
B 2 HOH 93  693 93  HOH HOH A . 
B 2 HOH 94  694 94  HOH HOH A . 
B 2 HOH 95  695 95  HOH HOH A . 
B 2 HOH 96  696 96  HOH HOH A . 
B 2 HOH 97  697 97  HOH HOH A . 
B 2 HOH 98  698 98  HOH HOH A . 
B 2 HOH 99  699 99  HOH HOH A . 
B 2 HOH 100 700 100 HOH HOH A . 
B 2 HOH 101 701 101 HOH HOH A . 
B 2 HOH 102 702 102 HOH HOH A . 
B 2 HOH 103 703 103 HOH HOH A . 
B 2 HOH 104 704 104 HOH HOH A . 
B 2 HOH 105 705 105 HOH HOH A . 
B 2 HOH 106 706 106 HOH HOH A . 
B 2 HOH 107 707 107 HOH HOH A . 
B 2 HOH 108 708 108 HOH HOH A . 
B 2 HOH 109 709 109 HOH HOH A . 
B 2 HOH 110 710 110 HOH HOH A . 
B 2 HOH 111 711 111 HOH HOH A . 
B 2 HOH 112 712 112 HOH HOH A . 
B 2 HOH 113 713 113 HOH HOH A . 
B 2 HOH 114 714 114 HOH HOH A . 
B 2 HOH 115 715 115 HOH HOH A . 
B 2 HOH 116 716 116 HOH HOH A . 
B 2 HOH 117 717 117 HOH HOH A . 
B 2 HOH 118 718 118 HOH HOH A . 
B 2 HOH 119 719 119 HOH HOH A . 
B 2 HOH 120 720 120 HOH HOH A . 
B 2 HOH 121 721 121 HOH HOH A . 
B 2 HOH 122 722 122 HOH HOH A . 
B 2 HOH 123 723 123 HOH HOH A . 
B 2 HOH 124 724 124 HOH HOH A . 
B 2 HOH 125 725 125 HOH HOH A . 
B 2 HOH 126 726 126 HOH HOH A . 
B 2 HOH 127 727 127 HOH HOH A . 
B 2 HOH 128 728 128 HOH HOH A . 
B 2 HOH 129 729 129 HOH HOH A . 
B 2 HOH 130 730 130 HOH HOH A . 
B 2 HOH 131 731 131 HOH HOH A . 
B 2 HOH 132 732 132 HOH HOH A . 
B 2 HOH 133 733 133 HOH HOH A . 
# 
_pdbx_struct_assembly.id                   1 
_pdbx_struct_assembly.details              author_and_software_defined_assembly 
_pdbx_struct_assembly.method_details       PISA 
_pdbx_struct_assembly.oligomeric_details   monomeric 
_pdbx_struct_assembly.oligomeric_count     1 
# 
_pdbx_struct_assembly_gen.assembly_id       1 
_pdbx_struct_assembly_gen.oper_expression   1 
_pdbx_struct_assembly_gen.asym_id_list      A,B 
# 
_pdbx_struct_oper_list.id                   1 
_pdbx_struct_oper_list.type                 'identity operation' 
_pdbx_struct_oper_list.name                 1_555 
_pdbx_struct_oper_list.symmetry_operation   x,y,z 
_pdbx_struct_oper_list.matrix[1][1]         1.0000000000 
_pdbx_struct_oper_list.matrix[1][2]         0.0000000000 
_pdbx_struct_oper_list.matrix[1][3]         0.0000000000 
_pdbx_struct_oper_list.vector[1]            0.0000000000 
_pdbx_struct_oper_list.matrix[2][1]         0.0000000000 
_pdbx_struct_oper_list.matrix[2][2]         1.0000000000 
_pdbx_struct_oper_list.matrix[2][3]         0.0000000000 
_pdbx_struct_oper_list.vector[2]            0.0000000000 
_pdbx_struct_oper_list.matrix[3][1]         0.0000000000 
_pdbx_struct_oper_list.matrix[3][2]         0.0000000000 
_pdbx_struct_oper_list.matrix[3][3]         1.0000000000 
_pdbx_struct_oper_list.vector[3]            0.0000000000 
# 
loop_
_pdbx_audit_revision_history.ordinal 
_pdbx_audit_revision_history.data_content_type 
_pdbx_audit_revision_history.major_revision 
_pdbx_audit_revision_history.minor_revision 
_pdbx_audit_revision_history.revision_date 
1 'Structure model' 1 0 2014-02-26 
2 'Structure model' 1 1 2023-11-08 
# 
_pdbx_audit_revision_details.ordinal             1 
_pdbx_audit_revision_details.revision_ordinal    1 
_pdbx_audit_revision_details.data_content_type   'Structure model' 
_pdbx_audit_revision_details.provider            repository 
_pdbx_audit_revision_details.type                'Initial release' 
_pdbx_audit_revision_details.description         ? 
_pdbx_audit_revision_details.details             ? 
# 
loop_
_pdbx_audit_revision_group.ordinal 
_pdbx_audit_revision_group.revision_ordinal 
_pdbx_audit_revision_group.data_content_type 
_pdbx_audit_revision_group.group 
1 2 'Structure model' 'Data collection'        
2 2 'Structure model' 'Database references'    
3 2 'Structure model' 'Refinement description' 
# 
loop_
_pdbx_audit_revision_category.ordinal 
_pdbx_audit_revision_category.revision_ordinal 
_pdbx_audit_revision_category.data_content_type 
_pdbx_audit_revision_category.category 
1 2 'Structure model' chem_comp_atom                
2 2 'Structure model' chem_comp_bond                
3 2 'Structure model' database_2                    
4 2 'Structure model' pdbx_initial_refinement_model 
5 2 'Structure model' struct_ref_seq_dif            
# 
loop_
_pdbx_audit_revision_item.ordinal 
_pdbx_audit_revision_item.revision_ordinal 
_pdbx_audit_revision_item.data_content_type 
_pdbx_audit_revision_item.item 
1 2 'Structure model' '_database_2.pdbx_DOI'                
2 2 'Structure model' '_database_2.pdbx_database_accession' 
3 2 'Structure model' '_struct_ref_seq_dif.details'         
# 
loop_
_software.name 
_software.classification 
_software.version 
_software.citation_id 
_software.pdbx_ordinal 
HKL-2000  'data collection' .        ? 1 
REFMAC    refinement        5.6.0117 ? 2 
DENZO     'data reduction'  .        ? 3 
SCALEPACK 'data scaling'    .        ? 4 
# 
loop_
_pdbx_validate_torsion.id 
_pdbx_validate_torsion.PDB_model_num 
_pdbx_validate_torsion.auth_comp_id 
_pdbx_validate_torsion.auth_asym_id 
_pdbx_validate_torsion.auth_seq_id 
_pdbx_validate_torsion.PDB_ins_code 
_pdbx_validate_torsion.label_alt_id 
_pdbx_validate_torsion.phi 
_pdbx_validate_torsion.psi 
1 1 SER A 356 ? ? -118.71 -161.56 
2 1 TYR A 384 ? ? 80.25   -10.41  
3 1 LYS A 404 ? ? 71.85   32.97   
4 1 ALA A 506 ? ? 54.33   -135.27 
# 
loop_
_pdbx_unobs_or_zero_occ_residues.id 
_pdbx_unobs_or_zero_occ_residues.PDB_model_num 
_pdbx_unobs_or_zero_occ_residues.polymer_flag 
_pdbx_unobs_or_zero_occ_residues.occupancy_flag 
_pdbx_unobs_or_zero_occ_residues.auth_asym_id 
_pdbx_unobs_or_zero_occ_residues.auth_comp_id 
_pdbx_unobs_or_zero_occ_residues.auth_seq_id 
_pdbx_unobs_or_zero_occ_residues.PDB_ins_code 
_pdbx_unobs_or_zero_occ_residues.label_asym_id 
_pdbx_unobs_or_zero_occ_residues.label_comp_id 
_pdbx_unobs_or_zero_occ_residues.label_seq_id 
1 1 Y 1 A GLY 345 ? A GLY 1 
2 1 Y 1 A ALA 346 ? A ALA 2 
# 
loop_
_chem_comp_atom.comp_id 
_chem_comp_atom.atom_id 
_chem_comp_atom.type_symbol 
_chem_comp_atom.pdbx_aromatic_flag 
_chem_comp_atom.pdbx_stereo_config 
_chem_comp_atom.pdbx_ordinal 
ALA N    N N N 1   
ALA CA   C N S 2   
ALA C    C N N 3   
ALA O    O N N 4   
ALA CB   C N N 5   
ALA OXT  O N N 6   
ALA H    H N N 7   
ALA H2   H N N 8   
ALA HA   H N N 9   
ALA HB1  H N N 10  
ALA HB2  H N N 11  
ALA HB3  H N N 12  
ALA HXT  H N N 13  
ARG N    N N N 14  
ARG CA   C N S 15  
ARG C    C N N 16  
ARG O    O N N 17  
ARG CB   C N N 18  
ARG CG   C N N 19  
ARG CD   C N N 20  
ARG NE   N N N 21  
ARG CZ   C N N 22  
ARG NH1  N N N 23  
ARG NH2  N N N 24  
ARG OXT  O N N 25  
ARG H    H N N 26  
ARG H2   H N N 27  
ARG HA   H N N 28  
ARG HB2  H N N 29  
ARG HB3  H N N 30  
ARG HG2  H N N 31  
ARG HG3  H N N 32  
ARG HD2  H N N 33  
ARG HD3  H N N 34  
ARG HE   H N N 35  
ARG HH11 H N N 36  
ARG HH12 H N N 37  
ARG HH21 H N N 38  
ARG HH22 H N N 39  
ARG HXT  H N N 40  
ASN N    N N N 41  
ASN CA   C N S 42  
ASN C    C N N 43  
ASN O    O N N 44  
ASN CB   C N N 45  
ASN CG   C N N 46  
ASN OD1  O N N 47  
ASN ND2  N N N 48  
ASN OXT  O N N 49  
ASN H    H N N 50  
ASN H2   H N N 51  
ASN HA   H N N 52  
ASN HB2  H N N 53  
ASN HB3  H N N 54  
ASN HD21 H N N 55  
ASN HD22 H N N 56  
ASN HXT  H N N 57  
ASP N    N N N 58  
ASP CA   C N S 59  
ASP C    C N N 60  
ASP O    O N N 61  
ASP CB   C N N 62  
ASP CG   C N N 63  
ASP OD1  O N N 64  
ASP OD2  O N N 65  
ASP OXT  O N N 66  
ASP H    H N N 67  
ASP H2   H N N 68  
ASP HA   H N N 69  
ASP HB2  H N N 70  
ASP HB3  H N N 71  
ASP HD2  H N N 72  
ASP HXT  H N N 73  
CYS N    N N N 74  
CYS CA   C N R 75  
CYS C    C N N 76  
CYS O    O N N 77  
CYS CB   C N N 78  
CYS SG   S N N 79  
CYS OXT  O N N 80  
CYS H    H N N 81  
CYS H2   H N N 82  
CYS HA   H N N 83  
CYS HB2  H N N 84  
CYS HB3  H N N 85  
CYS HG   H N N 86  
CYS HXT  H N N 87  
GLN N    N N N 88  
GLN CA   C N S 89  
GLN C    C N N 90  
GLN O    O N N 91  
GLN CB   C N N 92  
GLN CG   C N N 93  
GLN CD   C N N 94  
GLN OE1  O N N 95  
GLN NE2  N N N 96  
GLN OXT  O N N 97  
GLN H    H N N 98  
GLN H2   H N N 99  
GLN HA   H N N 100 
GLN HB2  H N N 101 
GLN HB3  H N N 102 
GLN HG2  H N N 103 
GLN HG3  H N N 104 
GLN HE21 H N N 105 
GLN HE22 H N N 106 
GLN HXT  H N N 107 
GLU N    N N N 108 
GLU CA   C N S 109 
GLU C    C N N 110 
GLU O    O N N 111 
GLU CB   C N N 112 
GLU CG   C N N 113 
GLU CD   C N N 114 
GLU OE1  O N N 115 
GLU OE2  O N N 116 
GLU OXT  O N N 117 
GLU H    H N N 118 
GLU H2   H N N 119 
GLU HA   H N N 120 
GLU HB2  H N N 121 
GLU HB3  H N N 122 
GLU HG2  H N N 123 
GLU HG3  H N N 124 
GLU HE2  H N N 125 
GLU HXT  H N N 126 
GLY N    N N N 127 
GLY CA   C N N 128 
GLY C    C N N 129 
GLY O    O N N 130 
GLY OXT  O N N 131 
GLY H    H N N 132 
GLY H2   H N N 133 
GLY HA2  H N N 134 
GLY HA3  H N N 135 
GLY HXT  H N N 136 
HIS N    N N N 137 
HIS CA   C N S 138 
HIS C    C N N 139 
HIS O    O N N 140 
HIS CB   C N N 141 
HIS CG   C Y N 142 
HIS ND1  N Y N 143 
HIS CD2  C Y N 144 
HIS CE1  C Y N 145 
HIS NE2  N Y N 146 
HIS OXT  O N N 147 
HIS H    H N N 148 
HIS H2   H N N 149 
HIS HA   H N N 150 
HIS HB2  H N N 151 
HIS HB3  H N N 152 
HIS HD1  H N N 153 
HIS HD2  H N N 154 
HIS HE1  H N N 155 
HIS HE2  H N N 156 
HIS HXT  H N N 157 
HOH O    O N N 158 
HOH H1   H N N 159 
HOH H2   H N N 160 
ILE N    N N N 161 
ILE CA   C N S 162 
ILE C    C N N 163 
ILE O    O N N 164 
ILE CB   C N S 165 
ILE CG1  C N N 166 
ILE CG2  C N N 167 
ILE CD1  C N N 168 
ILE OXT  O N N 169 
ILE H    H N N 170 
ILE H2   H N N 171 
ILE HA   H N N 172 
ILE HB   H N N 173 
ILE HG12 H N N 174 
ILE HG13 H N N 175 
ILE HG21 H N N 176 
ILE HG22 H N N 177 
ILE HG23 H N N 178 
ILE HD11 H N N 179 
ILE HD12 H N N 180 
ILE HD13 H N N 181 
ILE HXT  H N N 182 
LEU N    N N N 183 
LEU CA   C N S 184 
LEU C    C N N 185 
LEU O    O N N 186 
LEU CB   C N N 187 
LEU CG   C N N 188 
LEU CD1  C N N 189 
LEU CD2  C N N 190 
LEU OXT  O N N 191 
LEU H    H N N 192 
LEU H2   H N N 193 
LEU HA   H N N 194 
LEU HB2  H N N 195 
LEU HB3  H N N 196 
LEU HG   H N N 197 
LEU HD11 H N N 198 
LEU HD12 H N N 199 
LEU HD13 H N N 200 
LEU HD21 H N N 201 
LEU HD22 H N N 202 
LEU HD23 H N N 203 
LEU HXT  H N N 204 
LYS N    N N N 205 
LYS CA   C N S 206 
LYS C    C N N 207 
LYS O    O N N 208 
LYS CB   C N N 209 
LYS CG   C N N 210 
LYS CD   C N N 211 
LYS CE   C N N 212 
LYS NZ   N N N 213 
LYS OXT  O N N 214 
LYS H    H N N 215 
LYS H2   H N N 216 
LYS HA   H N N 217 
LYS HB2  H N N 218 
LYS HB3  H N N 219 
LYS HG2  H N N 220 
LYS HG3  H N N 221 
LYS HD2  H N N 222 
LYS HD3  H N N 223 
LYS HE2  H N N 224 
LYS HE3  H N N 225 
LYS HZ1  H N N 226 
LYS HZ2  H N N 227 
LYS HZ3  H N N 228 
LYS HXT  H N N 229 
MET N    N N N 230 
MET CA   C N S 231 
MET C    C N N 232 
MET O    O N N 233 
MET CB   C N N 234 
MET CG   C N N 235 
MET SD   S N N 236 
MET CE   C N N 237 
MET OXT  O N N 238 
MET H    H N N 239 
MET H2   H N N 240 
MET HA   H N N 241 
MET HB2  H N N 242 
MET HB3  H N N 243 
MET HG2  H N N 244 
MET HG3  H N N 245 
MET HE1  H N N 246 
MET HE2  H N N 247 
MET HE3  H N N 248 
MET HXT  H N N 249 
PHE N    N N N 250 
PHE CA   C N S 251 
PHE C    C N N 252 
PHE O    O N N 253 
PHE CB   C N N 254 
PHE CG   C Y N 255 
PHE CD1  C Y N 256 
PHE CD2  C Y N 257 
PHE CE1  C Y N 258 
PHE CE2  C Y N 259 
PHE CZ   C Y N 260 
PHE OXT  O N N 261 
PHE H    H N N 262 
PHE H2   H N N 263 
PHE HA   H N N 264 
PHE HB2  H N N 265 
PHE HB3  H N N 266 
PHE HD1  H N N 267 
PHE HD2  H N N 268 
PHE HE1  H N N 269 
PHE HE2  H N N 270 
PHE HZ   H N N 271 
PHE HXT  H N N 272 
PRO N    N N N 273 
PRO CA   C N S 274 
PRO C    C N N 275 
PRO O    O N N 276 
PRO CB   C N N 277 
PRO CG   C N N 278 
PRO CD   C N N 279 
PRO OXT  O N N 280 
PRO H    H N N 281 
PRO HA   H N N 282 
PRO HB2  H N N 283 
PRO HB3  H N N 284 
PRO HG2  H N N 285 
PRO HG3  H N N 286 
PRO HD2  H N N 287 
PRO HD3  H N N 288 
PRO HXT  H N N 289 
SER N    N N N 290 
SER CA   C N S 291 
SER C    C N N 292 
SER O    O N N 293 
SER CB   C N N 294 
SER OG   O N N 295 
SER OXT  O N N 296 
SER H    H N N 297 
SER H2   H N N 298 
SER HA   H N N 299 
SER HB2  H N N 300 
SER HB3  H N N 301 
SER HG   H N N 302 
SER HXT  H N N 303 
THR N    N N N 304 
THR CA   C N S 305 
THR C    C N N 306 
THR O    O N N 307 
THR CB   C N R 308 
THR OG1  O N N 309 
THR CG2  C N N 310 
THR OXT  O N N 311 
THR H    H N N 312 
THR H2   H N N 313 
THR HA   H N N 314 
THR HB   H N N 315 
THR HG1  H N N 316 
THR HG21 H N N 317 
THR HG22 H N N 318 
THR HG23 H N N 319 
THR HXT  H N N 320 
TRP N    N N N 321 
TRP CA   C N S 322 
TRP C    C N N 323 
TRP O    O N N 324 
TRP CB   C N N 325 
TRP CG   C Y N 326 
TRP CD1  C Y N 327 
TRP CD2  C Y N 328 
TRP NE1  N Y N 329 
TRP CE2  C Y N 330 
TRP CE3  C Y N 331 
TRP CZ2  C Y N 332 
TRP CZ3  C Y N 333 
TRP CH2  C Y N 334 
TRP OXT  O N N 335 
TRP H    H N N 336 
TRP H2   H N N 337 
TRP HA   H N N 338 
TRP HB2  H N N 339 
TRP HB3  H N N 340 
TRP HD1  H N N 341 
TRP HE1  H N N 342 
TRP HE3  H N N 343 
TRP HZ2  H N N 344 
TRP HZ3  H N N 345 
TRP HH2  H N N 346 
TRP HXT  H N N 347 
TYR N    N N N 348 
TYR CA   C N S 349 
TYR C    C N N 350 
TYR O    O N N 351 
TYR CB   C N N 352 
TYR CG   C Y N 353 
TYR CD1  C Y N 354 
TYR CD2  C Y N 355 
TYR CE1  C Y N 356 
TYR CE2  C Y N 357 
TYR CZ   C Y N 358 
TYR OH   O N N 359 
TYR OXT  O N N 360 
TYR H    H N N 361 
TYR H2   H N N 362 
TYR HA   H N N 363 
TYR HB2  H N N 364 
TYR HB3  H N N 365 
TYR HD1  H N N 366 
TYR HD2  H N N 367 
TYR HE1  H N N 368 
TYR HE2  H N N 369 
TYR HH   H N N 370 
TYR HXT  H N N 371 
VAL N    N N N 372 
VAL CA   C N S 373 
VAL C    C N N 374 
VAL O    O N N 375 
VAL CB   C N N 376 
VAL CG1  C N N 377 
VAL CG2  C N N 378 
VAL OXT  O N N 379 
VAL H    H N N 380 
VAL H2   H N N 381 
VAL HA   H N N 382 
VAL HB   H N N 383 
VAL HG11 H N N 384 
VAL HG12 H N N 385 
VAL HG13 H N N 386 
VAL HG21 H N N 387 
VAL HG22 H N N 388 
VAL HG23 H N N 389 
VAL HXT  H N N 390 
# 
loop_
_chem_comp_bond.comp_id 
_chem_comp_bond.atom_id_1 
_chem_comp_bond.atom_id_2 
_chem_comp_bond.value_order 
_chem_comp_bond.pdbx_aromatic_flag 
_chem_comp_bond.pdbx_stereo_config 
_chem_comp_bond.pdbx_ordinal 
ALA N   CA   sing N N 1   
ALA N   H    sing N N 2   
ALA N   H2   sing N N 3   
ALA CA  C    sing N N 4   
ALA CA  CB   sing N N 5   
ALA CA  HA   sing N N 6   
ALA C   O    doub N N 7   
ALA C   OXT  sing N N 8   
ALA CB  HB1  sing N N 9   
ALA CB  HB2  sing N N 10  
ALA CB  HB3  sing N N 11  
ALA OXT HXT  sing N N 12  
ARG N   CA   sing N N 13  
ARG N   H    sing N N 14  
ARG N   H2   sing N N 15  
ARG CA  C    sing N N 16  
ARG CA  CB   sing N N 17  
ARG CA  HA   sing N N 18  
ARG C   O    doub N N 19  
ARG C   OXT  sing N N 20  
ARG CB  CG   sing N N 21  
ARG CB  HB2  sing N N 22  
ARG CB  HB3  sing N N 23  
ARG CG  CD   sing N N 24  
ARG CG  HG2  sing N N 25  
ARG CG  HG3  sing N N 26  
ARG CD  NE   sing N N 27  
ARG CD  HD2  sing N N 28  
ARG CD  HD3  sing N N 29  
ARG NE  CZ   sing N N 30  
ARG NE  HE   sing N N 31  
ARG CZ  NH1  sing N N 32  
ARG CZ  NH2  doub N N 33  
ARG NH1 HH11 sing N N 34  
ARG NH1 HH12 sing N N 35  
ARG NH2 HH21 sing N N 36  
ARG NH2 HH22 sing N N 37  
ARG OXT HXT  sing N N 38  
ASN N   CA   sing N N 39  
ASN N   H    sing N N 40  
ASN N   H2   sing N N 41  
ASN CA  C    sing N N 42  
ASN CA  CB   sing N N 43  
ASN CA  HA   sing N N 44  
ASN C   O    doub N N 45  
ASN C   OXT  sing N N 46  
ASN CB  CG   sing N N 47  
ASN CB  HB2  sing N N 48  
ASN CB  HB3  sing N N 49  
ASN CG  OD1  doub N N 50  
ASN CG  ND2  sing N N 51  
ASN ND2 HD21 sing N N 52  
ASN ND2 HD22 sing N N 53  
ASN OXT HXT  sing N N 54  
ASP N   CA   sing N N 55  
ASP N   H    sing N N 56  
ASP N   H2   sing N N 57  
ASP CA  C    sing N N 58  
ASP CA  CB   sing N N 59  
ASP CA  HA   sing N N 60  
ASP C   O    doub N N 61  
ASP C   OXT  sing N N 62  
ASP CB  CG   sing N N 63  
ASP CB  HB2  sing N N 64  
ASP CB  HB3  sing N N 65  
ASP CG  OD1  doub N N 66  
ASP CG  OD2  sing N N 67  
ASP OD2 HD2  sing N N 68  
ASP OXT HXT  sing N N 69  
CYS N   CA   sing N N 70  
CYS N   H    sing N N 71  
CYS N   H2   sing N N 72  
CYS CA  C    sing N N 73  
CYS CA  CB   sing N N 74  
CYS CA  HA   sing N N 75  
CYS C   O    doub N N 76  
CYS C   OXT  sing N N 77  
CYS CB  SG   sing N N 78  
CYS CB  HB2  sing N N 79  
CYS CB  HB3  sing N N 80  
CYS SG  HG   sing N N 81  
CYS OXT HXT  sing N N 82  
GLN N   CA   sing N N 83  
GLN N   H    sing N N 84  
GLN N   H2   sing N N 85  
GLN CA  C    sing N N 86  
GLN CA  CB   sing N N 87  
GLN CA  HA   sing N N 88  
GLN C   O    doub N N 89  
GLN C   OXT  sing N N 90  
GLN CB  CG   sing N N 91  
GLN CB  HB2  sing N N 92  
GLN CB  HB3  sing N N 93  
GLN CG  CD   sing N N 94  
GLN CG  HG2  sing N N 95  
GLN CG  HG3  sing N N 96  
GLN CD  OE1  doub N N 97  
GLN CD  NE2  sing N N 98  
GLN NE2 HE21 sing N N 99  
GLN NE2 HE22 sing N N 100 
GLN OXT HXT  sing N N 101 
GLU N   CA   sing N N 102 
GLU N   H    sing N N 103 
GLU N   H2   sing N N 104 
GLU CA  C    sing N N 105 
GLU CA  CB   sing N N 106 
GLU CA  HA   sing N N 107 
GLU C   O    doub N N 108 
GLU C   OXT  sing N N 109 
GLU CB  CG   sing N N 110 
GLU CB  HB2  sing N N 111 
GLU CB  HB3  sing N N 112 
GLU CG  CD   sing N N 113 
GLU CG  HG2  sing N N 114 
GLU CG  HG3  sing N N 115 
GLU CD  OE1  doub N N 116 
GLU CD  OE2  sing N N 117 
GLU OE2 HE2  sing N N 118 
GLU OXT HXT  sing N N 119 
GLY N   CA   sing N N 120 
GLY N   H    sing N N 121 
GLY N   H2   sing N N 122 
GLY CA  C    sing N N 123 
GLY CA  HA2  sing N N 124 
GLY CA  HA3  sing N N 125 
GLY C   O    doub N N 126 
GLY C   OXT  sing N N 127 
GLY OXT HXT  sing N N 128 
HIS N   CA   sing N N 129 
HIS N   H    sing N N 130 
HIS N   H2   sing N N 131 
HIS CA  C    sing N N 132 
HIS CA  CB   sing N N 133 
HIS CA  HA   sing N N 134 
HIS C   O    doub N N 135 
HIS C   OXT  sing N N 136 
HIS CB  CG   sing N N 137 
HIS CB  HB2  sing N N 138 
HIS CB  HB3  sing N N 139 
HIS CG  ND1  sing Y N 140 
HIS CG  CD2  doub Y N 141 
HIS ND1 CE1  doub Y N 142 
HIS ND1 HD1  sing N N 143 
HIS CD2 NE2  sing Y N 144 
HIS CD2 HD2  sing N N 145 
HIS CE1 NE2  sing Y N 146 
HIS CE1 HE1  sing N N 147 
HIS NE2 HE2  sing N N 148 
HIS OXT HXT  sing N N 149 
HOH O   H1   sing N N 150 
HOH O   H2   sing N N 151 
ILE N   CA   sing N N 152 
ILE N   H    sing N N 153 
ILE N   H2   sing N N 154 
ILE CA  C    sing N N 155 
ILE CA  CB   sing N N 156 
ILE CA  HA   sing N N 157 
ILE C   O    doub N N 158 
ILE C   OXT  sing N N 159 
ILE CB  CG1  sing N N 160 
ILE CB  CG2  sing N N 161 
ILE CB  HB   sing N N 162 
ILE CG1 CD1  sing N N 163 
ILE CG1 HG12 sing N N 164 
ILE CG1 HG13 sing N N 165 
ILE CG2 HG21 sing N N 166 
ILE CG2 HG22 sing N N 167 
ILE CG2 HG23 sing N N 168 
ILE CD1 HD11 sing N N 169 
ILE CD1 HD12 sing N N 170 
ILE CD1 HD13 sing N N 171 
ILE OXT HXT  sing N N 172 
LEU N   CA   sing N N 173 
LEU N   H    sing N N 174 
LEU N   H2   sing N N 175 
LEU CA  C    sing N N 176 
LEU CA  CB   sing N N 177 
LEU CA  HA   sing N N 178 
LEU C   O    doub N N 179 
LEU C   OXT  sing N N 180 
LEU CB  CG   sing N N 181 
LEU CB  HB2  sing N N 182 
LEU CB  HB3  sing N N 183 
LEU CG  CD1  sing N N 184 
LEU CG  CD2  sing N N 185 
LEU CG  HG   sing N N 186 
LEU CD1 HD11 sing N N 187 
LEU CD1 HD12 sing N N 188 
LEU CD1 HD13 sing N N 189 
LEU CD2 HD21 sing N N 190 
LEU CD2 HD22 sing N N 191 
LEU CD2 HD23 sing N N 192 
LEU OXT HXT  sing N N 193 
LYS N   CA   sing N N 194 
LYS N   H    sing N N 195 
LYS N   H2   sing N N 196 
LYS CA  C    sing N N 197 
LYS CA  CB   sing N N 198 
LYS CA  HA   sing N N 199 
LYS C   O    doub N N 200 
LYS C   OXT  sing N N 201 
LYS CB  CG   sing N N 202 
LYS CB  HB2  sing N N 203 
LYS CB  HB3  sing N N 204 
LYS CG  CD   sing N N 205 
LYS CG  HG2  sing N N 206 
LYS CG  HG3  sing N N 207 
LYS CD  CE   sing N N 208 
LYS CD  HD2  sing N N 209 
LYS CD  HD3  sing N N 210 
LYS CE  NZ   sing N N 211 
LYS CE  HE2  sing N N 212 
LYS CE  HE3  sing N N 213 
LYS NZ  HZ1  sing N N 214 
LYS NZ  HZ2  sing N N 215 
LYS NZ  HZ3  sing N N 216 
LYS OXT HXT  sing N N 217 
MET N   CA   sing N N 218 
MET N   H    sing N N 219 
MET N   H2   sing N N 220 
MET CA  C    sing N N 221 
MET CA  CB   sing N N 222 
MET CA  HA   sing N N 223 
MET C   O    doub N N 224 
MET C   OXT  sing N N 225 
MET CB  CG   sing N N 226 
MET CB  HB2  sing N N 227 
MET CB  HB3  sing N N 228 
MET CG  SD   sing N N 229 
MET CG  HG2  sing N N 230 
MET CG  HG3  sing N N 231 
MET SD  CE   sing N N 232 
MET CE  HE1  sing N N 233 
MET CE  HE2  sing N N 234 
MET CE  HE3  sing N N 235 
MET OXT HXT  sing N N 236 
PHE N   CA   sing N N 237 
PHE N   H    sing N N 238 
PHE N   H2   sing N N 239 
PHE CA  C    sing N N 240 
PHE CA  CB   sing N N 241 
PHE CA  HA   sing N N 242 
PHE C   O    doub N N 243 
PHE C   OXT  sing N N 244 
PHE CB  CG   sing N N 245 
PHE CB  HB2  sing N N 246 
PHE CB  HB3  sing N N 247 
PHE CG  CD1  doub Y N 248 
PHE CG  CD2  sing Y N 249 
PHE CD1 CE1  sing Y N 250 
PHE CD1 HD1  sing N N 251 
PHE CD2 CE2  doub Y N 252 
PHE CD2 HD2  sing N N 253 
PHE CE1 CZ   doub Y N 254 
PHE CE1 HE1  sing N N 255 
PHE CE2 CZ   sing Y N 256 
PHE CE2 HE2  sing N N 257 
PHE CZ  HZ   sing N N 258 
PHE OXT HXT  sing N N 259 
PRO N   CA   sing N N 260 
PRO N   CD   sing N N 261 
PRO N   H    sing N N 262 
PRO CA  C    sing N N 263 
PRO CA  CB   sing N N 264 
PRO CA  HA   sing N N 265 
PRO C   O    doub N N 266 
PRO C   OXT  sing N N 267 
PRO CB  CG   sing N N 268 
PRO CB  HB2  sing N N 269 
PRO CB  HB3  sing N N 270 
PRO CG  CD   sing N N 271 
PRO CG  HG2  sing N N 272 
PRO CG  HG3  sing N N 273 
PRO CD  HD2  sing N N 274 
PRO CD  HD3  sing N N 275 
PRO OXT HXT  sing N N 276 
SER N   CA   sing N N 277 
SER N   H    sing N N 278 
SER N   H2   sing N N 279 
SER CA  C    sing N N 280 
SER CA  CB   sing N N 281 
SER CA  HA   sing N N 282 
SER C   O    doub N N 283 
SER C   OXT  sing N N 284 
SER CB  OG   sing N N 285 
SER CB  HB2  sing N N 286 
SER CB  HB3  sing N N 287 
SER OG  HG   sing N N 288 
SER OXT HXT  sing N N 289 
THR N   CA   sing N N 290 
THR N   H    sing N N 291 
THR N   H2   sing N N 292 
THR CA  C    sing N N 293 
THR CA  CB   sing N N 294 
THR CA  HA   sing N N 295 
THR C   O    doub N N 296 
THR C   OXT  sing N N 297 
THR CB  OG1  sing N N 298 
THR CB  CG2  sing N N 299 
THR CB  HB   sing N N 300 
THR OG1 HG1  sing N N 301 
THR CG2 HG21 sing N N 302 
THR CG2 HG22 sing N N 303 
THR CG2 HG23 sing N N 304 
THR OXT HXT  sing N N 305 
TRP N   CA   sing N N 306 
TRP N   H    sing N N 307 
TRP N   H2   sing N N 308 
TRP CA  C    sing N N 309 
TRP CA  CB   sing N N 310 
TRP CA  HA   sing N N 311 
TRP C   O    doub N N 312 
TRP C   OXT  sing N N 313 
TRP CB  CG   sing N N 314 
TRP CB  HB2  sing N N 315 
TRP CB  HB3  sing N N 316 
TRP CG  CD1  doub Y N 317 
TRP CG  CD2  sing Y N 318 
TRP CD1 NE1  sing Y N 319 
TRP CD1 HD1  sing N N 320 
TRP CD2 CE2  doub Y N 321 
TRP CD2 CE3  sing Y N 322 
TRP NE1 CE2  sing Y N 323 
TRP NE1 HE1  sing N N 324 
TRP CE2 CZ2  sing Y N 325 
TRP CE3 CZ3  doub Y N 326 
TRP CE3 HE3  sing N N 327 
TRP CZ2 CH2  doub Y N 328 
TRP CZ2 HZ2  sing N N 329 
TRP CZ3 CH2  sing Y N 330 
TRP CZ3 HZ3  sing N N 331 
TRP CH2 HH2  sing N N 332 
TRP OXT HXT  sing N N 333 
TYR N   CA   sing N N 334 
TYR N   H    sing N N 335 
TYR N   H2   sing N N 336 
TYR CA  C    sing N N 337 
TYR CA  CB   sing N N 338 
TYR CA  HA   sing N N 339 
TYR C   O    doub N N 340 
TYR C   OXT  sing N N 341 
TYR CB  CG   sing N N 342 
TYR CB  HB2  sing N N 343 
TYR CB  HB3  sing N N 344 
TYR CG  CD1  doub Y N 345 
TYR CG  CD2  sing Y N 346 
TYR CD1 CE1  sing Y N 347 
TYR CD1 HD1  sing N N 348 
TYR CD2 CE2  doub Y N 349 
TYR CD2 HD2  sing N N 350 
TYR CE1 CZ   doub Y N 351 
TYR CE1 HE1  sing N N 352 
TYR CE2 CZ   sing Y N 353 
TYR CE2 HE2  sing N N 354 
TYR CZ  OH   sing N N 355 
TYR OH  HH   sing N N 356 
TYR OXT HXT  sing N N 357 
VAL N   CA   sing N N 358 
VAL N   H    sing N N 359 
VAL N   H2   sing N N 360 
VAL CA  C    sing N N 361 
VAL CA  CB   sing N N 362 
VAL CA  HA   sing N N 363 
VAL C   O    doub N N 364 
VAL C   OXT  sing N N 365 
VAL CB  CG1  sing N N 366 
VAL CB  CG2  sing N N 367 
VAL CB  HB   sing N N 368 
VAL CG1 HG11 sing N N 369 
VAL CG1 HG12 sing N N 370 
VAL CG1 HG13 sing N N 371 
VAL CG2 HG21 sing N N 372 
VAL CG2 HG22 sing N N 373 
VAL CG2 HG23 sing N N 374 
VAL OXT HXT  sing N N 375 
# 
_pdbx_entity_nonpoly.entity_id   2 
_pdbx_entity_nonpoly.name        water 
_pdbx_entity_nonpoly.comp_id     HOH 
# 
_pdbx_initial_refinement_model.id               1 
_pdbx_initial_refinement_model.entity_id_list   ? 
_pdbx_initial_refinement_model.type             'experimental model' 
_pdbx_initial_refinement_model.source_name      PDB 
_pdbx_initial_refinement_model.accession_code   2OVJ 
_pdbx_initial_refinement_model.details          ? 
# 
